data_5QGW
# 
_entry.id   5QGW 
# 
_audit_conform.dict_name       mmcif_pdbx.dic 
_audit_conform.dict_version    5.381 
_audit_conform.dict_location   http://mmcif.pdb.org/dictionaries/ascii/mmcif_pdbx.dic 
# 
loop_
_database_2.database_id 
_database_2.database_code 
_database_2.pdbx_database_accession 
_database_2.pdbx_DOI 
PDB   5QGW         pdb_00005qgw 10.2210/pdb5qgw/pdb 
WWPDB D_1001401933 ?            ?                   
# 
_pdbx_database_status.entry_id                        5QGW 
_pdbx_database_status.status_code                     REL 
_pdbx_database_status.status_code_sf                  REL 
_pdbx_database_status.status_code_mr                  ? 
_pdbx_database_status.status_code_cs                  ? 
_pdbx_database_status.recvd_initial_deposition_date   2018-05-15 
_pdbx_database_status.deposit_site                    RCSB 
_pdbx_database_status.process_site                    RCSB 
_pdbx_database_status.SG_entry                        ? 
_pdbx_database_status.pdb_format_compatible           Y 
_pdbx_database_status.methods_development_category    ? 
_pdbx_database_status.status_code_nmr_data            ? 
# 
loop_
_audit_author.name 
_audit_author.pdbx_ordinal 
_audit_author.identifier_ORCID 
'Krojer, T.'         1  ? 
'Talon, R.'          2  ? 
'Fairhead, M.'       3  ? 
'Diaz Saez, L.'      4  ? 
'Bradley, A.R.'      5  ? 
'Aimon, A.'          6  ? 
'Collins, P.'        7  ? 
'Brandao-Neto, J.'   8  ? 
'Douangamath, A.'    9  ? 
'Ruda, G.F.'         10 ? 
'Szommer, T.'        11 ? 
'Srikannathasan, V.' 12 ? 
'Elkins, J.'         13 ? 
'Spencer, J.'        14 ? 
'London, N.'         15 ? 
'Nelson, A.'         16 ? 
'Brennan, P.E.'      17 ? 
'Huber, K.'          18 ? 
'Bountra, C.'        19 ? 
'Arrowsmith, C.H.'   20 ? 
'Edwards, A.'        21 ? 
'von Delft, F.'      22 ? 
# 
_citation.id                        primary 
_citation.title                     'PanDDA analysis group deposition of models with modelled events (e.g. bound ligands)' 
_citation.journal_abbrev            'To Be Published' 
_citation.journal_volume            ? 
_citation.page_first                ? 
_citation.page_last                 ? 
_citation.year                      ? 
_citation.journal_id_ASTM           ? 
_citation.country                   ? 
_citation.journal_id_ISSN           ? 
_citation.journal_id_CSD            0353 
_citation.book_publisher            ? 
_citation.pdbx_database_id_PubMed   ? 
_citation.pdbx_database_id_DOI      ? 
# 
loop_
_citation_author.citation_id 
_citation_author.name 
_citation_author.identifier_ORCID 
_citation_author.ordinal 
primary 'Krojer, T.'         ? 1  
primary 'Talon, R.'          ? 2  
primary 'Fairhead, M.'       ? 3  
primary 'Diaz Saez, L.'      ? 4  
primary 'Bradley, A.R.'      ? 5  
primary 'Aimon, A.'          ? 6  
primary 'Collins, P.'        ? 7  
primary 'Brandao-Neto, J.'   ? 8  
primary 'Douangamath, A.'    ? 9  
primary 'Ruda, G.F.'         ? 10 
primary 'Szommer, T.'        ? 11 
primary 'Srikannathasan, V.' ? 12 
primary 'Elkins, J.'         ? 13 
primary 'Spencer, J.'        ? 14 
primary 'London, N.'         ? 15 
primary 'Nelson, A.'         ? 16 
primary 'Brennan, P.E.'      ? 17 
primary 'Huber, K.'          ? 18 
primary 'Bountra, C.'        ? 19 
primary 'Arrowsmith, C.H.'   ? 20 
primary 'Edwards, A.'        ? 21 
primary 'von Delft, F.'      ? 22 
# 
_cell.entry_id           5QGW 
_cell.length_a           123.577 
_cell.length_b           123.577 
_cell.length_c           40.782 
_cell.angle_alpha        90.000 
_cell.angle_beta         90.000 
_cell.angle_gamma        120.000 
_cell.Z_PDB              6 
_cell.pdbx_unique_axis   ? 
# 
_symmetry.entry_id                         5QGW 
_symmetry.space_group_name_H-M             'P 3 2 1' 
_symmetry.pdbx_full_space_group_name_H-M   ? 
_symmetry.cell_setting                     ? 
_symmetry.Int_Tables_number                150 
# 
loop_
_entity.id 
_entity.type 
_entity.src_method 
_entity.pdbx_description 
_entity.formula_weight 
_entity.pdbx_number_of_molecules 
_entity.pdbx_ec 
_entity.pdbx_mutation 
_entity.pdbx_fragment 
_entity.details 
1 polymer     man 'Peroxisomal coenzyme A diphosphatase NUDT7'    22197.600 1   3.6.1.- ? ? ? 
2 non-polymer syn 'ACETATE ION'                                   59.044    2   ?       ? ? ? 
3 non-polymer syn 'DIMETHYL SULFOXIDE'                            78.133    2   ?       ? ? ? 
4 non-polymer syn '2-(4-methoxyphenyl)-N-(pyridin-3-yl)acetamide' 242.273   1   ?       ? ? ? 
5 water       nat water                                           18.015    156 ?       ? ? ? 
# 
_entity_name_com.entity_id   1 
_entity_name_com.name        'Nucleoside diphosphate-linked moiety X motif 7,Nudix motif 7' 
# 
_entity_poly.entity_id                      1 
_entity_poly.type                           'polypeptide(L)' 
_entity_poly.nstd_linkage                   no 
_entity_poly.nstd_monomer                   yes 
_entity_poly.pdbx_seq_one_letter_code       
;SMLDDAKARLRKYDIGGKYSHLPYNKYSVLLPLVAKEGKLHLLFTVRSEKLRRAPGEVCFPGGKRDPTDMDDAATALREA
QEEVGLR(HYP)HQVEVV(CSO)CLVPCLIDTDTLITPFVGLIDHNFQAQPNPAEVKDVFLVPLAYFLHPQVHDQHYVTR
LGHRFINHIFEYTNPEDGVTYQIKGMTANLAVLVAFIILEKKPT
;
_entity_poly.pdbx_seq_one_letter_code_can   
;SMLDDAKARLRKYDIGGKYSHLPYNKYSVLLPLVAKEGKLHLLFTVRSEKLRRAPGEVCFPGGKRDPTDMDDAATALREA
QEEVGLRPHQVEVVCCLVPCLIDTDTLITPFVGLIDHNFQAQPNPAEVKDVFLVPLAYFLHPQVHDQHYVTRLGHRFINH
IFEYTNPEDGVTYQIKGMTANLAVLVAFIILEKKPT
;
_entity_poly.pdbx_strand_id                 A 
_entity_poly.pdbx_target_identifier         ? 
# 
loop_
_entity_poly_seq.entity_id 
_entity_poly_seq.num 
_entity_poly_seq.mon_id 
_entity_poly_seq.hetero 
1 1   SER n 
1 2   MET n 
1 3   LEU n 
1 4   ASP n 
1 5   ASP n 
1 6   ALA n 
1 7   LYS n 
1 8   ALA n 
1 9   ARG n 
1 10  LEU n 
1 11  ARG n 
1 12  LYS n 
1 13  TYR n 
1 14  ASP n 
1 15  ILE n 
1 16  GLY n 
1 17  GLY n 
1 18  LYS n 
1 19  TYR n 
1 20  SER n 
1 21  HIS n 
1 22  LEU n 
1 23  PRO n 
1 24  TYR n 
1 25  ASN n 
1 26  LYS n 
1 27  TYR n 
1 28  SER n 
1 29  VAL n 
1 30  LEU n 
1 31  LEU n 
1 32  PRO n 
1 33  LEU n 
1 34  VAL n 
1 35  ALA n 
1 36  LYS n 
1 37  GLU n 
1 38  GLY n 
1 39  LYS n 
1 40  LEU n 
1 41  HIS n 
1 42  LEU n 
1 43  LEU n 
1 44  PHE n 
1 45  THR n 
1 46  VAL n 
1 47  ARG n 
1 48  SER n 
1 49  GLU n 
1 50  LYS n 
1 51  LEU n 
1 52  ARG n 
1 53  ARG n 
1 54  ALA n 
1 55  PRO n 
1 56  GLY n 
1 57  GLU n 
1 58  VAL n 
1 59  CYS n 
1 60  PHE n 
1 61  PRO n 
1 62  GLY n 
1 63  GLY n 
1 64  LYS n 
1 65  ARG n 
1 66  ASP n 
1 67  PRO n 
1 68  THR n 
1 69  ASP n 
1 70  MET n 
1 71  ASP n 
1 72  ASP n 
1 73  ALA n 
1 74  ALA n 
1 75  THR n 
1 76  ALA n 
1 77  LEU n 
1 78  ARG n 
1 79  GLU n 
1 80  ALA n 
1 81  GLN n 
1 82  GLU n 
1 83  GLU n 
1 84  VAL n 
1 85  GLY n 
1 86  LEU n 
1 87  ARG n 
1 88  HYP n 
1 89  HIS n 
1 90  GLN n 
1 91  VAL n 
1 92  GLU n 
1 93  VAL n 
1 94  VAL n 
1 95  CSO n 
1 96  CYS n 
1 97  LEU n 
1 98  VAL n 
1 99  PRO n 
1 100 CYS n 
1 101 LEU n 
1 102 ILE n 
1 103 ASP n 
1 104 THR n 
1 105 ASP n 
1 106 THR n 
1 107 LEU n 
1 108 ILE n 
1 109 THR n 
1 110 PRO n 
1 111 PHE n 
1 112 VAL n 
1 113 GLY n 
1 114 LEU n 
1 115 ILE n 
1 116 ASP n 
1 117 HIS n 
1 118 ASN n 
1 119 PHE n 
1 120 GLN n 
1 121 ALA n 
1 122 GLN n 
1 123 PRO n 
1 124 ASN n 
1 125 PRO n 
1 126 ALA n 
1 127 GLU n 
1 128 VAL n 
1 129 LYS n 
1 130 ASP n 
1 131 VAL n 
1 132 PHE n 
1 133 LEU n 
1 134 VAL n 
1 135 PRO n 
1 136 LEU n 
1 137 ALA n 
1 138 TYR n 
1 139 PHE n 
1 140 LEU n 
1 141 HIS n 
1 142 PRO n 
1 143 GLN n 
1 144 VAL n 
1 145 HIS n 
1 146 ASP n 
1 147 GLN n 
1 148 HIS n 
1 149 TYR n 
1 150 VAL n 
1 151 THR n 
1 152 ARG n 
1 153 LEU n 
1 154 GLY n 
1 155 HIS n 
1 156 ARG n 
1 157 PHE n 
1 158 ILE n 
1 159 ASN n 
1 160 HIS n 
1 161 ILE n 
1 162 PHE n 
1 163 GLU n 
1 164 TYR n 
1 165 THR n 
1 166 ASN n 
1 167 PRO n 
1 168 GLU n 
1 169 ASP n 
1 170 GLY n 
1 171 VAL n 
1 172 THR n 
1 173 TYR n 
1 174 GLN n 
1 175 ILE n 
1 176 LYS n 
1 177 GLY n 
1 178 MET n 
1 179 THR n 
1 180 ALA n 
1 181 ASN n 
1 182 LEU n 
1 183 ALA n 
1 184 VAL n 
1 185 LEU n 
1 186 VAL n 
1 187 ALA n 
1 188 PHE n 
1 189 ILE n 
1 190 ILE n 
1 191 LEU n 
1 192 GLU n 
1 193 LYS n 
1 194 LYS n 
1 195 PRO n 
1 196 THR n 
# 
_entity_src_gen.entity_id                          1 
_entity_src_gen.pdbx_src_id                        1 
_entity_src_gen.pdbx_alt_source_flag               sample 
_entity_src_gen.pdbx_seq_type                      'Biological sequence' 
_entity_src_gen.pdbx_beg_seq_num                   1 
_entity_src_gen.pdbx_end_seq_num                   196 
_entity_src_gen.gene_src_common_name               Human 
_entity_src_gen.gene_src_genus                     ? 
_entity_src_gen.pdbx_gene_src_gene                 NUDT7 
_entity_src_gen.gene_src_species                   ? 
_entity_src_gen.gene_src_strain                    ? 
_entity_src_gen.gene_src_tissue                    ? 
_entity_src_gen.gene_src_tissue_fraction           ? 
_entity_src_gen.gene_src_details                   ? 
_entity_src_gen.pdbx_gene_src_fragment             ? 
_entity_src_gen.pdbx_gene_src_scientific_name      'Homo sapiens' 
_entity_src_gen.pdbx_gene_src_ncbi_taxonomy_id     9606 
_entity_src_gen.pdbx_gene_src_variant              ? 
_entity_src_gen.pdbx_gene_src_cell_line            ? 
_entity_src_gen.pdbx_gene_src_atcc                 ? 
_entity_src_gen.pdbx_gene_src_organ                ? 
_entity_src_gen.pdbx_gene_src_organelle            ? 
_entity_src_gen.pdbx_gene_src_cell                 ? 
_entity_src_gen.pdbx_gene_src_cellular_location    ? 
_entity_src_gen.host_org_common_name               ? 
_entity_src_gen.pdbx_host_org_scientific_name      'Escherichia coli' 
_entity_src_gen.pdbx_host_org_ncbi_taxonomy_id     562 
_entity_src_gen.host_org_genus                     ? 
_entity_src_gen.pdbx_host_org_gene                 ? 
_entity_src_gen.pdbx_host_org_organ                ? 
_entity_src_gen.host_org_species                   ? 
_entity_src_gen.pdbx_host_org_tissue               ? 
_entity_src_gen.pdbx_host_org_tissue_fraction      ? 
_entity_src_gen.pdbx_host_org_strain               ? 
_entity_src_gen.pdbx_host_org_variant              ? 
_entity_src_gen.pdbx_host_org_cell_line            ? 
_entity_src_gen.pdbx_host_org_atcc                 ? 
_entity_src_gen.pdbx_host_org_culture_collection   ? 
_entity_src_gen.pdbx_host_org_cell                 ? 
_entity_src_gen.pdbx_host_org_organelle            ? 
_entity_src_gen.pdbx_host_org_cellular_location    ? 
_entity_src_gen.pdbx_host_org_vector_type          ? 
_entity_src_gen.pdbx_host_org_vector               ? 
_entity_src_gen.host_org_details                   ? 
_entity_src_gen.expression_system_id               ? 
_entity_src_gen.plasmid_name                       ? 
_entity_src_gen.plasmid_details                    ? 
_entity_src_gen.pdbx_description                   ? 
# 
_struct_ref.id                         1 
_struct_ref.db_name                    UNP 
_struct_ref.db_code                    NUDT7_HUMAN 
_struct_ref.pdbx_db_accession          P0C024 
_struct_ref.pdbx_db_isoform            ? 
_struct_ref.entity_id                  1 
_struct_ref.pdbx_seq_one_letter_code   
;SLLDDAKARLRKYDIGGKYSHLPYNKYSVLLPLVAKEGKLHLLFTVRSEKLRRAPGEVCFPGGKRDPTDMDDAATALREA
QEEVGLRPHQVEVVCCLVPCLIDTDTLITPFVGLIDHNFQAQPNPAEVKDVFLVPLAYFLHPQVHDQHYVTRLGHRFINH
IFEYTNPEDGVTYQIKGMTANLAVLVAFIILEKKPT
;
_struct_ref.pdbx_align_begin           14 
# 
_struct_ref_seq.align_id                      1 
_struct_ref_seq.ref_id                        1 
_struct_ref_seq.pdbx_PDB_id_code              5QGW 
_struct_ref_seq.pdbx_strand_id                A 
_struct_ref_seq.seq_align_beg                 1 
_struct_ref_seq.pdbx_seq_align_beg_ins_code   ? 
_struct_ref_seq.seq_align_end                 196 
_struct_ref_seq.pdbx_seq_align_end_ins_code   ? 
_struct_ref_seq.pdbx_db_accession             P0C024 
_struct_ref_seq.db_align_beg                  14 
_struct_ref_seq.pdbx_db_align_beg_ins_code    ? 
_struct_ref_seq.db_align_end                  209 
_struct_ref_seq.pdbx_db_align_end_ins_code    ? 
_struct_ref_seq.pdbx_auth_seq_align_beg       15 
_struct_ref_seq.pdbx_auth_seq_align_end       210 
# 
_struct_ref_seq_dif.align_id                     1 
_struct_ref_seq_dif.pdbx_pdb_id_code             5QGW 
_struct_ref_seq_dif.mon_id                       MET 
_struct_ref_seq_dif.pdbx_pdb_strand_id           A 
_struct_ref_seq_dif.seq_num                      2 
_struct_ref_seq_dif.pdbx_pdb_ins_code            ? 
_struct_ref_seq_dif.pdbx_seq_db_name             UNP 
_struct_ref_seq_dif.pdbx_seq_db_accession_code   P0C024 
_struct_ref_seq_dif.db_mon_id                    LEU 
_struct_ref_seq_dif.pdbx_seq_db_seq_num          15 
_struct_ref_seq_dif.details                      conflict 
_struct_ref_seq_dif.pdbx_auth_seq_num            16 
_struct_ref_seq_dif.pdbx_ordinal                 1 
# 
loop_
_chem_comp.id 
_chem_comp.type 
_chem_comp.mon_nstd_flag 
_chem_comp.name 
_chem_comp.pdbx_synonyms 
_chem_comp.formula 
_chem_comp.formula_weight 
ACT non-polymer         . 'ACETATE ION'                                   ?              'C2 H3 O2 -1'    59.044  
ALA 'L-peptide linking' y ALANINE                                         ?              'C3 H7 N O2'     89.093  
ARG 'L-peptide linking' y ARGININE                                        ?              'C6 H15 N4 O2 1' 175.209 
ASN 'L-peptide linking' y ASPARAGINE                                      ?              'C4 H8 N2 O3'    132.118 
ASP 'L-peptide linking' y 'ASPARTIC ACID'                                 ?              'C4 H7 N O4'     133.103 
CSO 'L-peptide linking' n S-HYDROXYCYSTEINE                               ?              'C3 H7 N O3 S'   137.158 
CYS 'L-peptide linking' y CYSTEINE                                        ?              'C3 H7 N O2 S'   121.158 
DMS non-polymer         . 'DIMETHYL SULFOXIDE'                            ?              'C2 H6 O S'      78.133  
GLN 'L-peptide linking' y GLUTAMINE                                       ?              'C5 H10 N2 O3'   146.144 
GLU 'L-peptide linking' y 'GLUTAMIC ACID'                                 ?              'C5 H9 N O4'     147.129 
GLY 'peptide linking'   y GLYCINE                                         ?              'C2 H5 N O2'     75.067  
H2Y non-polymer         . '2-(4-methoxyphenyl)-N-(pyridin-3-yl)acetamide' ?              'C14 H14 N2 O2'  242.273 
HIS 'L-peptide linking' y HISTIDINE                                       ?              'C6 H10 N3 O2 1' 156.162 
HOH non-polymer         . WATER                                           ?              'H2 O'           18.015  
HYP 'L-peptide linking' n 4-HYDROXYPROLINE                                HYDROXYPROLINE 'C5 H9 N O3'     131.130 
ILE 'L-peptide linking' y ISOLEUCINE                                      ?              'C6 H13 N O2'    131.173 
LEU 'L-peptide linking' y LEUCINE                                         ?              'C6 H13 N O2'    131.173 
LYS 'L-peptide linking' y LYSINE                                          ?              'C6 H15 N2 O2 1' 147.195 
MET 'L-peptide linking' y METHIONINE                                      ?              'C5 H11 N O2 S'  149.211 
PHE 'L-peptide linking' y PHENYLALANINE                                   ?              'C9 H11 N O2'    165.189 
PRO 'L-peptide linking' y PROLINE                                         ?              'C5 H9 N O2'     115.130 
SER 'L-peptide linking' y SERINE                                          ?              'C3 H7 N O3'     105.093 
THR 'L-peptide linking' y THREONINE                                       ?              'C4 H9 N O3'     119.119 
TYR 'L-peptide linking' y TYROSINE                                        ?              'C9 H11 N O3'    181.189 
VAL 'L-peptide linking' y VALINE                                          ?              'C5 H11 N O2'    117.146 
# 
_exptl.crystals_number   1 
_exptl.entry_id          5QGW 
_exptl.method            'X-RAY DIFFRACTION' 
# 
_exptl_crystal.id                    1 
_exptl_crystal.pdbx_mosaicity        0.090 
_exptl_crystal.pdbx_mosaicity_esd    ? 
_exptl_crystal.density_Matthews      4.30 
_exptl_crystal.density_diffrn        ? 
_exptl_crystal.density_meas          ? 
_exptl_crystal.density_meas_temp     ? 
_exptl_crystal.density_percent_sol   71.37 
_exptl_crystal.size_max              ? 
_exptl_crystal.size_mid              ? 
_exptl_crystal.size_min              ? 
_exptl_crystal.size_rad              ? 
_exptl_crystal.description           ? 
# 
_exptl_crystal_grow.crystal_id      1 
_exptl_crystal_grow.method          'VAPOR DIFFUSION, SITTING DROP' 
_exptl_crystal_grow.pH              5.5 
_exptl_crystal_grow.temp            293 
_exptl_crystal_grow.pdbx_details    '0.1M bis-tris pH 5.5 -- 0.1M ammonium acetate -- 5%(w/v) PEG10K' 
_exptl_crystal_grow.temp_details    ? 
_exptl_crystal_grow.pdbx_pH_range   ? 
# 
_diffrn.id                     1 
_diffrn.ambient_temp           100 
_diffrn.crystal_id             1 
_diffrn.ambient_temp_details   ? 
# 
_diffrn_detector.detector               PIXEL 
_diffrn_detector.type                   'DECTRIS PILATUS 6M' 
_diffrn_detector.pdbx_collection_date   2017-05-11 
_diffrn_detector.diffrn_id              1 
_diffrn_detector.details                ? 
# 
_diffrn_radiation.diffrn_id                        1 
_diffrn_radiation.wavelength_id                    1 
_diffrn_radiation.pdbx_diffrn_protocol             'SINGLE WAVELENGTH' 
_diffrn_radiation.pdbx_monochromatic_or_laue_m_l   ? 
_diffrn_radiation.monochromator                    ? 
_diffrn_radiation.pdbx_scattering_type             x-ray 
# 
_diffrn_radiation_wavelength.id           1 
_diffrn_radiation_wavelength.wavelength   0.91587 
_diffrn_radiation_wavelength.wt           1.0 
# 
_diffrn_source.diffrn_id                   1 
_diffrn_source.source                      SYNCHROTRON 
_diffrn_source.type                        'DIAMOND BEAMLINE I04-1' 
_diffrn_source.pdbx_wavelength_list        0.91587 
_diffrn_source.pdbx_synchrotron_site       Diamond 
_diffrn_source.pdbx_synchrotron_beamline   I04-1 
_diffrn_source.pdbx_wavelength             ? 
# 
_reflns.entry_id                     5QGW 
_reflns.pdbx_diffrn_id               1 
_reflns.pdbx_ordinal                 1 
_reflns.observed_criterion_sigma_I   ? 
_reflns.observed_criterion_sigma_F   ? 
_reflns.d_resolution_low             29.680 
_reflns.d_resolution_high            1.940 
_reflns.number_obs                   26759 
_reflns.number_all                   ? 
_reflns.percent_possible_obs         99.900 
_reflns.pdbx_Rmerge_I_obs            0.070 
_reflns.pdbx_Rsym_value              ? 
_reflns.pdbx_netI_over_sigmaI        22.500 
_reflns.B_iso_Wilson_estimate        ? 
_reflns.pdbx_redundancy              11.300 
_reflns.pdbx_Rrim_I_all              0.073 
_reflns.pdbx_Rpim_I_all              0.022 
_reflns.pdbx_CC_half                 0.999 
_reflns.pdbx_netI_over_av_sigmaI     ? 
_reflns.pdbx_number_measured_all     301711 
_reflns.pdbx_scaling_rejects         0 
_reflns.pdbx_chi_squared             ? 
_reflns.Rmerge_F_all                 ? 
_reflns.Rmerge_F_obs                 ? 
_reflns.observed_criterion_F_max     ? 
_reflns.observed_criterion_F_min     ? 
_reflns.observed_criterion_I_max     ? 
_reflns.observed_criterion_I_min     ? 
_reflns.pdbx_d_res_high_opt          ? 
_reflns.pdbx_d_res_low_opt           ? 
_reflns.details                      ? 
# 
loop_
_reflns_shell.pdbx_diffrn_id 
_reflns_shell.pdbx_ordinal 
_reflns_shell.d_res_high 
_reflns_shell.d_res_low 
_reflns_shell.number_measured_obs 
_reflns_shell.number_measured_all 
_reflns_shell.number_unique_obs 
_reflns_shell.pdbx_rejects 
_reflns_shell.Rmerge_I_obs 
_reflns_shell.meanI_over_sigI_obs 
_reflns_shell.pdbx_Rsym_value 
_reflns_shell.pdbx_chi_squared 
_reflns_shell.pdbx_redundancy 
_reflns_shell.percent_possible_obs 
_reflns_shell.pdbx_netI_over_sigmaI_obs 
_reflns_shell.number_possible 
_reflns_shell.number_unique_all 
_reflns_shell.Rmerge_F_all 
_reflns_shell.Rmerge_F_obs 
_reflns_shell.Rmerge_I_all 
_reflns_shell.meanI_over_sigI_all 
_reflns_shell.percent_possible_all 
_reflns_shell.pdbx_Rrim_I_all 
_reflns_shell.pdbx_Rpim_I_all 
_reflns_shell.pdbx_CC_half 
1 1 1.940 1.990  ? 21418 ? ? 0.859 ? ? ? 11.100 ? 2.700  ? 1926 ? ? ? ? 99.400 0.900 0.267 0.867 
1 2 8.670 29.680 ? 3554  ? ? 0.025 ? ? ? 11.000 ? 85.000 ? 324  ? ? ? ? 97.600 0.027 0.008 0.999 
# 
_refine.entry_id                                 5QGW 
_refine.pdbx_refine_id                           'X-RAY DIFFRACTION' 
_refine.ls_d_res_high                            1.9400 
_refine.ls_d_res_low                             107.2500 
_refine.pdbx_ls_sigma_F                          0.000 
_refine.pdbx_data_cutoff_high_absF               ? 
_refine.pdbx_data_cutoff_low_absF                ? 
_refine.ls_percent_reflns_obs                    99.9000 
_refine.ls_number_reflns_obs                     25336 
_refine.ls_number_reflns_all                     ? 
_refine.pdbx_ls_cross_valid_method               THROUGHOUT 
_refine.ls_matrix_type                           ? 
_refine.pdbx_R_Free_selection_details            RANDOM 
_refine.details                                  
'HYDROGENS HAVE BEEN ADDED IN THE RIDING POSITIONS U VALUES      : REFINED INDIVIDUALLY' 
_refine.ls_R_factor_all                          ? 
_refine.ls_R_factor_obs                          0.1879 
_refine.ls_R_factor_R_work                       0.1868 
_refine.ls_wR_factor_R_work                      ? 
_refine.ls_R_factor_R_free                       0.2077 
_refine.ls_wR_factor_R_free                      ? 
_refine.ls_percent_reflns_R_free                 5.3000 
_refine.ls_number_reflns_R_free                  1422 
_refine.ls_number_reflns_R_work                  ? 
_refine.ls_R_factor_R_free_error                 ? 
_refine.B_iso_mean                               38.9610 
_refine.solvent_model_param_bsol                 ? 
_refine.solvent_model_param_ksol                 ? 
_refine.pdbx_isotropic_thermal_model             ? 
_refine.aniso_B[1][1]                            0.4600 
_refine.aniso_B[2][2]                            0.4600 
_refine.aniso_B[3][3]                            -1.5000 
_refine.aniso_B[1][2]                            0.2300 
_refine.aniso_B[1][3]                            0.0000 
_refine.aniso_B[2][3]                            -0.0000 
_refine.correlation_coeff_Fo_to_Fc               0.9590 
_refine.correlation_coeff_Fo_to_Fc_free          0.9550 
_refine.overall_SU_R_Cruickshank_DPI             ? 
_refine.pdbx_overall_SU_R_free_Cruickshank_DPI   ? 
_refine.pdbx_overall_SU_R_Blow_DPI               ? 
_refine.pdbx_overall_SU_R_free_Blow_DPI          ? 
_refine.overall_SU_R_free                        ? 
_refine.pdbx_overall_ESU_R                       0.1100 
_refine.pdbx_overall_ESU_R_Free                  0.1050 
_refine.overall_SU_ML                            0.0800 
_refine.overall_SU_B                             2.8430 
_refine.solvent_model_details                    MASK 
_refine.pdbx_solvent_vdw_probe_radii             1.2000 
_refine.pdbx_solvent_ion_probe_radii             0.8000 
_refine.pdbx_solvent_shrinkage_radii             0.8000 
_refine.ls_number_parameters                     ? 
_refine.ls_number_restraints                     ? 
_refine.pdbx_starting_model                      5T3P 
_refine.pdbx_method_to_determine_struct          'FOURIER SYNTHESIS' 
_refine.pdbx_stereochemistry_target_values       'MAXIMUM LIKELIHOOD' 
_refine.pdbx_stereochem_target_val_spec_case     ? 
_refine.overall_FOM_work_R_set                   ? 
_refine.B_iso_max                                115.790 
_refine.B_iso_min                                18.890 
_refine.pdbx_overall_phase_error                 ? 
_refine.occupancy_max                            ? 
_refine.occupancy_min                            ? 
_refine.pdbx_diffrn_id                           1 
_refine.pdbx_TLS_residual_ADP_flag               ? 
_refine.pdbx_ls_sigma_I                          ? 
_refine.pdbx_data_cutoff_high_rms_absF           ? 
_refine.ls_R_factor_R_free_error_details         ? 
# 
_refine_hist.cycle_id                         final 
_refine_hist.pdbx_refine_id                   'X-RAY DIFFRACTION' 
_refine_hist.d_res_high                       1.9400 
_refine_hist.d_res_low                        107.2500 
_refine_hist.pdbx_number_atoms_ligand         34 
_refine_hist.number_atoms_solvent             156 
_refine_hist.number_atoms_total               1657 
_refine_hist.pdbx_number_residues_total       186 
_refine_hist.pdbx_B_iso_mean_ligand           51.63 
_refine_hist.pdbx_B_iso_mean_solvent          48.74 
_refine_hist.pdbx_number_atoms_protein        1467 
_refine_hist.pdbx_number_atoms_nucleic_acid   0 
# 
loop_
_refine_ls_restr.pdbx_refine_id 
_refine_ls_restr.type 
_refine_ls_restr.number 
_refine_ls_restr.dev_ideal 
_refine_ls_restr.dev_ideal_target 
_refine_ls_restr.weight 
_refine_ls_restr.pdbx_restraint_function 
'X-RAY DIFFRACTION' r_bond_refined_d       1551 0.012  0.019  ? ? 
'X-RAY DIFFRACTION' r_bond_other_d         1465 0.002  0.020  ? ? 
'X-RAY DIFFRACTION' r_angle_refined_deg    2106 1.594  1.990  ? ? 
'X-RAY DIFFRACTION' r_angle_other_deg      3397 0.950  2.988  ? ? 
'X-RAY DIFFRACTION' r_dihedral_angle_1_deg 188  5.935  5.000  ? ? 
'X-RAY DIFFRACTION' r_dihedral_angle_2_deg 67   33.580 24.179 ? ? 
'X-RAY DIFFRACTION' r_dihedral_angle_3_deg 254  13.778 15.000 ? ? 
'X-RAY DIFFRACTION' r_dihedral_angle_4_deg 8    17.767 15.000 ? ? 
'X-RAY DIFFRACTION' r_chiral_restr         239  0.098  0.200  ? ? 
'X-RAY DIFFRACTION' r_gen_planes_refined   1704 0.008  0.021  ? ? 
'X-RAY DIFFRACTION' r_gen_planes_other     299  0.002  0.020  ? ? 
'X-RAY DIFFRACTION' r_mcbond_it            754  2.690  3.505  ? ? 
'X-RAY DIFFRACTION' r_mcbond_other         751  2.671  3.492  ? ? 
'X-RAY DIFFRACTION' r_mcangle_it           940  4.009  5.205  ? ? 
# 
_refine_ls_shell.d_res_high                       1.9380 
_refine_ls_shell.d_res_low                        1.9890 
_refine_ls_shell.pdbx_total_number_of_bins_used   20 
_refine_ls_shell.percent_reflns_obs               99.3300 
_refine_ls_shell.number_reflns_R_work             1812 
_refine_ls_shell.R_factor_all                     ? 
_refine_ls_shell.R_factor_R_work                  0.2440 
_refine_ls_shell.R_factor_R_free                  0.2900 
_refine_ls_shell.percent_reflns_R_free            ? 
_refine_ls_shell.number_reflns_R_free             107 
_refine_ls_shell.R_factor_R_free_error            ? 
_refine_ls_shell.number_reflns_all                1919 
_refine_ls_shell.number_reflns_obs                ? 
_refine_ls_shell.pdbx_refine_id                   'X-RAY DIFFRACTION' 
# 
_struct.entry_id                  5QGW 
_struct.title                     
;PanDDA analysis group deposition of models with modelled events (e.g. bound ligands) -- Crystal Structure of NUDT7 in complex with NUOOA000154
;
_struct.pdbx_model_details        ? 
_struct.pdbx_CASP_flag            ? 
_struct.pdbx_model_type_details   ? 
# 
_struct_keywords.entry_id        5QGW 
_struct_keywords.text            'PanDDA, SGC - Diamond I04-1 fragment screening, NUDIX domain, XChemExplorer, HYDROLASE' 
_struct_keywords.pdbx_keywords   HYDROLASE 
# 
loop_
_struct_asym.id 
_struct_asym.pdbx_blank_PDB_chainid_flag 
_struct_asym.pdbx_modified 
_struct_asym.entity_id 
_struct_asym.details 
A N N 1 ? 
B N N 2 ? 
C N N 2 ? 
D N N 3 ? 
E N N 3 ? 
F N N 4 ? 
G N N 5 ? 
# 
loop_
_struct_conf.conf_type_id 
_struct_conf.id 
_struct_conf.pdbx_PDB_helix_id 
_struct_conf.beg_label_comp_id 
_struct_conf.beg_label_asym_id 
_struct_conf.beg_label_seq_id 
_struct_conf.pdbx_beg_PDB_ins_code 
_struct_conf.end_label_comp_id 
_struct_conf.end_label_asym_id 
_struct_conf.end_label_seq_id 
_struct_conf.pdbx_end_PDB_ins_code 
_struct_conf.beg_auth_comp_id 
_struct_conf.beg_auth_asym_id 
_struct_conf.beg_auth_seq_id 
_struct_conf.end_auth_comp_id 
_struct_conf.end_auth_asym_id 
_struct_conf.end_auth_seq_id 
_struct_conf.pdbx_PDB_helix_class 
_struct_conf.details 
_struct_conf.pdbx_PDB_helix_length 
HELX_P HELX_P1 AA1 SER A 1   ? LYS A 12  ? SER A 15  LYS A 26  1 ? 12 
HELX_P HELX_P2 AA2 ASP A 71  ? GLY A 85  ? ASP A 85  GLY A 99  1 ? 15 
HELX_P HELX_P3 AA3 ARG A 87  ? HIS A 89  ? ARG A 101 HIS A 103 5 ? 3  
HELX_P HELX_P4 AA4 ALA A 137 ? HIS A 141 ? ALA A 151 HIS A 155 5 ? 5  
HELX_P HELX_P5 AA5 LYS A 176 ? GLU A 192 ? LYS A 190 GLU A 206 1 ? 17 
# 
_struct_conf_type.id          HELX_P 
_struct_conf_type.criteria    ? 
_struct_conf_type.reference   ? 
# 
loop_
_struct_conn.id 
_struct_conn.conn_type_id 
_struct_conn.pdbx_leaving_atom_flag 
_struct_conn.pdbx_PDB_id 
_struct_conn.ptnr1_label_asym_id 
_struct_conn.ptnr1_label_comp_id 
_struct_conn.ptnr1_label_seq_id 
_struct_conn.ptnr1_label_atom_id 
_struct_conn.pdbx_ptnr1_label_alt_id 
_struct_conn.pdbx_ptnr1_PDB_ins_code 
_struct_conn.pdbx_ptnr1_standard_comp_id 
_struct_conn.ptnr1_symmetry 
_struct_conn.ptnr2_label_asym_id 
_struct_conn.ptnr2_label_comp_id 
_struct_conn.ptnr2_label_seq_id 
_struct_conn.ptnr2_label_atom_id 
_struct_conn.pdbx_ptnr2_label_alt_id 
_struct_conn.pdbx_ptnr2_PDB_ins_code 
_struct_conn.ptnr1_auth_asym_id 
_struct_conn.ptnr1_auth_comp_id 
_struct_conn.ptnr1_auth_seq_id 
_struct_conn.ptnr2_auth_asym_id 
_struct_conn.ptnr2_auth_comp_id 
_struct_conn.ptnr2_auth_seq_id 
_struct_conn.ptnr2_symmetry 
_struct_conn.pdbx_ptnr3_label_atom_id 
_struct_conn.pdbx_ptnr3_label_seq_id 
_struct_conn.pdbx_ptnr3_label_comp_id 
_struct_conn.pdbx_ptnr3_label_asym_id 
_struct_conn.pdbx_ptnr3_label_alt_id 
_struct_conn.pdbx_ptnr3_PDB_ins_code 
_struct_conn.details 
_struct_conn.pdbx_dist_value 
_struct_conn.pdbx_value_order 
_struct_conn.pdbx_role 
covale1 covale both ? A ARG 87 C ? ? ? 1_555 A HYP 88 N ? ? A ARG 101 A HYP 102 1_555 ? ? ? ? ? ? ? 1.346 ? ? 
covale2 covale both ? A HYP 88 C ? ? ? 1_555 A HIS 89 N ? ? A HYP 102 A HIS 103 1_555 ? ? ? ? ? ? ? 1.330 ? ? 
covale3 covale both ? A VAL 94 C ? ? ? 1_555 A CSO 95 N ? ? A VAL 108 A CSO 109 1_555 ? ? ? ? ? ? ? 1.328 ? ? 
covale4 covale both ? A CSO 95 C ? ? ? 1_555 A CYS 96 N ? ? A CSO 109 A CYS 110 1_555 ? ? ? ? ? ? ? 1.318 ? ? 
# 
_struct_conn_type.id          covale 
_struct_conn_type.criteria    ? 
_struct_conn_type.reference   ? 
# 
loop_
_struct_sheet.id 
_struct_sheet.type 
_struct_sheet.number_strands 
_struct_sheet.details 
AA1 ? 4 ? 
AA2 ? 4 ? 
AA3 ? 3 ? 
AA4 ? 3 ? 
# 
loop_
_struct_sheet_order.sheet_id 
_struct_sheet_order.range_id_1 
_struct_sheet_order.range_id_2 
_struct_sheet_order.offset 
_struct_sheet_order.sense 
AA1 1 2 ? anti-parallel 
AA1 2 3 ? parallel      
AA1 3 4 ? anti-parallel 
AA2 1 2 ? anti-parallel 
AA2 2 3 ? parallel      
AA2 3 4 ? anti-parallel 
AA3 1 2 ? anti-parallel 
AA3 2 3 ? anti-parallel 
AA4 1 2 ? anti-parallel 
AA4 2 3 ? anti-parallel 
# 
loop_
_struct_sheet_range.sheet_id 
_struct_sheet_range.id 
_struct_sheet_range.beg_label_comp_id 
_struct_sheet_range.beg_label_asym_id 
_struct_sheet_range.beg_label_seq_id 
_struct_sheet_range.pdbx_beg_PDB_ins_code 
_struct_sheet_range.end_label_comp_id 
_struct_sheet_range.end_label_asym_id 
_struct_sheet_range.end_label_seq_id 
_struct_sheet_range.pdbx_end_PDB_ins_code 
_struct_sheet_range.beg_auth_comp_id 
_struct_sheet_range.beg_auth_asym_id 
_struct_sheet_range.beg_auth_seq_id 
_struct_sheet_range.end_auth_comp_id 
_struct_sheet_range.end_auth_asym_id 
_struct_sheet_range.end_auth_seq_id 
AA1 1 VAL A 91  ? CYS A 96  ? VAL A 105 CYS A 110 
AA1 2 THR A 106 ? ILE A 115 ? THR A 120 ILE A 129 
AA1 3 ASN A 25  ? LYS A 36  ? ASN A 39  LYS A 50  
AA1 4 LYS A 39  ? ARG A 47  ? LYS A 53  ARG A 61  
AA2 1 CYS A 100 ? ILE A 102 ? CYS A 114 ILE A 116 
AA2 2 THR A 106 ? ILE A 115 ? THR A 120 ILE A 129 
AA2 3 ASN A 25  ? LYS A 36  ? ASN A 39  LYS A 50  
AA2 4 GLY A 62  ? LYS A 64  ? GLY A 76  LYS A 78  
AA3 1 VAL A 128 ? PRO A 135 ? VAL A 142 PRO A 149 
AA3 2 LYS A 39  ? ARG A 47  ? LYS A 53  ARG A 61  
AA3 3 VAL A 58  ? CYS A 59  ? VAL A 72  CYS A 73  
AA4 1 GLN A 143 ? ASP A 146 ? GLN A 157 ASP A 160 
AA4 2 HIS A 160 ? THR A 165 ? HIS A 174 THR A 179 
AA4 3 THR A 172 ? ILE A 175 ? THR A 186 ILE A 189 
# 
loop_
_pdbx_struct_sheet_hbond.sheet_id 
_pdbx_struct_sheet_hbond.range_id_1 
_pdbx_struct_sheet_hbond.range_id_2 
_pdbx_struct_sheet_hbond.range_1_label_atom_id 
_pdbx_struct_sheet_hbond.range_1_label_comp_id 
_pdbx_struct_sheet_hbond.range_1_label_asym_id 
_pdbx_struct_sheet_hbond.range_1_label_seq_id 
_pdbx_struct_sheet_hbond.range_1_PDB_ins_code 
_pdbx_struct_sheet_hbond.range_1_auth_atom_id 
_pdbx_struct_sheet_hbond.range_1_auth_comp_id 
_pdbx_struct_sheet_hbond.range_1_auth_asym_id 
_pdbx_struct_sheet_hbond.range_1_auth_seq_id 
_pdbx_struct_sheet_hbond.range_2_label_atom_id 
_pdbx_struct_sheet_hbond.range_2_label_comp_id 
_pdbx_struct_sheet_hbond.range_2_label_asym_id 
_pdbx_struct_sheet_hbond.range_2_label_seq_id 
_pdbx_struct_sheet_hbond.range_2_PDB_ins_code 
_pdbx_struct_sheet_hbond.range_2_auth_atom_id 
_pdbx_struct_sheet_hbond.range_2_auth_comp_id 
_pdbx_struct_sheet_hbond.range_2_auth_asym_id 
_pdbx_struct_sheet_hbond.range_2_auth_seq_id 
AA1 1 2 N GLU A 92  ? N GLU A 106 O LEU A 114 ? O LEU A 128 
AA1 2 3 O PHE A 111 ? O PHE A 125 N LEU A 31  ? N LEU A 45  
AA1 3 4 N LYS A 36  ? N LYS A 50  O LYS A 39  ? O LYS A 53  
AA2 1 2 N CYS A 100 ? N CYS A 114 O ILE A 108 ? O ILE A 122 
AA2 2 3 O PHE A 111 ? O PHE A 125 N LEU A 31  ? N LEU A 45  
AA2 3 4 N SER A 28  ? N SER A 42  O GLY A 63  ? O GLY A 77  
AA3 1 2 O PHE A 132 ? O PHE A 146 N PHE A 44  ? N PHE A 58  
AA3 2 3 N THR A 45  ? N THR A 59  O CYS A 59  ? O CYS A 73  
AA4 1 2 N HIS A 145 ? N HIS A 159 O ILE A 161 ? O ILE A 175 
AA4 2 3 N TYR A 164 ? N TYR A 178 O TYR A 173 ? O TYR A 187 
# 
loop_
_struct_site.id 
_struct_site.pdbx_evidence_code 
_struct_site.pdbx_auth_asym_id 
_struct_site.pdbx_auth_comp_id 
_struct_site.pdbx_auth_seq_id 
_struct_site.pdbx_auth_ins_code 
_struct_site.pdbx_num_residues 
_struct_site.details 
AC1 Software A ACT 301 ? 5  'binding site for residue ACT A 301' 
AC2 Software A ACT 302 ? 2  'binding site for residue ACT A 302' 
AC3 Software A DMS 303 ? 6  'binding site for residue DMS A 303' 
AC4 Software A DMS 304 ? 4  'binding site for residue DMS A 304' 
AC5 Software A H2Y 305 ? 15 'binding site for residue H2Y A 305' 
# 
loop_
_struct_site_gen.id 
_struct_site_gen.site_id 
_struct_site_gen.pdbx_num_res 
_struct_site_gen.label_comp_id 
_struct_site_gen.label_asym_id 
_struct_site_gen.label_seq_id 
_struct_site_gen.pdbx_auth_ins_code 
_struct_site_gen.auth_comp_id 
_struct_site_gen.auth_asym_id 
_struct_site_gen.auth_seq_id 
_struct_site_gen.label_atom_id 
_struct_site_gen.label_alt_id 
_struct_site_gen.symmetry 
_struct_site_gen.details 
1  AC1 5  GLY A 56  ? GLY A 70  . ? 1_555 ? 
2  AC1 5  VAL A 58  ? VAL A 72  . ? 1_555 ? 
3  AC1 5  TYR A 173 ? TYR A 187 . ? 1_555 ? 
4  AC1 5  GLN A 174 ? GLN A 188 . ? 1_555 ? 
5  AC1 5  HOH G .   ? HOH A 439 . ? 1_555 ? 
6  AC2 2  HYP A 88  ? HYP A 102 . ? 1_555 ? 
7  AC2 2  VAL A 91  ? VAL A 105 . ? 1_555 ? 
8  AC3 6  GLY A 85  ? GLY A 99  . ? 1_555 ? 
9  AC3 6  ARG A 87  ? ARG A 101 . ? 1_555 ? 
10 AC3 6  GLN A 90  ? GLN A 104 . ? 1_555 ? 
11 AC3 6  PHE A 119 ? PHE A 133 . ? 1_555 ? 
12 AC3 6  GLN A 120 ? GLN A 134 . ? 1_555 ? 
13 AC3 6  GLN A 122 ? GLN A 136 . ? 1_555 ? 
14 AC4 4  ASP A 116 ? ASP A 130 . ? 1_555 ? 
15 AC4 4  HIS A 117 ? HIS A 131 . ? 1_555 ? 
16 AC4 4  ASP A 130 ? ASP A 144 . ? 2_545 ? 
17 AC4 4  TYR A 173 ? TYR A 187 . ? 2_545 ? 
18 AC5 15 TYR A 27  ? TYR A 41  . ? 1_555 ? 
19 AC5 15 VAL A 29  ? VAL A 43  . ? 1_555 ? 
20 AC5 15 THR A 45  ? THR A 59  . ? 1_555 ? 
21 AC5 15 ARG A 47  ? ARG A 61  . ? 1_555 ? 
22 AC5 15 ARG A 53  ? ARG A 67  . ? 1_555 ? 
23 AC5 15 CYS A 59  ? CYS A 73  . ? 1_555 ? 
24 AC5 15 PHE A 60  ? PHE A 74  . ? 1_555 ? 
25 AC5 15 GLY A 62  ? GLY A 76  . ? 1_555 ? 
26 AC5 15 GLU A 83  ? GLU A 97  . ? 1_555 ? 
27 AC5 15 ILE A 102 ? ILE A 116 . ? 1_555 ? 
28 AC5 15 ILE A 108 ? ILE A 122 . ? 1_555 ? 
29 AC5 15 GLU A 127 ? GLU A 141 . ? 1_555 ? 
30 AC5 15 VAL A 128 ? VAL A 142 . ? 1_555 ? 
31 AC5 15 HOH G .   ? HOH A 481 . ? 1_555 ? 
32 AC5 15 HOH G .   ? HOH A 501 . ? 1_555 ? 
# 
_atom_sites.entry_id                    5QGW 
_atom_sites.fract_transf_matrix[1][1]   -0.00118363 
_atom_sites.fract_transf_matrix[1][2]   -0.00724000 
_atom_sites.fract_transf_matrix[1][3]   0.00578701 
_atom_sites.fract_transf_matrix[2][1]   0.00742778 
_atom_sites.fract_transf_matrix[2][2]   -0.00420453 
_atom_sites.fract_transf_matrix[2][3]   0.00380268 
_atom_sites.fract_transf_matrix[3][1]   -0.00103769 
_atom_sites.fract_transf_matrix[3][2]   0.01539967 
_atom_sites.fract_transf_matrix[3][3]   0.01905395 
_atom_sites.fract_transf_vector[1]      0.135926 
_atom_sites.fract_transf_vector[2]      -0.434128 
_atom_sites.fract_transf_vector[3]      1.979928 
# 
loop_
_atom_type.symbol 
C 
N 
O 
S 
# 
loop_
_atom_site.group_PDB 
_atom_site.id 
_atom_site.type_symbol 
_atom_site.label_atom_id 
_atom_site.label_alt_id 
_atom_site.label_comp_id 
_atom_site.label_asym_id 
_atom_site.label_entity_id 
_atom_site.label_seq_id 
_atom_site.pdbx_PDB_ins_code 
_atom_site.Cartn_x 
_atom_site.Cartn_y 
_atom_site.Cartn_z 
_atom_site.occupancy 
_atom_site.B_iso_or_equiv 
_atom_site.pdbx_formal_charge 
_atom_site.auth_seq_id 
_atom_site.auth_comp_id 
_atom_site.auth_asym_id 
_atom_site.auth_atom_id 
_atom_site.pdbx_PDB_model_num 
ATOM   1    N N   . SER A 1 1   ? -19.434 3.242   12.109  1.00 53.26  ? 15  SER A N   1 
ATOM   2    C CA  . SER A 1 1   ? -18.316 2.393   12.611  1.00 50.10  ? 15  SER A CA  1 
ATOM   3    C C   . SER A 1 1   ? -16.991 2.876   12.023  1.00 49.10  ? 15  SER A C   1 
ATOM   4    O O   . SER A 1 1   ? -16.981 3.644   11.045  1.00 46.85  ? 15  SER A O   1 
ATOM   5    C CB  . SER A 1 1   ? -18.566 0.919   12.260  1.00 50.89  ? 15  SER A CB  1 
ATOM   6    O OG  . SER A 1 1   ? -18.488 0.665   10.855  1.00 47.70  ? 15  SER A OG  1 
ATOM   7    N N   . MET A 1 2   ? -15.895 2.440   12.636  1.00 44.89  ? 16  MET A N   1 
ATOM   8    C CA  . MET A 1 2   ? -14.546 2.774   12.174  1.00 47.18  ? 16  MET A CA  1 
ATOM   9    C C   . MET A 1 2   ? -14.358 2.414   10.694  1.00 48.50  ? 16  MET A C   1 
ATOM   10   O O   . MET A 1 2   ? -13.818 3.218   9.931   1.00 42.68  ? 16  MET A O   1 
ATOM   11   C CB  . MET A 1 2   ? -13.484 2.068   13.015  1.00 46.63  ? 16  MET A CB  1 
ATOM   12   C CG  . MET A 1 2   ? -12.075 2.083   12.440  1.00 49.28  ? 16  MET A CG  1 
ATOM   13   S SD  . MET A 1 2   ? -10.845 1.553   13.658  1.00 56.93  ? 16  MET A SD  1 
ATOM   14   C CE  . MET A 1 2   ? -11.005 -0.215  13.635  1.00 50.68  ? 16  MET A CE  1 
ATOM   15   N N   . LEU A 1 3   ? -14.806 1.228   10.289  1.00 45.04  ? 17  LEU A N   1 
ATOM   16   C CA  . LEU A 1 3   ? -14.532 0.781   8.925   1.00 46.56  ? 17  LEU A CA  1 
ATOM   17   C C   . LEU A 1 3   ? -15.424 1.475   7.921   1.00 44.28  ? 17  LEU A C   1 
ATOM   18   O O   . LEU A 1 3   ? -14.980 1.800   6.820   1.00 43.88  ? 17  LEU A O   1 
ATOM   19   C CB  . LEU A 1 3   ? -14.638 -0.733  8.792   1.00 45.52  ? 17  LEU A CB  1 
ATOM   20   C CG  . LEU A 1 3   ? -13.412 -1.432  9.385   1.00 48.77  ? 17  LEU A CG  1 
ATOM   21   C CD1 . LEU A 1 3   ? -13.675 -2.931  9.550   1.00 47.49  ? 17  LEU A CD1 1 
ATOM   22   C CD2 . LEU A 1 3   ? -12.175 -1.175  8.533   1.00 53.79  ? 17  LEU A CD2 1 
ATOM   23   N N   . ASP A 1 4   ? -16.671 1.718   8.312   1.00 45.67  ? 18  ASP A N   1 
ATOM   24   C CA  . ASP A 1 4   ? -17.602 2.421   7.457   1.00 46.85  ? 18  ASP A CA  1 
ATOM   25   C C   . ASP A 1 4   ? -17.170 3.872   7.281   1.00 46.00  ? 18  ASP A C   1 
ATOM   26   O O   . ASP A 1 4   ? -17.347 4.432   6.205   1.00 39.11  ? 18  ASP A O   1 
ATOM   27   C CB  . ASP A 1 4   ? -19.026 2.352   8.006   1.00 52.44  ? 18  ASP A CB  1 
ATOM   28   C CG  . ASP A 1 4   ? -19.658 0.962   7.847   1.00 60.43  ? 18  ASP A CG  1 
ATOM   29   O OD1 . ASP A 1 4   ? -18.976 -0.014  7.420   1.00 60.29  ? 18  ASP A OD1 1 
ATOM   30   O OD2 . ASP A 1 4   ? -20.866 0.858   8.150   1.00 66.51  ? 18  ASP A OD2 1 
ATOM   31   N N   . ASP A 1 5   ? -16.612 4.455   8.342   1.00 41.32  ? 19  ASP A N   1 
ATOM   32   C CA  . ASP A 1 5   ? -16.121 5.819   8.318   1.00 44.32  ? 19  ASP A CA  1 
ATOM   33   C C   . ASP A 1 5   ? -14.892 5.927   7.397   1.00 38.65  ? 19  ASP A C   1 
ATOM   34   O O   . ASP A 1 5   ? -14.805 6.869   6.615   1.00 36.68  ? 19  ASP A O   1 
ATOM   35   C CB  . ASP A 1 5   ? -15.760 6.292   9.738   1.00 49.50  ? 19  ASP A CB  1 
ATOM   36   C CG  . ASP A 1 5   ? -16.990 6.558   10.631  1.00 55.34  ? 19  ASP A CG  1 
ATOM   37   O OD1 . ASP A 1 5   ? -18.112 6.792   10.116  1.00 57.83  ? 19  ASP A OD1 1 
ATOM   38   O OD2 . ASP A 1 5   ? -16.811 6.529   11.875  1.00 65.60  ? 19  ASP A OD2 1 
ATOM   39   N N   . ALA A 1 6   ? -13.974 4.968   7.492   1.00 32.45  ? 20  ALA A N   1 
ATOM   40   C CA  . ALA A 1 6   ? -12.783 4.952   6.616   1.00 34.01  ? 20  ALA A CA  1 
ATOM   41   C C   . ALA A 1 6   ? -13.140 4.850   5.145   1.00 35.47  ? 20  ALA A C   1 
ATOM   42   O O   . ALA A 1 6   ? -12.642 5.630   4.319   1.00 27.86  ? 20  ALA A O   1 
ATOM   43   C CB  . ALA A 1 6   ? -11.846 3.843   6.997   1.00 34.61  ? 20  ALA A CB  1 
ATOM   44   N N   . LYS A 1 7   ? -14.036 3.917   4.819   1.00 32.85  ? 21  LYS A N   1 
ATOM   45   C CA  . LYS A 1 7   ? -14.514 3.762   3.447   1.00 35.05  ? 21  LYS A CA  1 
ATOM   46   C C   . LYS A 1 7   ? -15.230 5.009   2.906   1.00 32.57  ? 21  LYS A C   1 
ATOM   47   O O   . LYS A 1 7   ? -15.016 5.409   1.755   1.00 29.52  ? 21  LYS A O   1 
ATOM   48   C CB  . LYS A 1 7   ? -15.470 2.591   3.328   1.00 37.38  ? 21  LYS A CB  1 
ATOM   49   C CG  . LYS A 1 7   ? -14.825 1.254   3.569   1.00 43.90  ? 21  LYS A CG  1 
ATOM   50   C CD  . LYS A 1 7   ? -15.797 0.117   3.216   1.00 51.52  ? 21  LYS A CD  1 
ATOM   51   C CE  . LYS A 1 7   ? -16.442 -0.553  4.426   1.00 54.79  ? 21  LYS A CE  1 
ATOM   52   N NZ  . LYS A 1 7   ? -17.034 -1.871  4.025   1.00 58.56  ? 21  LYS A NZ  1 
ATOM   53   N N   . ALA A 1 8   ? -16.087 5.607   3.722   1.00 32.10  ? 22  ALA A N   1 
ATOM   54   C CA  . ALA A 1 8   ? -16.765 6.843   3.320   1.00 34.38  ? 22  ALA A CA  1 
ATOM   55   C C   . ALA A 1 8   ? -15.737 7.975   3.012   1.00 34.38  ? 22  ALA A C   1 
ATOM   56   O O   . ALA A 1 8   ? -15.876 8.685   2.009   1.00 34.11  ? 22  ALA A O   1 
ATOM   57   C CB  . ALA A 1 8   ? -17.771 7.278   4.384   1.00 36.62  ? 22  ALA A CB  1 
ATOM   58   N N   . ARG A 1 9   ? -14.698 8.091   3.839   1.00 30.25  ? 23  ARG A N   1 
ATOM   59   C CA  . ARG A 1 9   ? -13.644 9.096   3.621   1.00 30.22  ? 23  ARG A CA  1 
ATOM   60   C C   . ARG A 1 9   ? -12.911 8.815   2.313   1.00 31.44  ? 23  ARG A C   1 
ATOM   61   O O   . ARG A 1 9   ? -12.710 9.710   1.513   1.00 29.85  ? 23  ARG A O   1 
ATOM   62   C CB  . ARG A 1 9   ? -12.600 9.084   4.750   1.00 35.03  ? 23  ARG A CB  1 
ATOM   63   C CG  . ARG A 1 9   ? -13.030 9.618   6.105   1.00 37.99  ? 23  ARG A CG  1 
ATOM   64   C CD  . ARG A 1 9   ? -13.285 11.100  6.069   1.00 42.72  ? 23  ARG A CD  1 
ATOM   65   N NE  . ARG A 1 9   ? -13.473 11.626  7.435   1.00 47.65  ? 23  ARG A NE  1 
ATOM   66   C CZ  . ARG A 1 9   ? -12.507 11.974  8.294   1.00 44.99  ? 23  ARG A CZ  1 
ATOM   67   N NH1 . ARG A 1 9   ? -11.210 11.885  7.983   1.00 37.65  ? 23  ARG A NH1 1 
ATOM   68   N NH2 . ARG A 1 9   ? -12.854 12.446  9.497   1.00 47.64  ? 23  ARG A NH2 1 
ATOM   69   N N   . LEU A 1 10  ? -12.481 7.564   2.147   1.00 27.26  ? 24  LEU A N   1 
ATOM   70   C CA  . LEU A 1 10  ? -11.707 7.124   0.995   1.00 29.14  ? 24  LEU A CA  1 
ATOM   71   C C   . LEU A 1 10  ? -12.453 7.349   -0.299  1.00 29.55  ? 24  LEU A C   1 
ATOM   72   O O   . LEU A 1 10  ? -11.851 7.767   -1.280  1.00 29.41  ? 24  LEU A O   1 
ATOM   73   C CB  . LEU A 1 10  ? -11.318 5.652   1.111   1.00 27.65  ? 24  LEU A CB  1 
ATOM   74   C CG  . LEU A 1 10  ? -10.285 5.275   2.168   1.00 27.83  ? 24  LEU A CG  1 
ATOM   75   C CD1 . LEU A 1 10  ? -10.300 3.772   2.456   1.00 29.29  ? 24  LEU A CD1 1 
ATOM   76   C CD2 . LEU A 1 10  ? -8.899  5.713   1.744   1.00 30.43  ? 24  LEU A CD2 1 
ATOM   77   N N   . ARG A 1 11  ? -13.754 7.131   -0.288  1.00 29.77  ? 25  ARG A N   1 
ATOM   78   C CA  . ARG A 1 11  ? -14.555 7.294   -1.505  1.00 33.07  ? 25  ARG A CA  1 
ATOM   79   C C   . ARG A 1 11  ? -14.545 8.702   -2.088  1.00 34.19  ? 25  ARG A C   1 
ATOM   80   O O   . ARG A 1 11  ? -14.631 8.857   -3.323  1.00 32.52  ? 25  ARG A O   1 
ATOM   81   C CB  . ARG A 1 11  ? -15.985 6.800   -1.304  1.00 38.06  ? 25  ARG A CB  1 
ATOM   82   C CG  . ARG A 1 11  ? -16.051 5.282   -1.312  1.00 42.90  ? 25  ARG A CG  1 
ATOM   83   C CD  . ARG A 1 11  ? -17.444 4.761   -1.041  1.00 47.75  ? 25  ARG A CD  1 
ATOM   84   N NE  . ARG A 1 11  ? -17.408 3.330   -0.710  1.00 52.83  ? 25  ARG A NE  1 
ATOM   85   C CZ  . ARG A 1 11  ? -17.964 2.748   0.365   1.00 58.54  ? 25  ARG A CZ  1 
ATOM   86   N NH1 . ARG A 1 11  ? -18.640 3.461   1.287   1.00 59.59  ? 25  ARG A NH1 1 
ATOM   87   N NH2 . ARG A 1 11  ? -17.842 1.424   0.522   1.00 55.28  ? 25  ARG A NH2 1 
ATOM   88   N N   . LYS A 1 12  ? -14.384 9.702   -1.225  1.00 32.48  ? 26  LYS A N   1 
ATOM   89   C CA  . LYS A 1 12  ? -14.317 11.096  -1.642  1.00 35.56  ? 26  LYS A CA  1 
ATOM   90   C C   . LYS A 1 12  ? -13.054 11.448  -2.425  1.00 32.75  ? 26  LYS A C   1 
ATOM   91   O O   . LYS A 1 12  ? -13.032 12.473  -3.061  1.00 32.79  ? 26  LYS A O   1 
ATOM   92   C CB  . LYS A 1 12  ? -14.437 12.021  -0.419  1.00 38.79  ? 26  LYS A CB  1 
ATOM   93   C CG  . LYS A 1 12  ? -15.777 11.909  0.305   1.00 43.47  ? 26  LYS A CG  1 
ATOM   94   C CD  . LYS A 1 12  ? -15.862 12.925  1.432   1.00 50.18  ? 26  LYS A CD  1 
ATOM   95   C CE  . LYS A 1 12  ? -16.967 12.591  2.422   1.00 58.49  ? 26  LYS A CE  1 
ATOM   96   N NZ  . LYS A 1 12  ? -18.308 12.907  1.869   1.00 63.70  ? 26  LYS A NZ  1 
ATOM   97   N N   . TYR A 1 13  ? -12.005 10.626  -2.330  1.00 29.49  ? 27  TYR A N   1 
ATOM   98   C CA  . TYR A 1 13  ? -10.764 10.843  -3.029  1.00 27.15  ? 27  TYR A CA  1 
ATOM   99   C C   . TYR A 1 13  ? -10.591 9.920   -4.238  1.00 28.23  ? 27  TYR A C   1 
ATOM   100  O O   . TYR A 1 13  ? -9.556  9.963   -4.885  1.00 29.86  ? 27  TYR A O   1 
ATOM   101  C CB  . TYR A 1 13  ? -9.593  10.679  -2.065  1.00 28.01  ? 27  TYR A CB  1 
ATOM   102  C CG  . TYR A 1 13  ? -9.642  11.659  -0.929  1.00 27.42  ? 27  TYR A CG  1 
ATOM   103  C CD1 . TYR A 1 13  ? -10.449 11.405  0.181   1.00 28.70  ? 27  TYR A CD1 1 
ATOM   104  C CD2 . TYR A 1 13  ? -8.947  12.860  -0.974  1.00 29.59  ? 27  TYR A CD2 1 
ATOM   105  C CE1 . TYR A 1 13  ? -10.526 12.293  1.230   1.00 28.83  ? 27  TYR A CE1 1 
ATOM   106  C CE2 . TYR A 1 13  ? -9.019  13.771  0.082   1.00 32.04  ? 27  TYR A CE2 1 
ATOM   107  C CZ  . TYR A 1 13  ? -9.824  13.470  1.177   1.00 31.89  ? 27  TYR A CZ  1 
ATOM   108  O OH  . TYR A 1 13  ? -9.950  14.322  2.240   1.00 35.07  ? 27  TYR A OH  1 
ATOM   109  N N   . ASP A 1 14  ? -11.583 9.079   -4.507  1.00 28.27  ? 28  ASP A N   1 
ATOM   110  C CA  . ASP A 1 14  ? -11.518 8.080   -5.577  1.00 31.65  ? 28  ASP A CA  1 
ATOM   111  C C   . ASP A 1 14  ? -11.479 8.815   -6.909  1.00 36.84  ? 28  ASP A C   1 
ATOM   112  O O   . ASP A 1 14  ? -12.359 9.602   -7.196  1.00 36.41  ? 28  ASP A O   1 
ATOM   113  C CB  . ASP A 1 14  ? -12.747 7.201   -5.531  1.00 32.82  ? 28  ASP A CB  1 
ATOM   114  C CG  . ASP A 1 14  ? -12.691 5.986   -6.463  1.00 36.14  ? 28  ASP A CG  1 
ATOM   115  O OD1 . ASP A 1 14  ? -11.637 5.576   -6.987  1.00 35.21  ? 28  ASP A OD1 1 
ATOM   116  O OD2 . ASP A 1 14  ? -13.758 5.378   -6.580  1.00 44.59  ? 28  ASP A OD2 1 
ATOM   117  N N   . ILE A 1 15  ? -10.429 8.608   -7.680  1.00 37.99  ? 29  ILE A N   1 
ATOM   118  C CA  . ILE A 1 15  ? -10.410 9.175   -9.025  1.00 46.49  ? 29  ILE A CA  1 
ATOM   119  C C   . ILE A 1 15  ? -11.066 8.223   -10.032 1.00 45.88  ? 29  ILE A C   1 
ATOM   120  O O   . ILE A 1 15  ? -11.374 8.635   -11.126 1.00 49.71  ? 29  ILE A O   1 
ATOM   121  C CB  . ILE A 1 15  ? -9.003  9.635   -9.444  1.00 49.45  ? 29  ILE A CB  1 
ATOM   122  C CG1 . ILE A 1 15  ? -8.080  8.465   -9.750  1.00 50.42  ? 29  ILE A CG1 1 
ATOM   123  C CG2 . ILE A 1 15  ? -8.391  10.532  -8.357  1.00 50.54  ? 29  ILE A CG2 1 
ATOM   124  C CD1 . ILE A 1 15  ? -7.164  8.761   -10.919 1.00 55.93  ? 29  ILE A CD1 1 
ATOM   125  N N   . GLY A 1 16  ? -11.280 6.959   -9.652  1.00 50.06  ? 30  GLY A N   1 
ATOM   126  C CA  . GLY A 1 16  ? -11.849 5.943   -10.559 1.00 50.39  ? 30  GLY A CA  1 
ATOM   127  C C   . GLY A 1 16  ? -10.904 5.569   -11.705 1.00 46.15  ? 30  GLY A C   1 
ATOM   128  O O   . GLY A 1 16  ? -9.697  5.442   -11.501 1.00 43.05  ? 30  GLY A O   1 
ATOM   129  N N   . GLY A 1 17  ? -11.460 5.406   -12.909 1.00 48.32  ? 31  GLY A N   1 
ATOM   130  C CA  . GLY A 1 17  ? -10.692 4.967   -14.094 1.00 43.02  ? 31  GLY A CA  1 
ATOM   131  C C   . GLY A 1 17  ? -10.288 6.088   -15.049 1.00 41.95  ? 31  GLY A C   1 
ATOM   132  O O   . GLY A 1 17  ? -9.817  5.833   -16.146 1.00 37.17  ? 31  GLY A O   1 
ATOM   133  N N   . LYS A 1 18  ? -10.449 7.324   -14.591 1.00 44.02  ? 32  LYS A N   1 
ATOM   134  C CA  . LYS A 1 18  ? -10.125 8.558   -15.316 1.00 43.78  ? 32  LYS A CA  1 
ATOM   135  C C   . LYS A 1 18  ? -8.774  8.478   -16.105 1.00 38.31  ? 32  LYS A C   1 
ATOM   136  O O   . LYS A 1 18  ? -8.738  8.613   -17.329 1.00 40.54  ? 32  LYS A O   1 
ATOM   137  C CB  . LYS A 1 18  ? -10.179 9.701   -14.252 1.00 44.00  ? 32  LYS A CB  1 
ATOM   138  C CG  . LYS A 1 18  ? -10.294 11.121  -14.753 1.00 49.11  ? 32  LYS A CG  1 
ATOM   139  C CD  . LYS A 1 18  ? -10.729 12.088  -13.652 1.00 46.29  ? 32  LYS A CD  1 
ATOM   140  C CE  . LYS A 1 18  ? -12.236 12.116  -13.519 1.00 49.74  ? 32  LYS A CE  1 
ATOM   141  N NZ  . LYS A 1 18  ? -12.619 13.094  -12.467 1.00 53.65  ? 32  LYS A NZ  1 
ATOM   142  N N   . TYR A 1 19  ? -7.710  8.109   -15.404 1.00 34.66  ? 33  TYR A N   1 
ATOM   143  C CA  . TYR A 1 19  ? -6.355  8.028   -15.945 1.00 32.89  ? 33  TYR A CA  1 
ATOM   144  C C   . TYR A 1 19  ? -5.911  6.641   -16.462 1.00 32.99  ? 33  TYR A C   1 
ATOM   145  O O   . TYR A 1 19  ? -4.808  6.512   -17.007 1.00 32.30  ? 33  TYR A O   1 
ATOM   146  C CB  . TYR A 1 19  ? -5.366  8.496   -14.872 1.00 32.72  ? 33  TYR A CB  1 
ATOM   147  C CG  . TYR A 1 19  ? -5.427  10.001  -14.672 1.00 30.25  ? 33  TYR A CG  1 
ATOM   148  C CD1 . TYR A 1 19  ? -6.525  10.593  -14.053 1.00 32.06  ? 33  TYR A CD1 1 
ATOM   149  C CD2 . TYR A 1 19  ? -4.406  10.833  -15.118 1.00 29.71  ? 33  TYR A CD2 1 
ATOM   150  C CE1 . TYR A 1 19  ? -6.611  11.987  -13.894 1.00 32.44  ? 33  TYR A CE1 1 
ATOM   151  C CE2 . TYR A 1 19  ? -4.465  12.218  -14.928 1.00 30.29  ? 33  TYR A CE2 1 
ATOM   152  C CZ  . TYR A 1 19  ? -5.563  12.787  -14.326 1.00 29.70  ? 33  TYR A CZ  1 
ATOM   153  O OH  . TYR A 1 19  ? -5.651  14.131  -14.126 1.00 32.28  ? 33  TYR A OH  1 
ATOM   154  N N   . SER A 1 20  ? -6.787  5.646   -16.345 1.00 32.19  ? 34  SER A N   1 
ATOM   155  C CA  . SER A 1 20  ? -6.407  4.245   -16.576 1.00 30.90  ? 34  SER A CA  1 
ATOM   156  C C   . SER A 1 20  ? -6.176  3.834   -18.045 1.00 30.31  ? 34  SER A C   1 
ATOM   157  O O   . SER A 1 20  ? -5.460  2.852   -18.262 1.00 33.55  ? 34  SER A O   1 
ATOM   158  C CB  . SER A 1 20  ? -7.463  3.326   -15.970 1.00 35.04  ? 34  SER A CB  1 
ATOM   159  O OG  . SER A 1 20  ? -8.729  3.545   -16.605 1.00 39.18  ? 34  SER A OG  1 
ATOM   160  N N   A HIS A 1 21  ? -6.747  4.530   -19.024 0.35 24.88  ? 35  HIS A N   1 
ATOM   161  N N   B HIS A 1 21  ? -6.769  4.521   -19.017 0.15 27.52  ? 35  HIS A N   1 
ATOM   162  C CA  A HIS A 1 21  ? -6.529  4.133   -20.424 0.35 25.47  ? 35  HIS A CA  1 
ATOM   163  C CA  B HIS A 1 21  ? -6.564  4.134   -20.417 0.15 27.33  ? 35  HIS A CA  1 
ATOM   164  C C   A HIS A 1 21  ? -5.295  4.764   -21.043 0.35 25.68  ? 35  HIS A C   1 
ATOM   165  C C   B HIS A 1 21  ? -5.401  4.867   -21.097 0.15 27.65  ? 35  HIS A C   1 
ATOM   166  O O   A HIS A 1 21  ? -4.882  4.357   -22.109 0.35 22.27  ? 35  HIS A O   1 
ATOM   167  O O   B HIS A 1 21  ? -5.147  4.619   -22.268 0.15 26.42  ? 35  HIS A O   1 
ATOM   168  C CB  A HIS A 1 21  ? -7.698  4.506   -21.305 0.35 25.53  ? 35  HIS A CB  1 
ATOM   169  C CB  B HIS A 1 21  ? -7.862  4.252   -21.229 0.15 26.73  ? 35  HIS A CB  1 
ATOM   170  C CG  A HIS A 1 21  ? -7.604  5.901   -21.821 0.35 25.81  ? 35  HIS A CG  1 
ATOM   171  C CG  B HIS A 1 21  ? -9.030  3.549   -20.602 0.15 26.02  ? 35  HIS A CG  1 
ATOM   172  N ND1 A HIS A 1 21  ? -7.999  6.990   -21.079 0.35 23.38  ? 35  HIS A ND1 1 
ATOM   173  N ND1 B HIS A 1 21  ? -8.886  2.589   -19.626 0.15 25.89  ? 35  HIS A ND1 1 
ATOM   174  C CD2 A HIS A 1 21  ? -7.108  6.393   -22.981 0.35 25.74  ? 35  HIS A CD2 1 
ATOM   175  C CD2 B HIS A 1 21  ? -10.363 3.674   -20.807 0.15 26.14  ? 35  HIS A CD2 1 
ATOM   176  C CE1 A HIS A 1 21  ? -7.784  8.088   -21.770 0.35 22.86  ? 35  HIS A CE1 1 
ATOM   177  C CE1 B HIS A 1 21  ? -10.075 2.158   -19.251 0.15 25.37  ? 35  HIS A CE1 1 
ATOM   178  N NE2 A HIS A 1 21  ? -7.245  7.754   -22.928 0.35 24.29  ? 35  HIS A NE2 1 
ATOM   179  N NE2 B HIS A 1 21  ? -10.990 2.808   -19.945 0.15 25.30  ? 35  HIS A NE2 1 
ATOM   180  N N   . LEU A 1 22  ? -4.696  5.749   -20.374 1.00 29.30  ? 36  LEU A N   1 
ATOM   181  C CA  . LEU A 1 22  ? -3.526  6.448   -20.924 1.00 31.15  ? 36  LEU A CA  1 
ATOM   182  C C   . LEU A 1 22  ? -2.381  5.485   -21.232 1.00 33.01  ? 36  LEU A C   1 
ATOM   183  O O   . LEU A 1 22  ? -2.091  4.563   -20.451 1.00 31.16  ? 36  LEU A O   1 
ATOM   184  C CB  . LEU A 1 22  ? -3.042  7.556   -19.990 1.00 30.61  ? 36  LEU A CB  1 
ATOM   185  C CG  . LEU A 1 22  ? -4.008  8.726   -19.837 1.00 28.94  ? 36  LEU A CG  1 
ATOM   186  C CD1 . LEU A 1 22  ? -3.540  9.607   -18.729 1.00 30.39  ? 36  LEU A CD1 1 
ATOM   187  C CD2 . LEU A 1 22  ? -4.138  9.522   -21.120 1.00 31.60  ? 36  LEU A CD2 1 
ATOM   188  N N   . PRO A 1 23  ? -1.672  5.719   -22.348 1.00 35.07  ? 37  PRO A N   1 
ATOM   189  C CA  . PRO A 1 23  ? -0.753  4.683   -22.859 1.00 34.29  ? 37  PRO A CA  1 
ATOM   190  C C   . PRO A 1 23  ? 0.612   4.624   -22.147 1.00 33.97  ? 37  PRO A C   1 
ATOM   191  O O   . PRO A 1 23  ? 1.665   4.780   -22.764 1.00 35.13  ? 37  PRO A O   1 
ATOM   192  C CB  . PRO A 1 23  ? -0.621  5.084   -24.358 1.00 36.62  ? 37  PRO A CB  1 
ATOM   193  C CG  . PRO A 1 23  ? -0.683  6.591   -24.300 1.00 34.78  ? 37  PRO A CG  1 
ATOM   194  C CD  . PRO A 1 23  ? -1.778  6.864   -23.291 1.00 34.83  ? 37  PRO A CD  1 
ATOM   195  N N   . TYR A 1 24  ? 0.603   4.356   -20.846 1.00 31.54  ? 38  TYR A N   1 
ATOM   196  C CA  . TYR A 1 24  ? 1.819   4.241   -20.085 1.00 27.60  ? 38  TYR A CA  1 
ATOM   197  C C   . TYR A 1 24  ? 2.273   2.798   -19.929 1.00 26.99  ? 38  TYR A C   1 
ATOM   198  O O   . TYR A 1 24  ? 1.513   1.889   -20.181 1.00 27.11  ? 38  TYR A O   1 
ATOM   199  C CB  . TYR A 1 24  ? 1.539   4.805   -18.683 1.00 28.63  ? 38  TYR A CB  1 
ATOM   200  C CG  . TYR A 1 24  ? 1.533   6.305   -18.649 1.00 27.89  ? 38  TYR A CG  1 
ATOM   201  C CD1 . TYR A 1 24  ? 2.717   6.989   -18.600 1.00 30.87  ? 38  TYR A CD1 1 
ATOM   202  C CD2 . TYR A 1 24  ? 0.352   7.032   -18.648 1.00 28.31  ? 38  TYR A CD2 1 
ATOM   203  C CE1 . TYR A 1 24  ? 2.756   8.369   -18.548 1.00 32.15  ? 38  TYR A CE1 1 
ATOM   204  C CE2 . TYR A 1 24  ? 0.367   8.434   -18.565 1.00 28.84  ? 38  TYR A CE2 1 
ATOM   205  C CZ  . TYR A 1 24  ? 1.570   9.089   -18.530 1.00 29.36  ? 38  TYR A CZ  1 
ATOM   206  O OH  . TYR A 1 24  ? 1.634   10.468  -18.483 1.00 32.57  ? 38  TYR A OH  1 
ATOM   207  N N   . ASN A 1 25  ? 3.490   2.607   -19.462 1.00 27.64  ? 39  ASN A N   1 
ATOM   208  C CA  . ASN A 1 25  ? 3.875   1.352   -18.792 1.00 30.64  ? 39  ASN A CA  1 
ATOM   209  C C   . ASN A 1 25  ? 3.164   1.375   -17.437 1.00 29.57  ? 39  ASN A C   1 
ATOM   210  O O   . ASN A 1 25  ? 3.361   2.306   -16.641 1.00 25.87  ? 39  ASN A O   1 
ATOM   211  C CB  . ASN A 1 25  ? 5.376   1.288   -18.589 1.00 33.14  ? 39  ASN A CB  1 
ATOM   212  C CG  . ASN A 1 25  ? 6.130   1.184   -19.914 1.00 38.70  ? 39  ASN A CG  1 
ATOM   213  O OD1 . ASN A 1 25  ? 5.751   0.408   -20.791 1.00 42.45  ? 39  ASN A OD1 1 
ATOM   214  N ND2 . ASN A 1 25  ? 7.153   1.992   -20.076 1.00 37.85  ? 39  ASN A ND2 1 
ATOM   215  N N   . LYS A 1 26  ? 2.290   0.403   -17.213 1.00 28.00  ? 40  LYS A N   1 
ATOM   216  C CA  . LYS A 1 26  ? 1.329   0.470   -16.106 1.00 27.29  ? 40  LYS A CA  1 
ATOM   217  C C   . LYS A 1 26  ? 1.660   -0.505  -14.972 1.00 29.33  ? 40  LYS A C   1 
ATOM   218  O O   . LYS A 1 26  ? 1.940   -1.691  -15.214 1.00 27.40  ? 40  LYS A O   1 
ATOM   219  C CB  . LYS A 1 26  ? -0.063  0.270   -16.647 1.00 28.88  ? 40  LYS A CB  1 
ATOM   220  C CG  . LYS A 1 26  ? -0.532  1.489   -17.448 1.00 30.85  ? 40  LYS A CG  1 
ATOM   221  C CD  . LYS A 1 26  ? -1.821  1.234   -18.188 1.00 31.75  ? 40  LYS A CD  1 
ATOM   222  C CE  . LYS A 1 26  ? -3.009  1.089   -17.256 1.00 32.63  ? 40  LYS A CE  1 
ATOM   223  N NZ  . LYS A 1 26  ? -3.146  2.170   -16.234 1.00 32.03  ? 40  LYS A NZ  1 
ATOM   224  N N   . TYR A 1 27  ? 1.689   0.027   -13.745 1.00 29.77  ? 41  TYR A N   1 
ATOM   225  C CA  . TYR A 1 27  ? 1.863   -0.765  -12.509 1.00 28.26  ? 41  TYR A CA  1 
ATOM   226  C C   . TYR A 1 27  ? 0.748   -0.362  -11.566 1.00 29.06  ? 41  TYR A C   1 
ATOM   227  O O   . TYR A 1 27  ? 0.284   0.786   -11.612 1.00 25.81  ? 41  TYR A O   1 
ATOM   228  C CB  . TYR A 1 27  ? 3.182   -0.444  -11.827 1.00 30.16  ? 41  TYR A CB  1 
ATOM   229  C CG  . TYR A 1 27  ? 4.371   -0.851  -12.599 1.00 31.38  ? 41  TYR A CG  1 
ATOM   230  C CD1 . TYR A 1 27  ? 4.779   -0.126  -13.733 1.00 34.11  ? 41  TYR A CD1 1 
ATOM   231  C CD2 . TYR A 1 27  ? 5.105   -1.959  -12.224 1.00 31.16  ? 41  TYR A CD2 1 
ATOM   232  C CE1 . TYR A 1 27  ? 5.878   -0.525  -14.477 1.00 34.61  ? 41  TYR A CE1 1 
ATOM   233  C CE2 . TYR A 1 27  ? 6.208   -2.356  -12.940 1.00 34.04  ? 41  TYR A CE2 1 
ATOM   234  C CZ  . TYR A 1 27  ? 6.600   -1.642  -14.053 1.00 38.06  ? 41  TYR A CZ  1 
ATOM   235  O OH  . TYR A 1 27  ? 7.709   -2.044  -14.739 1.00 40.46  ? 41  TYR A OH  1 
ATOM   236  N N   . SER A 1 28  ? 0.302   -1.294  -10.718 1.00 26.40  ? 42  SER A N   1 
ATOM   237  C CA  . SER A 1 28  ? -0.644  -0.989  -9.669  1.00 25.50  ? 42  SER A CA  1 
ATOM   238  C C   . SER A 1 28  ? -0.060  -1.418  -8.320  1.00 25.19  ? 42  SER A C   1 
ATOM   239  O O   . SER A 1 28  ? 0.694   -2.396  -8.244  1.00 25.55  ? 42  SER A O   1 
ATOM   240  C CB  . SER A 1 28  ? -1.980  -1.698  -9.864  1.00 28.00  ? 42  SER A CB  1 
ATOM   241  O OG  . SER A 1 28  ? -2.686  -1.285  -11.021 1.00 28.54  ? 42  SER A OG  1 
ATOM   242  N N   . VAL A 1 29  ? -0.449  -0.699  -7.266  1.00 24.52  ? 43  VAL A N   1 
ATOM   243  C CA  . VAL A 1 29  ? -0.135  -1.099  -5.902  1.00 23.86  ? 43  VAL A CA  1 
ATOM   244  C C   . VAL A 1 29  ? -1.387  -1.177  -5.070  1.00 23.84  ? 43  VAL A C   1 
ATOM   245  O O   . VAL A 1 29  ? -2.380  -0.511  -5.355  1.00 23.97  ? 43  VAL A O   1 
ATOM   246  C CB  . VAL A 1 29  ? 0.909   -0.222  -5.212  1.00 25.89  ? 43  VAL A CB  1 
ATOM   247  C CG1 . VAL A 1 29  ? 2.275   -0.359  -5.889  1.00 29.51  ? 43  VAL A CG1 1 
ATOM   248  C CG2 . VAL A 1 29  ? 0.480   1.238   -5.113  1.00 27.38  ? 43  VAL A CG2 1 
ATOM   249  N N   . LEU A 1 30  ? -1.367  -2.099  -4.104  1.00 23.10  ? 44  LEU A N   1 
ATOM   250  C CA  . LEU A 1 30  ? -2.446  -2.234  -3.144  1.00 24.40  ? 44  LEU A CA  1 
ATOM   251  C C   . LEU A 1 30  ? -1.972  -1.635  -1.824  1.00 23.63  ? 44  LEU A C   1 
ATOM   252  O O   . LEU A 1 30  ? -0.932  -2.021  -1.320  1.00 24.22  ? 44  LEU A O   1 
ATOM   253  C CB  . LEU A 1 30  ? -2.827  -3.701  -2.936  1.00 25.37  ? 44  LEU A CB  1 
ATOM   254  C CG  . LEU A 1 30  ? -4.027  -3.931  -2.026  1.00 23.12  ? 44  LEU A CG  1 
ATOM   255  C CD1 . LEU A 1 30  ? -5.309  -3.423  -2.625  1.00 25.24  ? 44  LEU A CD1 1 
ATOM   256  C CD2 . LEU A 1 30  ? -4.154  -5.407  -1.687  1.00 26.15  ? 44  LEU A CD2 1 
ATOM   257  N N   . LEU A 1 31  ? -2.755  -0.710  -1.294  1.00 22.57  ? 45  LEU A N   1 
ATOM   258  C CA  . LEU A 1 31  ? -2.546  -0.122  0.031   1.00 25.12  ? 45  LEU A CA  1 
ATOM   259  C C   . LEU A 1 31  ? -3.488  -0.891  0.971   1.00 22.72  ? 45  LEU A C   1 
ATOM   260  O O   . LEU A 1 31  ? -4.680  -0.624  0.978   1.00 23.64  ? 45  LEU A O   1 
ATOM   261  C CB  . LEU A 1 31  ? -2.921  1.354   -0.003  1.00 26.63  ? 45  LEU A CB  1 
ATOM   262  C CG  . LEU A 1 31  ? -1.892  2.344   -0.596  1.00 31.56  ? 45  LEU A CG  1 
ATOM   263  C CD1 . LEU A 1 31  ? -0.971  1.850   -1.671  1.00 30.38  ? 45  LEU A CD1 1 
ATOM   264  C CD2 . LEU A 1 31  ? -2.586  3.619   -1.061  1.00 33.39  ? 45  LEU A CD2 1 
ATOM   265  N N   . PRO A 1 32  ? -2.981  -1.920  1.662   1.00 22.63  ? 46  PRO A N   1 
ATOM   266  C CA  . PRO A 1 32  ? -3.885  -2.838  2.359   1.00 23.64  ? 46  PRO A CA  1 
ATOM   267  C C   . PRO A 1 32  ? -4.136  -2.377  3.800   1.00 22.54  ? 46  PRO A C   1 
ATOM   268  O O   . PRO A 1 32  ? -3.206  -2.260  4.595   1.00 22.81  ? 46  PRO A O   1 
ATOM   269  C CB  . PRO A 1 32  ? -3.136  -4.173  2.317   1.00 24.10  ? 46  PRO A CB  1 
ATOM   270  C CG  . PRO A 1 32  ? -1.840  -3.906  1.576   1.00 23.91  ? 46  PRO A CG  1 
ATOM   271  C CD  . PRO A 1 32  ? -1.610  -2.435  1.738   1.00 23.75  ? 46  PRO A CD  1 
ATOM   272  N N   . LEU A 1 33  ? -5.384  -2.057  4.086   1.00 22.92  ? 47  LEU A N   1 
ATOM   273  C CA  . LEU A 1 33  ? -5.788  -1.595  5.419   1.00 25.22  ? 47  LEU A CA  1 
ATOM   274  C C   . LEU A 1 33  ? -6.286  -2.773  6.228   1.00 27.11  ? 47  LEU A C   1 
ATOM   275  O O   . LEU A 1 33  ? -7.210  -3.434  5.804   1.00 26.17  ? 47  LEU A O   1 
ATOM   276  C CB  . LEU A 1 33  ? -6.921  -0.587  5.359   1.00 26.29  ? 47  LEU A CB  1 
ATOM   277  C CG  . LEU A 1 33  ? -6.546  0.845   4.978   1.00 29.94  ? 47  LEU A CG  1 
ATOM   278  C CD1 . LEU A 1 33  ? -7.844  1.619   4.762   1.00 33.40  ? 47  LEU A CD1 1 
ATOM   279  C CD2 . LEU A 1 33  ? -5.698  1.543   6.039   1.00 30.17  ? 47  LEU A CD2 1 
ATOM   280  N N   . VAL A 1 34  ? -5.680  -2.952  7.390   1.00 27.55  ? 48  VAL A N   1 
ATOM   281  C CA  . VAL A 1 34  ? -5.951  -4.040  8.318   1.00 29.19  ? 48  VAL A CA  1 
ATOM   282  C C   . VAL A 1 34  ? -6.387  -3.406  9.644   1.00 29.99  ? 48  VAL A C   1 
ATOM   283  O O   . VAL A 1 34  ? -5.685  -2.537  10.156  1.00 30.41  ? 48  VAL A O   1 
ATOM   284  C CB  . VAL A 1 34  ? -4.646  -4.816  8.559   1.00 30.63  ? 48  VAL A CB  1 
ATOM   285  C CG1 . VAL A 1 34  ? -4.842  -5.913  9.607   1.00 32.05  ? 48  VAL A CG1 1 
ATOM   286  C CG2 . VAL A 1 34  ? -4.129  -5.413  7.245   1.00 34.07  ? 48  VAL A CG2 1 
ATOM   287  N N   . ALA A 1 35  ? -7.526  -3.834  10.190  1.00 28.52  ? 49  ALA A N   1 
ATOM   288  C CA  . ALA A 1 35  ? -7.958  -3.382  11.511  1.00 31.42  ? 49  ALA A CA  1 
ATOM   289  C C   . ALA A 1 35  ? -7.502  -4.382  12.574  1.00 36.95  ? 49  ALA A C   1 
ATOM   290  O O   . ALA A 1 35  ? -7.886  -5.534  12.486  1.00 37.35  ? 49  ALA A O   1 
ATOM   291  C CB  . ALA A 1 35  ? -9.450  -3.209  11.545  1.00 33.87  ? 49  ALA A CB  1 
ATOM   292  N N   . LYS A 1 36  ? -6.644  -3.957  13.513  1.00 37.44  ? 50  LYS A N   1 
ATOM   293  C CA  . LYS A 1 36  ? -6.162  -4.797  14.656  1.00 40.34  ? 50  LYS A CA  1 
ATOM   294  C C   . LYS A 1 36  ? -6.197  -3.937  15.900  1.00 40.22  ? 50  LYS A C   1 
ATOM   295  O O   . LYS A 1 36  ? -5.789  -2.779  15.850  1.00 34.98  ? 50  LYS A O   1 
ATOM   296  C CB  . LYS A 1 36  ? -4.699  -5.246  14.535  1.00 44.08  ? 50  LYS A CB  1 
ATOM   297  C CG  . LYS A 1 36  ? -4.347  -6.193  13.415  1.00 56.12  ? 50  LYS A CG  1 
ATOM   298  C CD  . LYS A 1 36  ? -5.017  -7.562  13.518  1.00 62.64  ? 50  LYS A CD  1 
ATOM   299  C CE  . LYS A 1 36  ? -4.569  -8.491  12.387  1.00 65.51  ? 50  LYS A CE  1 
ATOM   300  N NZ  . LYS A 1 36  ? -5.626  -9.481  12.016  1.00 69.19  ? 50  LYS A NZ  1 
ATOM   301  N N   . GLU A 1 37  ? -6.619  -4.514  17.026  1.00 38.91  ? 51  GLU A N   1 
ATOM   302  C CA  . GLU A 1 37  ? -6.553  -3.852  18.327  1.00 40.55  ? 51  GLU A CA  1 
ATOM   303  C C   . GLU A 1 37  ? -7.243  -2.515  18.322  1.00 36.10  ? 51  GLU A C   1 
ATOM   304  O O   . GLU A 1 37  ? -6.770  -1.572  18.925  1.00 37.06  ? 51  GLU A O   1 
ATOM   305  C CB  . GLU A 1 37  ? -5.099  -3.647  18.758  1.00 47.16  ? 51  GLU A CB  1 
ATOM   306  C CG  . GLU A 1 37  ? -4.261  -4.909  18.758  1.00 54.37  ? 51  GLU A CG  1 
ATOM   307  C CD  . GLU A 1 37  ? -2.802  -4.614  19.030  1.00 64.68  ? 51  GLU A CD  1 
ATOM   308  O OE1 . GLU A 1 37  ? -2.157  -5.425  19.727  1.00 71.87  ? 51  GLU A OE1 1 
ATOM   309  O OE2 . GLU A 1 37  ? -2.300  -3.564  18.558  1.00 72.59  ? 51  GLU A OE2 1 
ATOM   310  N N   . GLY A 1 38  ? -8.362  -2.444  17.628  1.00 32.75  ? 52  GLY A N   1 
ATOM   311  C CA  . GLY A 1 38  ? -9.174  -1.272  17.567  1.00 32.76  ? 52  GLY A CA  1 
ATOM   312  C C   . GLY A 1 38  ? -8.637  -0.130  16.704  1.00 36.65  ? 52  GLY A C   1 
ATOM   313  O O   . GLY A 1 38  ? -9.190  0.979   16.774  1.00 36.46  ? 52  GLY A O   1 
ATOM   314  N N   . LYS A 1 39  ? -7.592  -0.365  15.897  1.00 32.33  ? 53  LYS A N   1 
ATOM   315  C CA  . LYS A 1 39  ? -6.960  0.716   15.095  1.00 35.38  ? 53  LYS A CA  1 
ATOM   316  C C   . LYS A 1 39  ? -6.684  0.203   13.677  1.00 31.78  ? 53  LYS A C   1 
ATOM   317  O O   . LYS A 1 39  ? -6.500  -0.985  13.484  1.00 29.78  ? 53  LYS A O   1 
ATOM   318  C CB  . LYS A 1 39  ? -5.605  1.080   15.682  1.00 37.66  ? 53  LYS A CB  1 
ATOM   319  C CG  . LYS A 1 39  ? -5.629  1.499   17.137  1.00 48.29  ? 53  LYS A CG  1 
ATOM   320  C CD  . LYS A 1 39  ? -4.240  1.719   17.748  1.00 54.35  ? 53  LYS A CD  1 
ATOM   321  C CE  . LYS A 1 39  ? -3.096  0.914   17.112  1.00 56.53  ? 53  LYS A CE  1 
ATOM   322  N NZ  . LYS A 1 39  ? -1.770  1.285   17.682  1.00 58.13  ? 53  LYS A NZ  1 
ATOM   323  N N   . LEU A 1 40  ? -6.627  1.108   12.714  1.00 27.45  ? 54  LEU A N   1 
ATOM   324  C CA  . LEU A 1 40  ? -6.229  0.761   11.344  1.00 26.00  ? 54  LEU A CA  1 
ATOM   325  C C   . LEU A 1 40  ? -4.728  0.754   11.216  1.00 24.92  ? 54  LEU A C   1 
ATOM   326  O O   . LEU A 1 40  ? -4.027  1.590   11.827  1.00 26.52  ? 54  LEU A O   1 
ATOM   327  C CB  . LEU A 1 40  ? -6.830  1.766   10.344  1.00 28.96  ? 54  LEU A CB  1 
ATOM   328  C CG  . LEU A 1 40  ? -8.340  1.705   10.240  1.00 33.17  ? 54  LEU A CG  1 
ATOM   329  C CD1 . LEU A 1 40  ? -8.855  2.886   9.436   1.00 34.85  ? 54  LEU A CD1 1 
ATOM   330  C CD2 . LEU A 1 40  ? -8.767  0.386   9.614   1.00 34.02  ? 54  LEU A CD2 1 
ATOM   331  N N   . HIS A 1 41  ? -4.252  -0.185  10.396  1.00 24.25  ? 55  HIS A N   1 
ATOM   332  C CA  . HIS A 1 41  ? -2.872  -0.391  10.061  1.00 24.77  ? 55  HIS A CA  1 
ATOM   333  C C   . HIS A 1 41  ? -2.756  -0.525  8.534   1.00 24.72  ? 55  HIS A C   1 
ATOM   334  O O   . HIS A 1 41  ? -3.695  -0.894  7.867   1.00 25.38  ? 55  HIS A O   1 
ATOM   335  C CB  . HIS A 1 41  ? -2.363  -1.703  10.658  1.00 26.84  ? 55  HIS A CB  1 
ATOM   336  C CG  . HIS A 1 41  ? -2.394  -1.736  12.139  1.00 24.74  ? 55  HIS A CG  1 
ATOM   337  N ND1 . HIS A 1 41  ? -3.572  -1.819  12.847  1.00 30.89  ? 55  HIS A ND1 1 
ATOM   338  C CD2 . HIS A 1 41  ? -1.404  -1.699  13.050  1.00 28.56  ? 55  HIS A CD2 1 
ATOM   339  C CE1 . HIS A 1 41  ? -3.299  -1.802  14.139  1.00 29.73  ? 55  HIS A CE1 1 
ATOM   340  N NE2 . HIS A 1 41  ? -1.994  -1.730  14.287  1.00 31.45  ? 55  HIS A NE2 1 
ATOM   341  N N   . LEU A 1 42  ? -1.587  -0.211  8.015   1.00 23.97  ? 56  LEU A N   1 
ATOM   342  C CA  . LEU A 1 42  ? -1.216  -0.525  6.665   1.00 23.16  ? 56  LEU A CA  1 
ATOM   343  C C   . LEU A 1 42  ? -0.262  -1.710  6.664   1.00 22.11  ? 56  LEU A C   1 
ATOM   344  O O   . LEU A 1 42  ? 0.634   -1.783  7.481   1.00 25.72  ? 56  LEU A O   1 
ATOM   345  C CB  . LEU A 1 42  ? -0.545  0.673   5.978   1.00 24.61  ? 56  LEU A CB  1 
ATOM   346  C CG  . LEU A 1 42  ? -1.518  1.730   5.409   1.00 26.09  ? 56  LEU A CG  1 
ATOM   347  C CD1 . LEU A 1 42  ? -0.754  3.005   5.043   1.00 27.67  ? 56  LEU A CD1 1 
ATOM   348  C CD2 . LEU A 1 42  ? -2.296  1.183   4.213   1.00 25.38  ? 56  LEU A CD2 1 
ATOM   349  N N   . LEU A 1 43  ? -0.421  -2.570  5.680   1.00 22.23  ? 57  LEU A N   1 
ATOM   350  C CA  . LEU A 1 43  ? 0.450   -3.719  5.469   1.00 23.80  ? 57  LEU A CA  1 
ATOM   351  C C   . LEU A 1 43  ? 1.478   -3.370  4.410   1.00 24.69  ? 57  LEU A C   1 
ATOM   352  O O   . LEU A 1 43  ? 1.111   -2.870  3.340   1.00 24.73  ? 57  LEU A O   1 
ATOM   353  C CB  . LEU A 1 43  ? -0.381  -4.906  5.028   1.00 25.46  ? 57  LEU A CB  1 
ATOM   354  C CG  . LEU A 1 43  ? 0.420   -6.205  4.788   1.00 28.25  ? 57  LEU A CG  1 
ATOM   355  C CD1 . LEU A 1 43  ? -0.434  -7.413  5.105   1.00 31.81  ? 57  LEU A CD1 1 
ATOM   356  C CD2 . LEU A 1 43  ? 0.842   -6.291  3.341   1.00 30.50  ? 57  LEU A CD2 1 
ATOM   357  N N   . PHE A 1 44  ? 2.742   -3.604  4.748   1.00 23.40  ? 58  PHE A N   1 
ATOM   358  C CA  . PHE A 1 44  ? 3.882   -3.378  3.891   1.00 24.21  ? 58  PHE A CA  1 
ATOM   359  C C   . PHE A 1 44  ? 4.637   -4.674  3.686   1.00 27.45  ? 58  PHE A C   1 
ATOM   360  O O   . PHE A 1 44  ? 4.491   -5.637  4.472   1.00 27.23  ? 58  PHE A O   1 
ATOM   361  C CB  . PHE A 1 44  ? 4.844   -2.386  4.516   1.00 24.32  ? 58  PHE A CB  1 
ATOM   362  C CG  . PHE A 1 44  ? 4.256   -1.020  4.766   1.00 25.31  ? 58  PHE A CG  1 
ATOM   363  C CD1 . PHE A 1 44  ? 3.504   -0.773  5.904   1.00 24.15  ? 58  PHE A CD1 1 
ATOM   364  C CD2 . PHE A 1 44  ? 4.445   0.019   3.853   1.00 24.73  ? 58  PHE A CD2 1 
ATOM   365  C CE1 . PHE A 1 44  ? 2.994   0.485   6.154   1.00 25.61  ? 58  PHE A CE1 1 
ATOM   366  C CE2 . PHE A 1 44  ? 3.911   1.274   4.096   1.00 24.74  ? 58  PHE A CE2 1 
ATOM   367  C CZ  . PHE A 1 44  ? 3.195   1.512   5.256   1.00 24.39  ? 58  PHE A CZ  1 
ATOM   368  N N   . THR A 1 45  ? 5.391   -4.718  2.586   1.00 25.75  ? 59  THR A N   1 
ATOM   369  C CA  . THR A 1 45  ? 6.314   -5.814  2.296   1.00 28.15  ? 59  THR A CA  1 
ATOM   370  C C   . THR A 1 45  ? 7.718   -5.270  2.339   1.00 30.69  ? 59  THR A C   1 
ATOM   371  O O   . THR A 1 45  ? 7.930   -4.077  2.145   1.00 32.65  ? 59  THR A O   1 
ATOM   372  C CB  . THR A 1 45  ? 6.124   -6.443  0.900   1.00 28.26  ? 59  THR A CB  1 
ATOM   373  O OG1 . THR A 1 45  ? 6.558   -5.538  -0.122  1.00 31.16  ? 59  THR A OG1 1 
ATOM   374  C CG2 . THR A 1 45  ? 4.711   -6.837  0.637   1.00 27.70  ? 59  THR A CG2 1 
ATOM   375  N N   . VAL A 1 46  ? 8.669   -6.155  2.626   1.00 30.19  ? 60  VAL A N   1 
ATOM   376  C CA  . VAL A 1 46  ? 10.048  -5.912  2.337   1.00 31.61  ? 60  VAL A CA  1 
ATOM   377  C C   . VAL A 1 46  ? 10.385  -6.804  1.156   1.00 32.64  ? 60  VAL A C   1 
ATOM   378  O O   . VAL A 1 46  ? 10.174  -8.013  1.204   1.00 32.45  ? 60  VAL A O   1 
ATOM   379  C CB  . VAL A 1 46  ? 10.962  -6.221  3.540   1.00 32.41  ? 60  VAL A CB  1 
ATOM   380  C CG1 . VAL A 1 46  ? 12.436  -5.968  3.185   1.00 34.20  ? 60  VAL A CG1 1 
ATOM   381  C CG2 . VAL A 1 46  ? 10.520  -5.407  4.733   1.00 32.56  ? 60  VAL A CG2 1 
ATOM   382  N N   . ARG A 1 47  ? 10.874  -6.182  0.091   1.00 32.68  ? 61  ARG A N   1 
ATOM   383  C CA  . ARG A 1 47  ? 11.171  -6.869  -1.163  1.00 35.95  ? 61  ARG A CA  1 
ATOM   384  C C   . ARG A 1 47  ? 12.373  -7.799  -0.966  1.00 36.77  ? 61  ARG A C   1 
ATOM   385  O O   . ARG A 1 47  ? 13.305  -7.495  -0.218  1.00 37.47  ? 61  ARG A O   1 
ATOM   386  C CB  . ARG A 1 47  ? 11.484  -5.859  -2.271  1.00 37.54  ? 61  ARG A CB  1 
ATOM   387  C CG  . ARG A 1 47  ? 10.285  -5.030  -2.684  1.00 41.87  ? 61  ARG A CG  1 
ATOM   388  C CD  . ARG A 1 47  ? 10.716  -3.822  -3.505  1.00 47.12  ? 61  ARG A CD  1 
ATOM   389  N NE  . ARG A 1 47  ? 11.284  -4.249  -4.782  1.00 50.54  ? 61  ARG A NE  1 
ATOM   390  C CZ  . ARG A 1 47  ? 10.575  -4.665  -5.834  1.00 52.98  ? 61  ARG A CZ  1 
ATOM   391  N NH1 . ARG A 1 47  ? 9.244   -4.703  -5.803  1.00 50.84  ? 61  ARG A NH1 1 
ATOM   392  N NH2 . ARG A 1 47  ? 11.210  -5.045  -6.941  1.00 59.50  ? 61  ARG A NH2 1 
ATOM   393  N N   . SER A 1 48  ? 12.322  -8.953  -1.601  1.00 38.10  ? 62  SER A N   1 
ATOM   394  C CA  . SER A 1 48  ? 13.413  -9.911  -1.488  1.00 44.86  ? 62  SER A CA  1 
ATOM   395  C C   . SER A 1 48  ? 14.721  -9.279  -1.966  1.00 46.76  ? 62  SER A C   1 
ATOM   396  O O   . SER A 1 48  ? 14.718  -8.504  -2.929  1.00 44.53  ? 62  SER A O   1 
ATOM   397  C CB  . SER A 1 48  ? 13.140  -11.150 -2.337  1.00 47.75  ? 62  SER A CB  1 
ATOM   398  O OG  . SER A 1 48  ? 14.381  -11.701 -2.749  1.00 52.83  ? 62  SER A OG  1 
ATOM   399  N N   . GLU A 1 49  ? 15.829  -9.643  -1.315  1.00 55.48  ? 63  GLU A N   1 
ATOM   400  C CA  . GLU A 1 49  ? 17.172  -9.194  -1.747  1.00 63.00  ? 63  GLU A CA  1 
ATOM   401  C C   . GLU A 1 49  ? 17.561  -9.698  -3.161  1.00 65.63  ? 63  GLU A C   1 
ATOM   402  O O   . GLU A 1 49  ? 18.403  -9.094  -3.819  1.00 71.62  ? 63  GLU A O   1 
ATOM   403  C CB  . GLU A 1 49  ? 18.244  -9.597  -0.720  1.00 65.52  ? 63  GLU A CB  1 
ATOM   404  C CG  . GLU A 1 49  ? 18.055  -9.026  0.689   1.00 67.94  ? 63  GLU A CG  1 
ATOM   405  C CD  . GLU A 1 49  ? 18.210  -7.503  0.791   1.00 75.06  ? 63  GLU A CD  1 
ATOM   406  O OE1 . GLU A 1 49  ? 18.678  -6.836  -0.168  1.00 78.65  ? 63  GLU A OE1 1 
ATOM   407  O OE2 . GLU A 1 49  ? 17.868  -6.959  1.865   1.00 70.80  ? 63  GLU A OE2 1 
ATOM   408  N N   . LYS A 1 50  ? 16.938  -10.796 -3.605  1.00 72.08  ? 64  LYS A N   1 
ATOM   409  C CA  . LYS A 1 50  ? 17.093  -11.348 -4.962  1.00 76.58  ? 64  LYS A CA  1 
ATOM   410  C C   . LYS A 1 50  ? 16.571  -10.465 -6.100  1.00 75.21  ? 64  LYS A C   1 
ATOM   411  O O   . LYS A 1 50  ? 17.035  -10.595 -7.226  1.00 74.11  ? 64  LYS A O   1 
ATOM   412  C CB  . LYS A 1 50  ? 16.379  -12.714 -5.078  1.00 82.01  ? 64  LYS A CB  1 
ATOM   413  C CG  . LYS A 1 50  ? 17.043  -13.866 -4.334  1.00 88.94  ? 64  LYS A CG  1 
ATOM   414  C CD  . LYS A 1 50  ? 18.228  -14.449 -5.111  1.00 96.97  ? 64  LYS A CD  1 
ATOM   415  C CE  . LYS A 1 50  ? 18.128  -15.962 -5.285  1.00 99.86  ? 64  LYS A CE  1 
ATOM   416  N NZ  . LYS A 1 50  ? 18.251  -16.695 -3.996  1.00 102.33 ? 64  LYS A NZ  1 
ATOM   417  N N   . LEU A 1 51  ? 15.586  -9.607  -5.832  1.00 72.83  ? 65  LEU A N   1 
ATOM   418  C CA  . LEU A 1 51  ? 14.949  -8.834  -6.902  1.00 70.96  ? 65  LEU A CA  1 
ATOM   419  C C   . LEU A 1 51  ? 15.925  -7.784  -7.430  1.00 75.60  ? 65  LEU A C   1 
ATOM   420  O O   . LEU A 1 51  ? 16.749  -7.259  -6.672  1.00 76.27  ? 65  LEU A O   1 
ATOM   421  C CB  . LEU A 1 51  ? 13.652  -8.166  -6.418  1.00 68.63  ? 65  LEU A CB  1 
ATOM   422  C CG  . LEU A 1 51  ? 12.556  -9.066  -5.821  1.00 65.43  ? 65  LEU A CG  1 
ATOM   423  C CD1 . LEU A 1 51  ? 11.270  -8.276  -5.595  1.00 65.21  ? 65  LEU A CD1 1 
ATOM   424  C CD2 . LEU A 1 51  ? 12.288  -10.278 -6.707  1.00 63.24  ? 65  LEU A CD2 1 
ATOM   425  N N   . ARG A 1 52  ? 15.834  -7.496  -8.730  1.00 77.83  ? 66  ARG A N   1 
ATOM   426  C CA  . ARG A 1 52  ? 16.780  -6.590  -9.381  1.00 82.55  ? 66  ARG A CA  1 
ATOM   427  C C   . ARG A 1 52  ? 16.432  -5.135  -9.068  1.00 77.81  ? 66  ARG A C   1 
ATOM   428  O O   . ARG A 1 52  ? 17.307  -4.365  -8.681  1.00 78.40  ? 66  ARG A O   1 
ATOM   429  C CB  . ARG A 1 52  ? 16.849  -6.849  -10.892 1.00 91.15  ? 66  ARG A CB  1 
ATOM   430  C CG  . ARG A 1 52  ? 18.228  -6.586  -11.489 1.00 97.02  ? 66  ARG A CG  1 
ATOM   431  C CD  . ARG A 1 52  ? 18.411  -7.284  -12.828 1.00 104.86 ? 66  ARG A CD  1 
ATOM   432  N NE  . ARG A 1 52  ? 17.399  -6.872  -13.801 1.00 111.80 ? 66  ARG A NE  1 
ATOM   433  C CZ  . ARG A 1 52  ? 17.400  -5.723  -14.483 1.00 113.82 ? 66  ARG A CZ  1 
ATOM   434  N NH1 . ARG A 1 52  ? 18.367  -4.816  -14.323 1.00 115.33 ? 66  ARG A NH1 1 
ATOM   435  N NH2 . ARG A 1 52  ? 16.412  -5.468  -15.338 1.00 113.50 ? 66  ARG A NH2 1 
ATOM   436  N N   . ARG A 1 53  ? 15.159  -4.768  -9.210  1.00 79.13  ? 67  ARG A N   1 
ATOM   437  C CA  . ARG A 1 53  ? 14.689  -3.439  -8.796  1.00 79.02  ? 67  ARG A CA  1 
ATOM   438  C C   . ARG A 1 53  ? 14.449  -3.366  -7.273  1.00 72.90  ? 67  ARG A C   1 
ATOM   439  O O   . ARG A 1 53  ? 13.562  -4.040  -6.749  1.00 65.85  ? 67  ARG A O   1 
ATOM   440  C CB  . ARG A 1 53  ? 13.414  -3.033  -9.554  1.00 82.90  ? 67  ARG A CB  1 
ATOM   441  C CG  . ARG A 1 53  ? 13.108  -1.535  -9.458  1.00 88.02  ? 67  ARG A CG  1 
ATOM   442  C CD  . ARG A 1 53  ? 11.823  -1.148  -10.173 1.00 92.11  ? 67  ARG A CD  1 
ATOM   443  N NE  . ARG A 1 53  ? 10.636  -1.732  -9.541  1.00 95.93  ? 67  ARG A NE  1 
ATOM   444  C CZ  . ARG A 1 53  ? 10.063  -1.302  -8.410  1.00 100.22 ? 67  ARG A CZ  1 
ATOM   445  N NH1 . ARG A 1 53  ? 10.552  -0.260  -7.728  1.00 98.73  ? 67  ARG A NH1 1 
ATOM   446  N NH2 . ARG A 1 53  ? 8.979   -1.929  -7.950  1.00 101.23 ? 67  ARG A NH2 1 
ATOM   447  N N   . ALA A 1 54  ? 15.254  -2.551  -6.588  1.00 69.93  ? 68  ALA A N   1 
ATOM   448  C CA  . ALA A 1 54  ? 15.052  -2.165  -5.178  1.00 66.08  ? 68  ALA A CA  1 
ATOM   449  C C   . ALA A 1 54  ? 14.987  -3.361  -4.213  1.00 65.97  ? 68  ALA A C   1 
ATOM   450  O O   . ALA A 1 54  ? 13.997  -3.531  -3.496  1.00 61.16  ? 68  ALA A O   1 
ATOM   451  C CB  . ALA A 1 54  ? 13.808  -1.286  -5.043  1.00 63.42  ? 68  ALA A CB  1 
ATOM   452  N N   . PRO A 1 55  ? 16.052  -4.186  -4.187  1.00 62.18  ? 69  PRO A N   1 
ATOM   453  C CA  . PRO A 1 55  ? 16.078  -5.322  -3.272  1.00 58.37  ? 69  PRO A CA  1 
ATOM   454  C C   . PRO A 1 55  ? 16.106  -4.844  -1.841  1.00 54.66  ? 69  PRO A C   1 
ATOM   455  O O   . PRO A 1 55  ? 16.776  -3.855  -1.546  1.00 54.79  ? 69  PRO A O   1 
ATOM   456  C CB  . PRO A 1 55  ? 17.399  -6.022  -3.610  1.00 62.31  ? 69  PRO A CB  1 
ATOM   457  C CG  . PRO A 1 55  ? 18.250  -4.958  -4.209  1.00 64.37  ? 69  PRO A CG  1 
ATOM   458  C CD  . PRO A 1 55  ? 17.310  -4.059  -4.949  1.00 62.80  ? 69  PRO A CD  1 
ATOM   459  N N   . GLY A 1 56  ? 15.378  -5.520  -0.959  1.00 49.35  ? 70  GLY A N   1 
ATOM   460  C CA  . GLY A 1 56  ? 15.356  -5.150  0.465   1.00 45.68  ? 70  GLY A CA  1 
ATOM   461  C C   . GLY A 1 56  ? 14.620  -3.875  0.853   1.00 40.47  ? 70  GLY A C   1 
ATOM   462  O O   . GLY A 1 56  ? 14.677  -3.480  2.007   1.00 43.59  ? 70  GLY A O   1 
ATOM   463  N N   . GLU A 1 57  ? 13.924  -3.224  -0.073  1.00 43.37  ? 71  GLU A N   1 
ATOM   464  C CA  . GLU A 1 57  ? 13.194  -2.003  0.268   1.00 42.25  ? 71  GLU A CA  1 
ATOM   465  C C   . GLU A 1 57  ? 11.748  -2.295  0.675   1.00 35.65  ? 71  GLU A C   1 
ATOM   466  O O   . GLU A 1 57  ? 11.165  -3.279  0.238   1.00 34.83  ? 71  GLU A O   1 
ATOM   467  C CB  . GLU A 1 57  ? 13.228  -1.009  -0.886  1.00 50.49  ? 71  GLU A CB  1 
ATOM   468  C CG  . GLU A 1 57  ? 14.639  -0.483  -1.149  1.00 59.36  ? 71  GLU A CG  1 
ATOM   469  C CD  . GLU A 1 57  ? 14.663  0.810   -1.945  1.00 67.66  ? 71  GLU A CD  1 
ATOM   470  O OE1 . GLU A 1 57  ? 13.677  1.110   -2.685  1.00 62.93  ? 71  GLU A OE1 1 
ATOM   471  O OE2 . GLU A 1 57  ? 15.690  1.526   -1.819  1.00 79.69  ? 71  GLU A OE2 1 
ATOM   472  N N   . VAL A 1 58  ? 11.189  -1.384  1.470   1.00 33.58  ? 72  VAL A N   1 
ATOM   473  C CA  . VAL A 1 58  ? 9.825   -1.479  1.933   1.00 31.14  ? 72  VAL A CA  1 
ATOM   474  C C   . VAL A 1 58  ? 8.960   -0.951  0.804   1.00 33.03  ? 72  VAL A C   1 
ATOM   475  O O   . VAL A 1 58  ? 9.226   0.109   0.273   1.00 32.30  ? 72  VAL A O   1 
ATOM   476  C CB  . VAL A 1 58  ? 9.616   -0.701  3.234   1.00 31.12  ? 72  VAL A CB  1 
ATOM   477  C CG1 . VAL A 1 58  ? 8.141   -0.597  3.587   1.00 31.83  ? 72  VAL A CG1 1 
ATOM   478  C CG2 . VAL A 1 58  ? 10.382  -1.364  4.373   1.00 32.87  ? 72  VAL A CG2 1 
ATOM   479  N N   . CYS A 1 59  ? 7.908   -1.694  0.476   1.00 29.63  ? 73  CYS A N   1 
ATOM   480  C CA  . CYS A 1 59  ? 7.062   -1.432  -0.642  1.00 31.90  ? 73  CYS A CA  1 
ATOM   481  C C   . CYS A 1 59  ? 5.651   -1.902  -0.298  1.00 31.49  ? 73  CYS A C   1 
ATOM   482  O O   . CYS A 1 59  ? 5.468   -2.756  0.565   1.00 33.51  ? 73  CYS A O   1 
ATOM   483  C CB  . CYS A 1 59  ? 7.622   -2.284  -1.798  1.00 42.48  ? 73  CYS A CB  1 
ATOM   484  S SG  . CYS A 1 59  ? 7.163   -1.667  -3.397  1.00 64.48  ? 73  CYS A SG  1 
ATOM   485  N N   . PHE A 1 60  ? 4.663   -1.400  -0.998  1.00 27.00  ? 74  PHE A N   1 
ATOM   486  C CA  . PHE A 1 60  ? 3.344   -1.991  -0.953  1.00 26.37  ? 74  PHE A CA  1 
ATOM   487  C C   . PHE A 1 60  ? 3.288   -3.164  -1.916  1.00 28.05  ? 74  PHE A C   1 
ATOM   488  O O   . PHE A 1 60  ? 4.023   -3.190  -2.892  1.00 27.80  ? 74  PHE A O   1 
ATOM   489  C CB  . PHE A 1 60  ? 2.281   -0.979  -1.302  1.00 26.49  ? 74  PHE A CB  1 
ATOM   490  C CG  . PHE A 1 60  ? 2.062   0.052   -0.229  1.00 26.68  ? 74  PHE A CG  1 
ATOM   491  C CD1 . PHE A 1 60  ? 1.520   -0.323  1.000   1.00 23.83  ? 74  PHE A CD1 1 
ATOM   492  C CD2 . PHE A 1 60  ? 2.389   1.387   -0.439  1.00 25.52  ? 74  PHE A CD2 1 
ATOM   493  C CE1 . PHE A 1 60  ? 1.307   0.612   2.006   1.00 25.15  ? 74  PHE A CE1 1 
ATOM   494  C CE2 . PHE A 1 60  ? 2.199   2.328   0.578   1.00 23.58  ? 74  PHE A CE2 1 
ATOM   495  C CZ  . PHE A 1 60  ? 1.632   1.950   1.784   1.00 25.02  ? 74  PHE A CZ  1 
ATOM   496  N N   . PRO A 1 61  ? 2.409   -4.141  -1.651  1.00 26.02  ? 75  PRO A N   1 
ATOM   497  C CA  . PRO A 1 61  ? 2.228   -5.180  -2.674  1.00 26.57  ? 75  PRO A CA  1 
ATOM   498  C C   . PRO A 1 61  ? 1.770   -4.561  -4.010  1.00 27.69  ? 75  PRO A C   1 
ATOM   499  O O   . PRO A 1 61  ? 1.000   -3.605  -4.013  1.00 24.88  ? 75  PRO A O   1 
ATOM   500  C CB  . PRO A 1 61  ? 1.069   -6.022  -2.135  1.00 26.65  ? 75  PRO A CB  1 
ATOM   501  C CG  . PRO A 1 61  ? 0.933   -5.665  -0.705  1.00 27.06  ? 75  PRO A CG  1 
ATOM   502  C CD  . PRO A 1 61  ? 1.536   -4.318  -0.475  1.00 25.15  ? 75  PRO A CD  1 
ATOM   503  N N   . GLY A 1 62  ? 2.187   -5.150  -5.115  1.00 27.46  ? 76  GLY A N   1 
ATOM   504  C CA  . GLY A 1 62  ? 1.829   -4.626  -6.429  1.00 27.63  ? 76  GLY A CA  1 
ATOM   505  C C   . GLY A 1 62  ? 2.827   -5.040  -7.482  1.00 28.26  ? 76  GLY A C   1 
ATOM   506  O O   . GLY A 1 62  ? 3.763   -5.801  -7.217  1.00 26.75  ? 76  GLY A O   1 
ATOM   507  N N   . GLY A 1 63  ? 2.614   -4.539  -8.688  1.00 27.60  ? 77  GLY A N   1 
ATOM   508  C CA  . GLY A 1 63  ? 3.469   -4.897  -9.804  1.00 29.03  ? 77  GLY A CA  1 
ATOM   509  C C   . GLY A 1 63  ? 2.882   -4.477  -11.118 1.00 27.52  ? 77  GLY A C   1 
ATOM   510  O O   . GLY A 1 63  ? 1.925   -3.710  -11.157 1.00 26.15  ? 77  GLY A O   1 
ATOM   511  N N   . LYS A 1 64  ? 3.443   -5.026  -12.191 1.00 28.19  ? 78  LYS A N   1 
ATOM   512  C CA  . LYS A 1 64  ? 3.148   -4.591  -13.567 1.00 28.23  ? 78  LYS A CA  1 
ATOM   513  C C   . LYS A 1 64  ? 1.864   -5.183  -14.090 1.00 26.58  ? 78  LYS A C   1 
ATOM   514  O O   . LYS A 1 64  ? 1.572   -6.354  -13.893 1.00 26.27  ? 78  LYS A O   1 
ATOM   515  C CB  . LYS A 1 64  ? 4.328   -4.965  -14.473 1.00 31.83  ? 78  LYS A CB  1 
ATOM   516  C CG  . LYS A 1 64  ? 4.263   -4.292  -15.836 1.00 37.77  ? 78  LYS A CG  1 
ATOM   517  C CD  . LYS A 1 64  ? 5.613   -4.331  -16.530 1.00 46.31  ? 78  LYS A CD  1 
ATOM   518  C CE  . LYS A 1 64  ? 5.533   -3.921  -18.005 1.00 48.92  ? 78  LYS A CE  1 
ATOM   519  N NZ  . LYS A 1 64  ? 4.640   -2.769  -18.223 1.00 54.10  ? 78  LYS A NZ  1 
ATOM   520  N N   . ARG A 1 65  ? 1.046   -4.388  -14.746 1.00 25.09  ? 79  ARG A N   1 
ATOM   521  C CA  . ARG A 1 65  ? -0.155  -4.914  -15.351 1.00 26.78  ? 79  ARG A CA  1 
ATOM   522  C C   . ARG A 1 65  ? 0.244   -5.962  -16.385 1.00 28.35  ? 79  ARG A C   1 
ATOM   523  O O   . ARG A 1 65  ? 1.321   -5.876  -16.981 1.00 27.87  ? 79  ARG A O   1 
ATOM   524  C CB  . ARG A 1 65  ? -0.966  -3.813  -15.992 1.00 29.65  ? 79  ARG A CB  1 
ATOM   525  C CG  . ARG A 1 65  ? -2.191  -4.292  -16.741 1.00 34.50  ? 79  ARG A CG  1 
ATOM   526  C CD  . ARG A 1 65  ? -3.228  -3.197  -16.828 1.00 36.68  ? 79  ARG A CD  1 
ATOM   527  N NE  . ARG A 1 65  ? -4.442  -3.577  -17.562 1.00 35.74  ? 79  ARG A NE  1 
ATOM   528  C CZ  . ARG A 1 65  ? -5.533  -2.826  -17.635 1.00 37.21  ? 79  ARG A CZ  1 
ATOM   529  N NH1 . ARG A 1 65  ? -5.584  -1.641  -17.023 1.00 37.31  ? 79  ARG A NH1 1 
ATOM   530  N NH2 . ARG A 1 65  ? -6.583  -3.236  -18.347 1.00 39.20  ? 79  ARG A NH2 1 
ATOM   531  N N   . ASP A 1 66  ? -0.595  -6.980  -16.520 1.00 29.64  ? 80  ASP A N   1 
ATOM   532  C CA  . ASP A 1 66  ? -0.418  -7.973  -17.583 1.00 29.24  ? 80  ASP A CA  1 
ATOM   533  C C   . ASP A 1 66  ? -1.708  -8.142  -18.340 1.00 27.03  ? 80  ASP A C   1 
ATOM   534  O O   . ASP A 1 66  ? -2.756  -7.587  -17.939 1.00 27.37  ? 80  ASP A O   1 
ATOM   535  C CB  . ASP A 1 66  ? 0.209   -9.265  -17.031 1.00 30.59  ? 80  ASP A CB  1 
ATOM   536  C CG  . ASP A 1 66  ? -0.791  -10.214 -16.394 1.00 30.29  ? 80  ASP A CG  1 
ATOM   537  O OD1 . ASP A 1 66  ? -2.041  -10.014 -16.444 1.00 31.23  ? 80  ASP A OD1 1 
ATOM   538  O OD2 . ASP A 1 66  ? -0.280  -11.196 -15.825 1.00 32.93  ? 80  ASP A OD2 1 
ATOM   539  N N   . PRO A 1 67  ? -1.678  -8.876  -19.484 1.00 28.72  ? 81  PRO A N   1 
ATOM   540  C CA  . PRO A 1 67  ? -2.897  -8.909  -20.305 1.00 28.23  ? 81  PRO A CA  1 
ATOM   541  C C   . PRO A 1 67  ? -4.096  -9.554  -19.679 1.00 28.69  ? 81  PRO A C   1 
ATOM   542  O O   . PRO A 1 67  ? -5.208  -9.317  -20.124 1.00 30.39  ? 81  PRO A O   1 
ATOM   543  C CB  . PRO A 1 67  ? -2.457  -9.730  -21.536 1.00 32.69  ? 81  PRO A CB  1 
ATOM   544  C CG  . PRO A 1 67  ? -1.009  -9.553  -21.625 1.00 31.27  ? 81  PRO A CG  1 
ATOM   545  C CD  . PRO A 1 67  ? -0.511  -9.413  -20.208 1.00 30.45  ? 81  PRO A CD  1 
ATOM   546  N N   . THR A 1 68  ? -3.907  -10.408 -18.665 1.00 30.20  ? 82  THR A N   1 
ATOM   547  C CA  . THR A 1 68  ? -5.064  -11.045 -17.995 1.00 30.18  ? 82  THR A CA  1 
ATOM   548  C C   . THR A 1 68  ? -5.935  -10.050 -17.189 1.00 33.24  ? 82  THR A C   1 
ATOM   549  O O   . THR A 1 68  ? -7.145  -10.260 -16.980 1.00 32.70  ? 82  THR A O   1 
ATOM   550  C CB  . THR A 1 68  ? -4.635  -12.192 -17.041 1.00 30.14  ? 82  THR A CB  1 
ATOM   551  O OG1 . THR A 1 68  ? -4.058  -11.657 -15.836 1.00 31.08  ? 82  THR A OG1 1 
ATOM   552  C CG2 . THR A 1 68  ? -3.630  -13.081 -17.678 1.00 30.57  ? 82  THR A CG2 1 
ATOM   553  N N   . ASP A 1 69  ? -5.324  -8.954  -16.747 1.00 32.75  ? 83  ASP A N   1 
ATOM   554  C CA  . ASP A 1 69  ? -5.994  -8.042  -15.836 1.00 30.58  ? 83  ASP A CA  1 
ATOM   555  C C   . ASP A 1 69  ? -7.153  -7.344  -16.519 1.00 30.23  ? 83  ASP A C   1 
ATOM   556  O O   . ASP A 1 69  ? -6.962  -6.668  -17.506 1.00 31.77  ? 83  ASP A O   1 
ATOM   557  C CB  . ASP A 1 69  ? -4.987  -6.993  -15.338 1.00 30.15  ? 83  ASP A CB  1 
ATOM   558  C CG  . ASP A 1 69  ? -3.875  -7.594  -14.513 1.00 28.88  ? 83  ASP A CG  1 
ATOM   559  O OD1 . ASP A 1 69  ? -4.146  -8.567  -13.787 1.00 28.87  ? 83  ASP A OD1 1 
ATOM   560  O OD2 . ASP A 1 69  ? -2.724  -7.081  -14.502 1.00 30.49  ? 83  ASP A OD2 1 
ATOM   561  N N   . MET A 1 70  ? -8.357  -7.494  -15.988 1.00 32.19  ? 84  MET A N   1 
ATOM   562  C CA  . MET A 1 70  ? -9.521  -6.764  -16.502 1.00 34.60  ? 84  MET A CA  1 
ATOM   563  C C   . MET A 1 70  ? -9.331  -5.243  -16.369 1.00 35.05  ? 84  MET A C   1 
ATOM   564  O O   . MET A 1 70  ? -9.880  -4.471  -17.153 1.00 33.81  ? 84  MET A O   1 
ATOM   565  C CB  . MET A 1 70  ? -10.793 -7.145  -15.714 1.00 40.05  ? 84  MET A CB  1 
ATOM   566  C CG  . MET A 1 70  ? -11.343 -8.552  -15.938 1.00 49.84  ? 84  MET A CG  1 
ATOM   567  S SD  . MET A 1 70  ? -11.976 -8.863  -17.618 1.00 57.57  ? 84  MET A SD  1 
ATOM   568  C CE  . MET A 1 70  ? -13.233 -7.604  -17.859 1.00 58.14  ? 84  MET A CE  1 
ATOM   569  N N   . ASP A 1 71  ? -8.617  -4.815  -15.328 1.00 31.23  ? 85  ASP A N   1 
ATOM   570  C CA  . ASP A 1 71  ? -8.419  -3.392  -15.056 1.00 31.42  ? 85  ASP A CA  1 
ATOM   571  C C   . ASP A 1 71  ? -7.245  -3.235  -14.094 1.00 28.92  ? 85  ASP A C   1 
ATOM   572  O O   . ASP A 1 71  ? -6.644  -4.233  -13.661 1.00 27.94  ? 85  ASP A O   1 
ATOM   573  C CB  . ASP A 1 71  ? -9.712  -2.786  -14.499 1.00 32.15  ? 85  ASP A CB  1 
ATOM   574  C CG  . ASP A 1 71  ? -10.205 -3.467  -13.228 1.00 32.74  ? 85  ASP A CG  1 
ATOM   575  O OD1 . ASP A 1 71  ? -9.438  -4.145  -12.486 1.00 32.25  ? 85  ASP A OD1 1 
ATOM   576  O OD2 . ASP A 1 71  ? -11.381 -3.270  -12.935 1.00 39.44  ? 85  ASP A OD2 1 
ATOM   577  N N   . ASP A 1 72  ? -6.946  -1.990  -13.721 1.00 28.43  ? 86  ASP A N   1 
ATOM   578  C CA  . ASP A 1 72  ? -5.818  -1.692  -12.850 1.00 26.23  ? 86  ASP A CA  1 
ATOM   579  C C   . ASP A 1 72  ? -5.988  -2.286  -11.455 1.00 23.85  ? 86  ASP A C   1 
ATOM   580  O O   . ASP A 1 72  ? -5.019  -2.664  -10.833 1.00 24.13  ? 86  ASP A O   1 
ATOM   581  C CB  . ASP A 1 72  ? -5.537  -0.189  -12.831 1.00 28.04  ? 86  ASP A CB  1 
ATOM   582  C CG  . ASP A 1 72  ? -4.952  0.300   -14.151 1.00 32.33  ? 86  ASP A CG  1 
ATOM   583  O OD1 . ASP A 1 72  ? -4.202  -0.489  -14.815 1.00 29.18  ? 86  ASP A OD1 1 
ATOM   584  O OD2 . ASP A 1 72  ? -5.251  1.454   -14.538 1.00 31.52  ? 86  ASP A OD2 1 
ATOM   585  N N   . ALA A 1 73  ? -7.210  -2.360  -10.976 1.00 25.01  ? 87  ALA A N   1 
ATOM   586  C CA  . ALA A 1 73  ? -7.444  -2.938  -9.627  1.00 26.29  ? 87  ALA A CA  1 
ATOM   587  C C   . ALA A 1 73  ? -7.075  -4.435  -9.644  1.00 26.57  ? 87  ALA A C   1 
ATOM   588  O O   . ALA A 1 73  ? -6.445  -4.950  -8.713  1.00 25.85  ? 87  ALA A O   1 
ATOM   589  C CB  . ALA A 1 73  ? -8.875  -2.755  -9.233  1.00 25.73  ? 87  ALA A CB  1 
ATOM   590  N N   . ALA A 1 74  ? -7.424  -5.105  -10.743 1.00 26.36  ? 88  ALA A N   1 
ATOM   591  C CA  . ALA A 1 74  ? -7.056  -6.521  -10.904 1.00 28.49  ? 88  ALA A CA  1 
ATOM   592  C C   . ALA A 1 74  ? -5.567  -6.757  -10.839 1.00 27.02  ? 88  ALA A C   1 
ATOM   593  O O   . ALA A 1 74  ? -5.137  -7.721  -10.213 1.00 24.34  ? 88  ALA A O   1 
ATOM   594  C CB  . ALA A 1 74  ? -7.666  -7.114  -12.173 1.00 30.52  ? 88  ALA A CB  1 
ATOM   595  N N   . THR A 1 75  ? -4.760  -5.854  -11.423 1.00 24.77  ? 89  THR A N   1 
ATOM   596  C CA  . THR A 1 75  ? -3.331  -5.943  -11.308 1.00 24.84  ? 89  THR A CA  1 
ATOM   597  C C   . THR A 1 75  ? -2.864  -5.977  -9.843  1.00 26.25  ? 89  THR A C   1 
ATOM   598  O O   . THR A 1 75  ? -2.019  -6.837  -9.434  1.00 24.60  ? 89  THR A O   1 
ATOM   599  C CB  . THR A 1 75  ? -2.649  -4.744  -12.017 1.00 24.47  ? 89  THR A CB  1 
ATOM   600  O OG1 . THR A 1 75  ? -3.106  -4.673  -13.375 1.00 24.38  ? 89  THR A OG1 1 
ATOM   601  C CG2 . THR A 1 75  ? -1.178  -4.888  -11.975 1.00 24.55  ? 89  THR A CG2 1 
ATOM   602  N N   . ALA A 1 76  ? -3.377  -5.011  -9.071  1.00 25.00  ? 90  ALA A N   1 
ATOM   603  C CA  . ALA A 1 76  ? -3.023  -4.916  -7.663  1.00 25.56  ? 90  ALA A CA  1 
ATOM   604  C C   . ALA A 1 76  ? -3.397  -6.221  -6.905  1.00 22.72  ? 90  ALA A C   1 
ATOM   605  O O   . ALA A 1 76  ? -2.588  -6.710  -6.137  1.00 24.41  ? 90  ALA A O   1 
ATOM   606  C CB  . ALA A 1 76  ? -3.677  -3.693  -7.015  1.00 24.60  ? 90  ALA A CB  1 
ATOM   607  N N   . LEU A 1 77  ? -4.588  -6.750  -7.148  1.00 24.46  ? 91  LEU A N   1 
ATOM   608  C CA  . LEU A 1 77  ? -5.063  -7.968  -6.457  1.00 27.97  ? 91  LEU A CA  1 
ATOM   609  C C   . LEU A 1 77  ? -4.270  -9.206  -6.866  1.00 27.61  ? 91  LEU A C   1 
ATOM   610  O O   . LEU A 1 77  ? -3.873  -9.979  -6.014  1.00 24.90  ? 91  LEU A O   1 
ATOM   611  C CB  . LEU A 1 77  ? -6.549  -8.195  -6.706  1.00 28.91  ? 91  LEU A CB  1 
ATOM   612  C CG  . LEU A 1 77  ? -7.508  -7.112  -6.166  1.00 32.00  ? 91  LEU A CG  1 
ATOM   613  C CD1 . LEU A 1 77  ? -8.959  -7.597  -6.214  1.00 34.54  ? 91  LEU A CD1 1 
ATOM   614  C CD2 . LEU A 1 77  ? -7.113  -6.692  -4.761  1.00 34.17  ? 91  LEU A CD2 1 
ATOM   615  N N   . ARG A 1 78  ? -3.967  -9.337  -8.163  1.00 27.88  ? 92  ARG A N   1 
ATOM   616  C CA  . ARG A 1 78  ? -3.138  -10.457 -8.666  1.00 26.45  ? 92  ARG A CA  1 
ATOM   617  C C   . ARG A 1 78  ? -1.786  -10.493 -8.049  1.00 27.71  ? 92  ARG A C   1 
ATOM   618  O O   . ARG A 1 78  ? -1.318  -11.533 -7.567  1.00 26.37  ? 92  ARG A O   1 
ATOM   619  C CB  . ARG A 1 78  ? -3.032  -10.424 -10.204 1.00 27.88  ? 92  ARG A CB  1 
ATOM   620  C CG  . ARG A 1 78  ? -2.236  -11.610 -10.785 1.00 29.46  ? 92  ARG A CG  1 
ATOM   621  C CD  . ARG A 1 78  ? -2.225  -11.617 -12.311 1.00 30.33  ? 92  ARG A CD  1 
ATOM   622  N NE  . ARG A 1 78  ? -1.891  -10.293 -12.842 1.00 27.93  ? 92  ARG A NE  1 
ATOM   623  C CZ  . ARG A 1 78  ? -0.688  -9.726  -12.838 1.00 27.08  ? 92  ARG A CZ  1 
ATOM   624  N NH1 . ARG A 1 78  ? 0.390   -10.341 -12.356 1.00 30.59  ? 92  ARG A NH1 1 
ATOM   625  N NH2 . ARG A 1 78  ? -0.563  -8.485  -13.332 1.00 30.34  ? 92  ARG A NH2 1 
ATOM   626  N N   . GLU A 1 79  ? -1.139  -9.328  -8.028  1.00 26.82  ? 93  GLU A N   1 
ATOM   627  C CA  . GLU A 1 79  ? 0.179   -9.197  -7.488  1.00 26.96  ? 93  GLU A CA  1 
ATOM   628  C C   . GLU A 1 79  ? 0.216   -9.400  -5.968  1.00 27.52  ? 93  GLU A C   1 
ATOM   629  O O   . GLU A 1 79  ? 1.132   -10.060 -5.465  1.00 27.89  ? 93  GLU A O   1 
ATOM   630  C CB  . GLU A 1 79  ? 0.805   -7.843  -7.898  1.00 29.23  ? 93  GLU A CB  1 
ATOM   631  C CG  . GLU A 1 79  ? 1.139   -7.776  -9.391  1.00 32.65  ? 93  GLU A CG  1 
ATOM   632  C CD  . GLU A 1 79  ? 2.431   -8.501  -9.789  1.00 34.97  ? 93  GLU A CD  1 
ATOM   633  O OE1 . GLU A 1 79  ? 3.293   -8.735  -8.957  1.00 44.92  ? 93  GLU A OE1 1 
ATOM   634  O OE2 . GLU A 1 79  ? 2.604   -8.795  -10.975 1.00 46.80  ? 93  GLU A OE2 1 
ATOM   635  N N   . ALA A 1 80  ? -0.767  -8.859  -5.250  1.00 25.20  ? 94  ALA A N   1 
ATOM   636  C CA  . ALA A 1 80  ? -0.866  -9.093  -3.825  1.00 27.40  ? 94  ALA A CA  1 
ATOM   637  C C   . ALA A 1 80  ? -1.034  -10.599 -3.495  1.00 27.11  ? 94  ALA A C   1 
ATOM   638  O O   . ALA A 1 80  ? -0.460  -11.082 -2.520  1.00 30.19  ? 94  ALA A O   1 
ATOM   639  C CB  . ALA A 1 80  ? -2.029  -8.325  -3.247  1.00 26.75  ? 94  ALA A CB  1 
ATOM   640  N N   . GLN A 1 81  ? -1.837  -11.296 -4.273  1.00 27.00  ? 95  GLN A N   1 
ATOM   641  C CA  . GLN A 1 81  ? -1.989  -12.759 -4.115  1.00 30.68  ? 95  GLN A CA  1 
ATOM   642  C C   . GLN A 1 81  ? -0.652  -13.480 -4.292  1.00 33.09  ? 95  GLN A C   1 
ATOM   643  O O   . GLN A 1 81  ? -0.233  -14.263 -3.436  1.00 28.32  ? 95  GLN A O   1 
ATOM   644  C CB  . GLN A 1 81  ? -3.054  -13.327 -5.052  1.00 33.10  ? 95  GLN A CB  1 
ATOM   645  C CG  . GLN A 1 81  ? -3.368  -14.805 -4.757  1.00 38.83  ? 95  GLN A CG  1 
ATOM   646  C CD  . GLN A 1 81  ? -4.658  -15.319 -5.384  1.00 41.71  ? 95  GLN A CD  1 
ATOM   647  O OE1 . GLN A 1 81  ? -5.349  -14.623 -6.112  1.00 52.17  ? 95  GLN A OE1 1 
ATOM   648  N NE2 . GLN A 1 81  ? -4.987  -16.555 -5.087  1.00 53.21  ? 95  GLN A NE2 1 
ATOM   649  N N   . GLU A 1 82  ? 0.044   -13.143 -5.371  1.00 32.08  ? 96  GLU A N   1 
ATOM   650  C CA  . GLU A 1 82  ? 1.333   -13.721 -5.687  1.00 32.90  ? 96  GLU A CA  1 
ATOM   651  C C   . GLU A 1 82  ? 2.362   -13.441 -4.613  1.00 30.82  ? 96  GLU A C   1 
ATOM   652  O O   . GLU A 1 82  ? 3.182   -14.293 -4.292  1.00 30.44  ? 96  GLU A O   1 
ATOM   653  C CB  . GLU A 1 82  ? 1.813   -13.172 -7.055  1.00 38.49  ? 96  GLU A CB  1 
ATOM   654  C CG  . GLU A 1 82  ? 3.249   -13.495 -7.425  1.00 49.27  ? 96  GLU A CG  1 
ATOM   655  C CD  . GLU A 1 82  ? 3.505   -14.982 -7.581  1.00 59.90  ? 96  GLU A CD  1 
ATOM   656  O OE1 . GLU A 1 82  ? 2.535   -15.734 -7.847  1.00 66.51  ? 96  GLU A OE1 1 
ATOM   657  O OE2 . GLU A 1 82  ? 4.686   -15.394 -7.457  1.00 73.97  ? 96  GLU A OE2 1 
ATOM   658  N N   . GLU A 1 83  ? 2.351   -12.240 -4.054  1.00 28.12  ? 97  GLU A N   1 
ATOM   659  C CA  . GLU A 1 83  ? 3.369   -11.819 -3.096  1.00 29.31  ? 97  GLU A CA  1 
ATOM   660  C C   . GLU A 1 83  ? 3.100   -12.225 -1.661  1.00 29.78  ? 97  GLU A C   1 
ATOM   661  O O   . GLU A 1 83  ? 4.039   -12.576 -0.936  1.00 29.55  ? 97  GLU A O   1 
ATOM   662  C CB  . GLU A 1 83  ? 3.570   -10.286 -3.189  1.00 31.31  ? 97  GLU A CB  1 
ATOM   663  C CG  . GLU A 1 83  ? 4.209   -9.932  -4.542  1.00 31.86  ? 97  GLU A CG  1 
ATOM   664  C CD  . GLU A 1 83  ? 3.934   -8.536  -5.086  1.00 39.16  ? 97  GLU A CD  1 
ATOM   665  O OE1 . GLU A 1 83  ? 3.373   -7.728  -4.350  1.00 36.38  ? 97  GLU A OE1 1 
ATOM   666  O OE2 . GLU A 1 83  ? 4.300   -8.275  -6.278  1.00 39.12  ? 97  GLU A OE2 1 
ATOM   667  N N   . VAL A 1 84  ? 1.858   -12.100 -1.208  1.00 28.72  ? 98  VAL A N   1 
ATOM   668  C CA  . VAL A 1 84  ? 1.550   -12.345 0.223   1.00 30.13  ? 98  VAL A CA  1 
ATOM   669  C C   . VAL A 1 84  ? 0.397   -13.312 0.476   1.00 31.21  ? 98  VAL A C   1 
ATOM   670  O O   . VAL A 1 84  ? 0.001   -13.514 1.641   1.00 33.30  ? 98  VAL A O   1 
ATOM   671  C CB  . VAL A 1 84  ? 1.320   -11.029 0.988   1.00 28.53  ? 98  VAL A CB  1 
ATOM   672  C CG1 . VAL A 1 84  ? 2.524   -10.126 0.812   1.00 31.42  ? 98  VAL A CG1 1 
ATOM   673  C CG2 . VAL A 1 84  ? 0.053   -10.304 0.528   1.00 28.60  ? 98  VAL A CG2 1 
ATOM   674  N N   . GLY A 1 85  ? -0.116  -13.921 -0.587  1.00 29.96  ? 99  GLY A N   1 
ATOM   675  C CA  . GLY A 1 85  ? -1.191  -14.905 -0.485  1.00 30.99  ? 99  GLY A CA  1 
ATOM   676  C C   . GLY A 1 85  ? -2.576  -14.335 -0.289  1.00 34.10  ? 99  GLY A C   1 
ATOM   677  O O   . GLY A 1 85  ? -3.547  -15.098 -0.095  1.00 33.45  ? 99  GLY A O   1 
ATOM   678  N N   . LEU A 1 86  ? -2.718  -13.008 -0.402  1.00 29.67  ? 100 LEU A N   1 
ATOM   679  C CA  . LEU A 1 86  ? -4.031  -12.384 -0.268  1.00 28.42  ? 100 LEU A CA  1 
ATOM   680  C C   . LEU A 1 86  ? -4.952  -12.802 -1.369  1.00 30.85  ? 100 LEU A C   1 
ATOM   681  O O   . LEU A 1 86  ? -4.668  -12.560 -2.557  1.00 31.71  ? 100 LEU A O   1 
ATOM   682  C CB  . LEU A 1 86  ? -3.844  -10.861 -0.262  1.00 30.73  ? 100 LEU A CB  1 
ATOM   683  C CG  . LEU A 1 86  ? -5.102  -10.022 -0.085  1.00 29.60  ? 100 LEU A CG  1 
ATOM   684  C CD1 . LEU A 1 86  ? -5.655  -10.142 1.341   1.00 30.33  ? 100 LEU A CD1 1 
ATOM   685  C CD2 . LEU A 1 86  ? -4.790  -8.572  -0.441  1.00 30.50  ? 100 LEU A CD2 1 
ATOM   686  N N   . ARG A 1 87  ? -6.088  -13.388 -1.012  1.00 30.40  ? 101 ARG A N   1 
ATOM   687  C CA  . ARG A 1 87  ? -7.032  -13.887 -1.985  1.00 35.42  ? 101 ARG A CA  1 
ATOM   688  C C   . ARG A 1 87  ? -8.116  -12.829 -2.233  1.00 37.45  ? 101 ARG A C   1 
ATOM   689  O O   . ARG A 1 87  ? -8.394  -12.010 -1.352  1.00 36.20  ? 101 ARG A O   1 
ATOM   690  C CB  . ARG A 1 87  ? -7.618  -15.239 -1.552  1.00 42.17  ? 101 ARG A CB  1 
ATOM   691  C CG  . ARG A 1 87  ? -6.606  -16.383 -1.705  1.00 48.05  ? 101 ARG A CG  1 
ATOM   692  C CD  . ARG A 1 87  ? -6.896  -17.549 -0.779  1.00 59.07  ? 101 ARG A CD  1 
ATOM   693  N NE  . ARG A 1 87  ? -8.090  -18.300 -1.192  1.00 70.57  ? 101 ARG A NE  1 
ATOM   694  C CZ  . ARG A 1 87  ? -8.754  -19.200 -0.445  1.00 77.31  ? 101 ARG A CZ  1 
ATOM   695  N NH1 . ARG A 1 87  ? -8.366  -19.499 0.803   1.00 75.54  ? 101 ARG A NH1 1 
ATOM   696  N NH2 . ARG A 1 87  ? -9.835  -19.806 -0.955  1.00 75.68  ? 101 ARG A NH2 1 
HETATM 697  N N   . HYP A 1 88  ? -8.699  -12.799 -3.445  1.00 44.02  ? 102 HYP A N   1 
HETATM 698  C CA  . HYP A 1 88  ? -9.617  -11.690 -3.743  1.00 44.76  ? 102 HYP A CA  1 
HETATM 699  C C   . HYP A 1 88  ? -10.813 -11.565 -2.860  1.00 40.10  ? 102 HYP A C   1 
HETATM 700  O O   . HYP A 1 88  ? -11.244 -10.442 -2.599  1.00 38.78  ? 102 HYP A O   1 
HETATM 701  C CB  . HYP A 1 88  ? -9.979  -11.840 -5.225  1.00 48.68  ? 102 HYP A CB  1 
HETATM 702  C CG  . HYP A 1 88  ? -8.739  -12.524 -5.781  1.00 52.00  ? 102 HYP A CG  1 
HETATM 703  C CD  . HYP A 1 88  ? -8.350  -13.512 -4.692  1.00 48.92  ? 102 HYP A CD  1 
HETATM 704  O OD1 . HYP A 1 88  ? -7.657  -11.578 -5.894  1.00 60.77  ? 102 HYP A OD1 1 
ATOM   705  N N   . HIS A 1 89  ? -11.320 -12.676 -2.333  1.00 35.77  ? 103 HIS A N   1 
ATOM   706  C CA  . HIS A 1 89  ? -12.417 -12.612 -1.391  1.00 35.61  ? 103 HIS A CA  1 
ATOM   707  C C   . HIS A 1 89  ? -11.993 -11.975 -0.057  1.00 30.40  ? 103 HIS A C   1 
ATOM   708  O O   . HIS A 1 89  ? -12.844 -11.653 0.753   1.00 30.00  ? 103 HIS A O   1 
ATOM   709  C CB  . HIS A 1 89  ? -13.074 -13.998 -1.157  1.00 38.04  ? 103 HIS A CB  1 
ATOM   710  C CG  . HIS A 1 89  ? -12.235 -14.954 -0.351  1.00 36.98  ? 103 HIS A CG  1 
ATOM   711  N ND1 . HIS A 1 89  ? -12.315 -15.032 1.020   1.00 38.70  ? 103 HIS A ND1 1 
ATOM   712  C CD2 . HIS A 1 89  ? -11.317 -15.878 -0.726  1.00 35.38  ? 103 HIS A CD2 1 
ATOM   713  C CE1 . HIS A 1 89  ? -11.465 -15.947 1.457   1.00 37.06  ? 103 HIS A CE1 1 
ATOM   714  N NE2 . HIS A 1 89  ? -10.852 -16.480 0.417   1.00 36.60  ? 103 HIS A NE2 1 
ATOM   715  N N   . GLN A 1 90  ? -10.694 -11.825 0.176   1.00 28.14  ? 104 GLN A N   1 
ATOM   716  C CA  . GLN A 1 90  ? -10.182 -11.278 1.423   1.00 27.74  ? 104 GLN A CA  1 
ATOM   717  C C   . GLN A 1 90  ? -9.921  -9.788  1.373   1.00 27.25  ? 104 GLN A C   1 
ATOM   718  O O   . GLN A 1 90  ? -9.408  -9.223  2.341   1.00 25.74  ? 104 GLN A O   1 
ATOM   719  C CB  . GLN A 1 90  ? -8.909  -12.003 1.831   1.00 29.35  ? 104 GLN A CB  1 
ATOM   720  C CG  . GLN A 1 90  ? -9.063  -13.523 1.946   1.00 31.42  ? 104 GLN A CG  1 
ATOM   721  C CD  . GLN A 1 90  ? -7.807  -14.185 2.469   1.00 33.77  ? 104 GLN A CD  1 
ATOM   722  O OE1 . GLN A 1 90  ? -7.773  -14.700 3.601   1.00 36.34  ? 104 GLN A OE1 1 
ATOM   723  N NE2 . GLN A 1 90  ? -6.753  -14.134 1.688   1.00 27.24  ? 104 GLN A NE2 1 
ATOM   724  N N   . VAL A 1 91  ? -10.274 -9.156  0.255   1.00 27.68  ? 105 VAL A N   1 
ATOM   725  C CA  . VAL A 1 91  ? -10.056 -7.748  0.062   1.00 27.64  ? 105 VAL A CA  1 
ATOM   726  C C   . VAL A 1 91  ? -11.238 -7.057  -0.637  1.00 28.48  ? 105 VAL A C   1 
ATOM   727  O O   . VAL A 1 91  ? -11.834 -7.560  -1.600  1.00 28.95  ? 105 VAL A O   1 
ATOM   728  C CB  . VAL A 1 91  ? -8.686  -7.485  -0.615  1.00 30.62  ? 105 VAL A CB  1 
ATOM   729  C CG1 . VAL A 1 91  ? -8.468  -8.385  -1.803  1.00 34.98  ? 105 VAL A CG1 1 
ATOM   730  C CG2 . VAL A 1 91  ? -8.526  -6.008  -1.015  1.00 30.32  ? 105 VAL A CG2 1 
ATOM   731  N N   . GLU A 1 92  ? -11.595 -5.905  -0.101  1.00 27.44  ? 106 GLU A N   1 
ATOM   732  C CA  . GLU A 1 92  ? -12.568 -5.045  -0.714  1.00 29.92  ? 106 GLU A CA  1 
ATOM   733  C C   . GLU A 1 92  ? -11.800 -3.803  -1.169  1.00 26.83  ? 106 GLU A C   1 
ATOM   734  O O   . GLU A 1 92  ? -11.289 -3.059  -0.341  1.00 25.01  ? 106 GLU A O   1 
ATOM   735  C CB  . GLU A 1 92  ? -13.639 -4.668  0.299   1.00 32.36  ? 106 GLU A CB  1 
ATOM   736  C CG  . GLU A 1 92  ? -14.774 -3.808  -0.276  1.00 37.08  ? 106 GLU A CG  1 
ATOM   737  C CD  . GLU A 1 92  ? -15.734 -3.306  0.804   1.00 41.98  ? 106 GLU A CD  1 
ATOM   738  O OE1 . GLU A 1 92  ? -15.540 -3.610  2.013   1.00 42.98  ? 106 GLU A OE1 1 
ATOM   739  O OE2 . GLU A 1 92  ? -16.681 -2.586  0.435   1.00 45.08  ? 106 GLU A OE2 1 
ATOM   740  N N   . VAL A 1 93  ? -11.726 -3.617  -2.479  1.00 25.87  ? 107 VAL A N   1 
ATOM   741  C CA  . VAL A 1 93  ? -11.087 -2.466  -3.084  1.00 28.46  ? 107 VAL A CA  1 
ATOM   742  C C   . VAL A 1 93  ? -12.087 -1.324  -2.965  1.00 30.68  ? 107 VAL A C   1 
ATOM   743  O O   . VAL A 1 93  ? -13.203 -1.420  -3.428  1.00 29.62  ? 107 VAL A O   1 
ATOM   744  C CB  . VAL A 1 93  ? -10.722 -2.739  -4.548  1.00 30.81  ? 107 VAL A CB  1 
ATOM   745  C CG1 . VAL A 1 93  ? -10.163 -1.493  -5.204  1.00 31.61  ? 107 VAL A CG1 1 
ATOM   746  C CG2 . VAL A 1 93  ? -9.734  -3.888  -4.598  1.00 32.38  ? 107 VAL A CG2 1 
ATOM   747  N N   . VAL A 1 94  ? -11.690 -0.277  -2.266  1.00 31.71  ? 108 VAL A N   1 
ATOM   748  C CA  . VAL A 1 94  ? -12.585 0.801   -1.934  1.00 33.07  ? 108 VAL A CA  1 
ATOM   749  C C   . VAL A 1 94  ? -12.390 1.955   -2.898  1.00 33.39  ? 108 VAL A C   1 
ATOM   750  O O   . VAL A 1 94  ? -13.354 2.638   -3.234  1.00 36.07  ? 108 VAL A O   1 
ATOM   751  C CB  . VAL A 1 94  ? -12.325 1.295   -0.504  1.00 35.55  ? 108 VAL A CB  1 
ATOM   752  C CG1 . VAL A 1 94  ? -13.227 2.473   -0.198  1.00 41.59  ? 108 VAL A CG1 1 
ATOM   753  C CG2 . VAL A 1 94  ? -12.575 0.176   0.481   1.00 41.11  ? 108 VAL A CG2 1 
HETATM 754  N N   . CSO A 1 95  ? -11.152 2.217   -3.298  1.00 30.50  ? 109 CSO A N   1 
HETATM 755  C CA  . CSO A 1 95  ? -10.929 3.312   -4.221  1.00 30.89  ? 109 CSO A CA  1 
HETATM 756  C CB  . CSO A 1 95  ? -11.104 4.627   -3.493  1.00 32.64  ? 109 CSO A CB  1 
HETATM 757  S SG  . CSO A 1 95  ? -9.820  4.839   -2.324  1.00 36.61  ? 109 CSO A SG  1 
HETATM 758  C C   . CSO A 1 95  ? -9.586  3.271   -4.835  1.00 29.66  ? 109 CSO A C   1 
HETATM 759  O O   . CSO A 1 95  ? -8.699  2.505   -4.451  1.00 27.51  ? 109 CSO A O   1 
HETATM 760  O OD  . CSO A 1 95  ? -9.384  6.367   -2.998  1.00 44.02  ? 109 CSO A OD  1 
ATOM   761  N N   . CYS A 1 96  ? -9.466  4.123   -5.834  1.00 28.79  ? 110 CYS A N   1 
ATOM   762  C CA  . CYS A 1 96  ? -8.276  4.368   -6.568  1.00 29.29  ? 110 CYS A CA  1 
ATOM   763  C C   . CYS A 1 96  ? -7.824  5.796   -6.241  1.00 29.95  ? 110 CYS A C   1 
ATOM   764  O O   . CYS A 1 96  ? -8.563  6.742   -6.472  1.00 32.29  ? 110 CYS A O   1 
ATOM   765  C CB  . CYS A 1 96  ? -8.662  4.251   -8.035  1.00 38.43  ? 110 CYS A CB  1 
ATOM   766  S SG  . CYS A 1 96  ? -7.345  4.613   -9.121  1.00 44.92  ? 110 CYS A SG  1 
ATOM   767  N N   . LEU A 1 97  ? -6.653  5.928   -5.652  1.00 28.67  ? 111 LEU A N   1 
ATOM   768  C CA  . LEU A 1 97  ? -6.068  7.208   -5.338  1.00 31.86  ? 111 LEU A CA  1 
ATOM   769  C C   . LEU A 1 97  ? -5.291  7.750   -6.532  1.00 35.73  ? 111 LEU A C   1 
ATOM   770  O O   . LEU A 1 97  ? -5.163  7.092   -7.584  1.00 32.57  ? 111 LEU A O   1 
ATOM   771  C CB  . LEU A 1 97  ? -5.158  7.120   -4.119  1.00 30.58  ? 111 LEU A CB  1 
ATOM   772  C CG  . LEU A 1 97  ? -5.890  6.837   -2.807  1.00 34.23  ? 111 LEU A CG  1 
ATOM   773  C CD1 . LEU A 1 97  ? -4.898  6.743   -1.677  1.00 36.88  ? 111 LEU A CD1 1 
ATOM   774  C CD2 . LEU A 1 97  ? -6.952  7.850   -2.457  1.00 35.30  ? 111 LEU A CD2 1 
ATOM   775  N N   . VAL A 1 98  ? -4.820  8.978   -6.364  1.00 36.25  ? 112 VAL A N   1 
ATOM   776  C CA  . VAL A 1 98  ? -4.017  9.646   -7.368  1.00 38.12  ? 112 VAL A CA  1 
ATOM   777  C C   . VAL A 1 98  ? -2.840  8.826   -7.864  1.00 33.72  ? 112 VAL A C   1 
ATOM   778  O O   . VAL A 1 98  ? -1.997  8.428   -7.083  1.00 32.81  ? 112 VAL A O   1 
ATOM   779  C CB  . VAL A 1 98  ? -3.499  11.039  -6.897  1.00 40.80  ? 112 VAL A CB  1 
ATOM   780  C CG1 . VAL A 1 98  ? -4.654  12.026  -6.904  1.00 45.71  ? 112 VAL A CG1 1 
ATOM   781  C CG2 . VAL A 1 98  ? -2.802  10.996  -5.540  1.00 41.54  ? 112 VAL A CG2 1 
ATOM   782  N N   . PRO A 1 99  ? -2.745  8.630   -9.187  1.00 32.03  ? 113 PRO A N   1 
ATOM   783  C CA  . PRO A 1 99  ? -1.616  7.845   -9.709  1.00 31.67  ? 113 PRO A CA  1 
ATOM   784  C C   . PRO A 1 99  ? -0.313  8.578   -9.587  1.00 30.60  ? 113 PRO A C   1 
ATOM   785  O O   . PRO A 1 99  ? -0.337  9.830   -9.492  1.00 34.42  ? 113 PRO A O   1 
ATOM   786  C CB  . PRO A 1 99  ? -1.987  7.583   -11.168 1.00 33.69  ? 113 PRO A CB  1 
ATOM   787  C CG  . PRO A 1 99  ? -3.018  8.567   -11.499 1.00 37.60  ? 113 PRO A CG  1 
ATOM   788  C CD  . PRO A 1 99  ? -3.749  8.900   -10.218 1.00 36.36  ? 113 PRO A CD  1 
ATOM   789  N N   A CYS A 1 100 ? 0.776   7.831   -9.547  0.22 23.29  ? 114 CYS A N   1 
ATOM   790  N N   B CYS A 1 100 ? 0.777   7.824   -9.530  0.18 25.79  ? 114 CYS A N   1 
ATOM   791  C CA  A CYS A 1 100 ? 2.108   8.352   -9.373  0.22 22.74  ? 114 CYS A CA  1 
ATOM   792  C CA  B CYS A 1 100 ? 2.124   8.336   -9.402  0.18 25.98  ? 114 CYS A CA  1 
ATOM   793  C C   A CYS A 1 100 ? 2.804   8.231   -10.747 0.22 23.57  ? 114 CYS A C   1 
ATOM   794  C C   B CYS A 1 100 ? 2.773   8.236   -10.779 0.18 25.67  ? 114 CYS A C   1 
ATOM   795  O O   A CYS A 1 100 ? 2.867   7.162   -11.327 0.22 18.89  ? 114 CYS A O   1 
ATOM   796  O O   B CYS A 1 100 ? 2.790   7.176   -11.384 0.18 21.16  ? 114 CYS A O   1 
ATOM   797  C CB  A CYS A 1 100 ? 2.814   7.539   -8.262  0.22 20.44  ? 114 CYS A CB  1 
ATOM   798  C CB  B CYS A 1 100 ? 2.898   7.477   -8.390  0.18 25.07  ? 114 CYS A CB  1 
ATOM   799  S SG  A CYS A 1 100 ? 1.806   7.362   -6.730  0.22 20.62  ? 114 CYS A SG  1 
ATOM   800  S SG  B CYS A 1 100 ? 4.620   7.937   -8.117  0.18 29.34  ? 114 CYS A SG  1 
ATOM   801  N N   . LEU A 1 101 ? 3.276   9.353   -11.283 1.00 29.05  ? 115 LEU A N   1 
ATOM   802  C CA  . LEU A 1 101 ? 4.034   9.371   -12.557 1.00 31.91  ? 115 LEU A CA  1 
ATOM   803  C C   . LEU A 1 101 ? 5.486   9.203   -12.273 1.00 34.37  ? 115 LEU A C   1 
ATOM   804  O O   . LEU A 1 101 ? 6.024   9.949   -11.485 1.00 35.37  ? 115 LEU A O   1 
ATOM   805  C CB  . LEU A 1 101 ? 3.862   10.707  -13.298 1.00 34.99  ? 115 LEU A CB  1 
ATOM   806  C CG  . LEU A 1 101 ? 2.445   11.084  -13.681 1.00 39.07  ? 115 LEU A CG  1 
ATOM   807  C CD1 . LEU A 1 101 ? 2.399   12.485  -14.280 1.00 40.52  ? 115 LEU A CD1 1 
ATOM   808  C CD2 . LEU A 1 101 ? 1.886   10.046  -14.647 1.00 43.08  ? 115 LEU A CD2 1 
ATOM   809  N N   . ILE A 1 102 ? 6.150   8.254   -12.928 1.00 37.01  ? 116 ILE A N   1 
ATOM   810  C CA  . ILE A 1 102 ? 7.604   8.166   -12.801 1.00 38.35  ? 116 ILE A CA  1 
ATOM   811  C C   . ILE A 1 102 ? 8.285   7.881   -14.137 1.00 36.62  ? 116 ILE A C   1 
ATOM   812  O O   . ILE A 1 102 ? 7.671   7.355   -15.091 1.00 37.53  ? 116 ILE A O   1 
ATOM   813  C CB  . ILE A 1 102 ? 8.022   7.134   -11.715 1.00 46.90  ? 116 ILE A CB  1 
ATOM   814  C CG1 . ILE A 1 102 ? 7.565   5.733   -12.069 1.00 43.89  ? 116 ILE A CG1 1 
ATOM   815  C CG2 . ILE A 1 102 ? 7.435   7.475   -10.343 1.00 49.42  ? 116 ILE A CG2 1 
ATOM   816  C CD1 . ILE A 1 102 ? 8.276   4.676   -11.244 1.00 54.06  ? 116 ILE A CD1 1 
ATOM   817  N N   . ASP A 1 103 ? 9.553   8.279   -14.215 1.00 37.51  ? 117 ASP A N   1 
ATOM   818  C CA  . ASP A 1 103 ? 10.443  7.970   -15.343 1.00 41.31  ? 117 ASP A CA  1 
ATOM   819  C C   . ASP A 1 103 ? 9.944   8.374   -16.722 1.00 37.24  ? 117 ASP A C   1 
ATOM   820  O O   . ASP A 1 103 ? 10.400  7.825   -17.711 1.00 40.62  ? 117 ASP A O   1 
ATOM   821  C CB  . ASP A 1 103 ? 10.801  6.474   -15.363 1.00 49.00  ? 117 ASP A CB  1 
ATOM   822  C CG  . ASP A 1 103 ? 11.660  6.064   -14.186 1.00 61.86  ? 117 ASP A CG  1 
ATOM   823  O OD1 . ASP A 1 103 ? 12.519  6.881   -13.767 1.00 74.88  ? 117 ASP A OD1 1 
ATOM   824  O OD2 . ASP A 1 103 ? 11.484  4.918   -13.686 1.00 67.71  ? 117 ASP A OD2 1 
ATOM   825  N N   . THR A 1 104 ? 9.001   9.307   -16.778 1.00 32.45  ? 118 THR A N   1 
ATOM   826  C CA  . THR A 1 104 ? 8.424   9.843   -18.014 1.00 32.87  ? 118 THR A CA  1 
ATOM   827  C C   . THR A 1 104 ? 7.474   8.925   -18.761 1.00 34.80  ? 118 THR A C   1 
ATOM   828  O O   . THR A 1 104 ? 6.642   9.421   -19.486 1.00 34.72  ? 118 THR A O   1 
ATOM   829  C CB  . THR A 1 104 ? 9.495   10.426  -19.002 1.00 35.91  ? 118 THR A CB  1 
ATOM   830  O OG1 . THR A 1 104 ? 10.192  9.391   -19.696 1.00 34.82  ? 118 THR A OG1 1 
ATOM   831  C CG2 . THR A 1 104 ? 10.508  11.276  -18.278 1.00 36.16  ? 118 THR A CG2 1 
ATOM   832  N N   . ASP A 1 105 ? 7.568   7.605   -18.578 1.00 30.54  ? 119 ASP A N   1 
ATOM   833  C CA  . ASP A 1 105 ? 6.780   6.652   -19.369 1.00 32.69  ? 119 ASP A CA  1 
ATOM   834  C C   . ASP A 1 105 ? 5.964   5.638   -18.489 1.00 31.25  ? 119 ASP A C   1 
ATOM   835  O O   . ASP A 1 105 ? 5.435   4.663   -19.010 1.00 29.16  ? 119 ASP A O   1 
ATOM   836  C CB  . ASP A 1 105 ? 7.719   5.866   -20.288 1.00 36.28  ? 119 ASP A CB  1 
ATOM   837  C CG  . ASP A 1 105 ? 8.789   5.076   -19.506 1.00 42.00  ? 119 ASP A CG  1 
ATOM   838  O OD1 . ASP A 1 105 ? 8.728   4.981   -18.238 1.00 40.63  ? 119 ASP A OD1 1 
ATOM   839  O OD2 . ASP A 1 105 ? 9.720   4.577   -20.159 1.00 47.94  ? 119 ASP A OD2 1 
ATOM   840  N N   . THR A 1 106 ? 5.860   5.897   -17.194 1.00 29.09  ? 120 THR A N   1 
ATOM   841  C CA  . THR A 1 106 ? 5.311   4.929   -16.234 1.00 31.34  ? 120 THR A CA  1 
ATOM   842  C C   . THR A 1 106 ? 4.290   5.588   -15.325 1.00 29.75  ? 120 THR A C   1 
ATOM   843  O O   . THR A 1 106 ? 4.472   6.739   -14.873 1.00 30.70  ? 120 THR A O   1 
ATOM   844  C CB  . THR A 1 106 ? 6.454   4.280   -15.406 1.00 32.78  ? 120 THR A CB  1 
ATOM   845  O OG1 . THR A 1 106 ? 7.320   3.593   -16.301 1.00 34.23  ? 120 THR A OG1 1 
ATOM   846  C CG2 . THR A 1 106 ? 5.898   3.285   -14.349 1.00 34.82  ? 120 THR A CG2 1 
ATOM   847  N N   . LEU A 1 107 ? 3.179   4.882   -15.119 1.00 26.66  ? 121 LEU A N   1 
ATOM   848  C CA  . LEU A 1 107 ? 2.112   5.345   -14.278 1.00 27.28  ? 121 LEU A CA  1 
ATOM   849  C C   . LEU A 1 107 ? 1.766   4.229   -13.281 1.00 29.04  ? 121 LEU A C   1 
ATOM   850  O O   . LEU A 1 107 ? 1.476   3.080   -13.672 1.00 27.34  ? 121 LEU A O   1 
ATOM   851  C CB  . LEU A 1 107 ? 0.905   5.709   -15.123 1.00 29.22  ? 121 LEU A CB  1 
ATOM   852  C CG  . LEU A 1 107 ? -0.235  6.448   -14.414 1.00 34.37  ? 121 LEU A CG  1 
ATOM   853  C CD1 . LEU A 1 107 ? -0.958  7.392   -15.347 1.00 40.05  ? 121 LEU A CD1 1 
ATOM   854  C CD2 . LEU A 1 107 ? -1.273  5.462   -13.910 1.00 36.85  ? 121 LEU A CD2 1 
ATOM   855  N N   . ILE A 1 108 ? 1.823   4.568   -12.014 1.00 27.52  ? 122 ILE A N   1 
ATOM   856  C CA  . ILE A 1 108 ? 1.543   3.619   -10.919 1.00 27.03  ? 122 ILE A CA  1 
ATOM   857  C C   . ILE A 1 108 ? 0.249   4.054   -10.284 1.00 27.15  ? 122 ILE A C   1 
ATOM   858  O O   . ILE A 1 108 ? 0.154   5.167   -9.757  1.00 26.45  ? 122 ILE A O   1 
ATOM   859  C CB  . ILE A 1 108 ? 2.663   3.614   -9.888  1.00 30.03  ? 122 ILE A CB  1 
ATOM   860  C CG1 . ILE A 1 108 ? 4.012   3.319   -10.569 1.00 34.18  ? 122 ILE A CG1 1 
ATOM   861  C CG2 . ILE A 1 108 ? 2.400   2.560   -8.808  1.00 32.88  ? 122 ILE A CG2 1 
ATOM   862  C CD1 . ILE A 1 108 ? 5.168   3.433   -9.614  1.00 38.24  ? 122 ILE A CD1 1 
ATOM   863  N N   . THR A 1 109 ? -0.741  3.192   -10.338 1.00 23.26  ? 123 THR A N   1 
ATOM   864  C CA  . THR A 1 109 ? -2.039  3.452   -9.791  1.00 25.80  ? 123 THR A CA  1 
ATOM   865  C C   . THR A 1 109 ? -2.219  2.753   -8.423  1.00 28.60  ? 123 THR A C   1 
ATOM   866  O O   . THR A 1 109 ? -2.113  1.512   -8.342  1.00 24.38  ? 123 THR A O   1 
ATOM   867  C CB  . THR A 1 109 ? -3.098  2.946   -10.763 1.00 29.27  ? 123 THR A CB  1 
ATOM   868  O OG1 . THR A 1 109 ? -2.860  3.574   -12.035 1.00 31.30  ? 123 THR A OG1 1 
ATOM   869  C CG2 . THR A 1 109 ? -4.515  3.301   -10.274 1.00 32.01  ? 123 THR A CG2 1 
ATOM   870  N N   . PRO A 1 110 ? -2.507  3.535   -7.365  1.00 28.40  ? 124 PRO A N   1 
ATOM   871  C CA  . PRO A 1 110 ? -2.712  2.935   -6.031  1.00 25.58  ? 124 PRO A CA  1 
ATOM   872  C C   . PRO A 1 110 ? -4.166  2.704   -5.698  1.00 25.67  ? 124 PRO A C   1 
ATOM   873  O O   . PRO A 1 110 ? -5.020  3.567   -5.938  1.00 28.72  ? 124 PRO A O   1 
ATOM   874  C CB  . PRO A 1 110 ? -2.060  3.942   -5.082  1.00 28.25  ? 124 PRO A CB  1 
ATOM   875  C CG  . PRO A 1 110 ? -1.903  5.217   -5.847  1.00 29.28  ? 124 PRO A CG  1 
ATOM   876  C CD  . PRO A 1 110 ? -2.258  4.986   -7.286  1.00 29.78  ? 124 PRO A CD  1 
ATOM   877  N N   . PHE A 1 111 ? -4.463  1.522   -5.164  1.00 23.48  ? 125 PHE A N   1 
ATOM   878  C CA  . PHE A 1 111 ? -5.785  1.189   -4.742  1.00 24.37  ? 125 PHE A CA  1 
ATOM   879  C C   . PHE A 1 111 ? -5.758  0.931   -3.250  1.00 25.32  ? 125 PHE A C   1 
ATOM   880  O O   . PHE A 1 111 ? -4.850  0.270   -2.764  1.00 24.03  ? 125 PHE A O   1 
ATOM   881  C CB  . PHE A 1 111 ? -6.267  -0.065  -5.456  1.00 26.30  ? 125 PHE A CB  1 
ATOM   882  C CG  . PHE A 1 111 ? -6.492  0.147   -6.926  1.00 26.59  ? 125 PHE A CG  1 
ATOM   883  C CD1 . PHE A 1 111 ? -5.452  -0.008  -7.813  1.00 26.09  ? 125 PHE A CD1 1 
ATOM   884  C CD2 . PHE A 1 111 ? -7.731  0.520   -7.399  1.00 25.24  ? 125 PHE A CD2 1 
ATOM   885  C CE1 . PHE A 1 111 ? -5.645  0.210   -9.168  1.00 28.29  ? 125 PHE A CE1 1 
ATOM   886  C CE2 . PHE A 1 111 ? -7.933  0.722   -8.758  1.00 28.43  ? 125 PHE A CE2 1 
ATOM   887  C CZ  . PHE A 1 111 ? -6.884  0.589   -9.626  1.00 27.58  ? 125 PHE A CZ  1 
ATOM   888  N N   . VAL A 1 112 ? -6.747  1.458   -2.533  1.00 25.14  ? 126 VAL A N   1 
ATOM   889  C CA  . VAL A 1 112 ? -6.850  1.168   -1.117  1.00 25.43  ? 126 VAL A CA  1 
ATOM   890  C C   . VAL A 1 112 ? -7.816  -0.001  -0.987  1.00 26.11  ? 126 VAL A C   1 
ATOM   891  O O   . VAL A 1 112 ? -8.915  0.024   -1.540  1.00 25.80  ? 126 VAL A O   1 
ATOM   892  C CB  . VAL A 1 112 ? -7.320  2.353   -0.276  1.00 26.39  ? 126 VAL A CB  1 
ATOM   893  C CG1 . VAL A 1 112 ? -7.329  1.967   1.213   1.00 26.87  ? 126 VAL A CG1 1 
ATOM   894  C CG2 . VAL A 1 112 ? -6.435  3.575   -0.536  1.00 27.38  ? 126 VAL A CG2 1 
ATOM   895  N N   . GLY A 1 113 ? -7.395  -1.010  -0.229  1.00 24.16  ? 127 GLY A N   1 
ATOM   896  C CA  . GLY A 1 113 ? -8.198  -2.200  -0.009  1.00 25.84  ? 127 GLY A CA  1 
ATOM   897  C C   . GLY A 1 113 ? -8.375  -2.473  1.469   1.00 26.79  ? 127 GLY A C   1 
ATOM   898  O O   . GLY A 1 113 ? -7.419  -2.354  2.211   1.00 28.02  ? 127 GLY A O   1 
ATOM   899  N N   . LEU A 1 114 ? -9.604  -2.795  1.884   1.00 25.86  ? 128 LEU A N   1 
ATOM   900  C CA  . LEU A 1 114 ? -9.879  -3.237  3.236   1.00 27.85  ? 128 LEU A CA  1 
ATOM   901  C C   . LEU A 1 114 ? -9.678  -4.735  3.299   1.00 25.68  ? 128 LEU A C   1 
ATOM   902  O O   . LEU A 1 114 ? -10.272 -5.468  2.491   1.00 25.47  ? 128 LEU A O   1 
ATOM   903  C CB  . LEU A 1 114 ? -11.308 -2.947  3.632   1.00 33.02  ? 128 LEU A CB  1 
ATOM   904  C CG  . LEU A 1 114 ? -11.817 -1.518  3.664   1.00 42.01  ? 128 LEU A CG  1 
ATOM   905  C CD1 . LEU A 1 114 ? -13.172 -1.540  4.355   1.00 44.75  ? 128 LEU A CD1 1 
ATOM   906  C CD2 . LEU A 1 114 ? -10.887 -0.558  4.398   1.00 44.39  ? 128 LEU A CD2 1 
ATOM   907  N N   . ILE A 1 115 ? -8.826  -5.173  4.217   1.00 25.92  ? 129 ILE A N   1 
ATOM   908  C CA  . ILE A 1 115 ? -8.378  -6.576  4.291   1.00 26.41  ? 129 ILE A CA  1 
ATOM   909  C C   . ILE A 1 115 ? -9.189  -7.302  5.374   1.00 28.19  ? 129 ILE A C   1 
ATOM   910  O O   . ILE A 1 115 ? -9.382  -6.788  6.473   1.00 26.71  ? 129 ILE A O   1 
ATOM   911  C CB  . ILE A 1 115 ? -6.882  -6.634  4.627   1.00 25.98  ? 129 ILE A CB  1 
ATOM   912  C CG1 . ILE A 1 115 ? -6.047  -5.879  3.560   1.00 29.93  ? 129 ILE A CG1 1 
ATOM   913  C CG2 . ILE A 1 115 ? -6.372  -8.066  4.805   1.00 28.00  ? 129 ILE A CG2 1 
ATOM   914  C CD1 . ILE A 1 115 ? -6.335  -6.281  2.128   1.00 28.35  ? 129 ILE A CD1 1 
ATOM   915  N N   . ASP A 1 116 ? -9.650  -8.495  5.047   1.00 28.82  ? 130 ASP A N   1 
ATOM   916  C CA  . ASP A 1 116 ? -10.398 -9.343  5.978   1.00 29.46  ? 130 ASP A CA  1 
ATOM   917  C C   . ASP A 1 116 ? -9.649  -9.625  7.265   1.00 28.70  ? 130 ASP A C   1 
ATOM   918  O O   . ASP A 1 116 ? -8.456  -9.893  7.247   1.00 25.63  ? 130 ASP A O   1 
ATOM   919  C CB  . ASP A 1 116 ? -10.710 -10.680 5.334   1.00 34.81  ? 130 ASP A CB  1 
ATOM   920  C CG  . ASP A 1 116 ? -11.661 -11.501 6.193   1.00 38.71  ? 130 ASP A CG  1 
ATOM   921  O OD1 . ASP A 1 116 ? -12.864 -11.170 6.242   1.00 43.95  ? 130 ASP A OD1 1 
ATOM   922  O OD2 . ASP A 1 116 ? -11.164 -12.398 6.879   1.00 35.07  ? 130 ASP A OD2 1 
ATOM   923  N N   . HIS A 1 117 ? -10.336 -9.571  8.408   1.00 29.83  ? 131 HIS A N   1 
ATOM   924  C CA  . HIS A 1 117 ? -9.653  -9.865  9.689   1.00 30.90  ? 131 HIS A CA  1 
ATOM   925  C C   . HIS A 1 117 ? -9.082  -11.283 9.810   1.00 30.66  ? 131 HIS A C   1 
ATOM   926  O O   . HIS A 1 117 ? -8.237  -11.498 10.630  1.00 35.21  ? 131 HIS A O   1 
ATOM   927  C CB  . HIS A 1 117 ? -10.523 -9.499  10.899  1.00 33.21  ? 131 HIS A CB  1 
ATOM   928  C CG  . HIS A 1 117 ? -11.684 -10.424 11.114  1.00 35.81  ? 131 HIS A CG  1 
ATOM   929  N ND1 . HIS A 1 117 ? -12.609 -10.709 10.130  1.00 37.02  ? 131 HIS A ND1 1 
ATOM   930  C CD2 . HIS A 1 117 ? -12.092 -11.101 12.209  1.00 38.59  ? 131 HIS A CD2 1 
ATOM   931  C CE1 . HIS A 1 117 ? -13.513 -11.545 10.599  1.00 35.44  ? 131 HIS A CE1 1 
ATOM   932  N NE2 . HIS A 1 117 ? -13.234 -11.789 11.860  1.00 41.17  ? 131 HIS A NE2 1 
ATOM   933  N N   . ASN A 1 118 ? -9.502  -12.253 9.005   1.00 32.70  ? 132 ASN A N   1 
ATOM   934  C CA  . ASN A 1 118 ? -8.913  -13.605 9.064   1.00 34.22  ? 132 ASN A CA  1 
ATOM   935  C C   . ASN A 1 118 ? -7.764  -13.838 8.088   1.00 39.18  ? 132 ASN A C   1 
ATOM   936  O O   . ASN A 1 118 ? -7.279  -14.966 7.966   1.00 35.21  ? 132 ASN A O   1 
ATOM   937  C CB  . ASN A 1 118 ? -9.986  -14.680 8.839   1.00 35.59  ? 132 ASN A CB  1 
ATOM   938  C CG  . ASN A 1 118 ? -10.979 -14.723 9.993   1.00 36.39  ? 132 ASN A CG  1 
ATOM   939  O OD1 . ASN A 1 118 ? -12.201 -14.703 9.811   1.00 39.27  ? 132 ASN A OD1 1 
ATOM   940  N ND2 . ASN A 1 118 ? -10.441 -14.678 11.177  1.00 33.75  ? 132 ASN A ND2 1 
ATOM   941  N N   . PHE A 1 119 ? -7.330  -12.791 7.378   1.00 36.17  ? 133 PHE A N   1 
ATOM   942  C CA  . PHE A 1 119 ? -6.173  -12.955 6.471   1.00 32.68  ? 133 PHE A CA  1 
ATOM   943  C C   . PHE A 1 119 ? -4.909  -13.091 7.297   1.00 30.86  ? 133 PHE A C   1 
ATOM   944  O O   . PHE A 1 119 ? -4.670  -12.321 8.213   1.00 32.87  ? 133 PHE A O   1 
ATOM   945  C CB  . PHE A 1 119 ? -6.065  -11.758 5.483   1.00 33.82  ? 133 PHE A CB  1 
ATOM   946  C CG  . PHE A 1 119 ? -4.717  -11.625 4.828   1.00 29.66  ? 133 PHE A CG  1 
ATOM   947  C CD1 . PHE A 1 119 ? -4.374  -12.428 3.768   1.00 34.96  ? 133 PHE A CD1 1 
ATOM   948  C CD2 . PHE A 1 119 ? -3.807  -10.698 5.276   1.00 32.17  ? 133 PHE A CD2 1 
ATOM   949  C CE1 . PHE A 1 119 ? -3.130  -12.300 3.149   1.00 31.59  ? 133 PHE A CE1 1 
ATOM   950  C CE2 . PHE A 1 119 ? -2.555  -10.568 4.657   1.00 33.72  ? 133 PHE A CE2 1 
ATOM   951  C CZ  . PHE A 1 119 ? -2.246  -11.366 3.588   1.00 29.07  ? 133 PHE A CZ  1 
ATOM   952  N N   . GLN A 1 120 ? -4.085  -14.057 6.940   1.00 33.56  ? 134 GLN A N   1 
ATOM   953  C CA  . GLN A 1 120 ? -2.762  -14.227 7.545   1.00 38.18  ? 134 GLN A CA  1 
ATOM   954  C C   . GLN A 1 120 ? -1.761  -14.278 6.404   1.00 32.48  ? 134 GLN A C   1 
ATOM   955  O O   . GLN A 1 120 ? -1.880  -15.143 5.522   1.00 29.94  ? 134 GLN A O   1 
ATOM   956  C CB  . GLN A 1 120 ? -2.681  -15.564 8.302   1.00 48.14  ? 134 GLN A CB  1 
ATOM   957  C CG  . GLN A 1 120 ? -3.807  -15.830 9.284   1.00 56.90  ? 134 GLN A CG  1 
ATOM   958  C CD  . GLN A 1 120 ? -3.550  -15.240 10.657  1.00 67.19  ? 134 GLN A CD  1 
ATOM   959  O OE1 . GLN A 1 120 ? -3.214  -14.055 10.796  1.00 71.70  ? 134 GLN A OE1 1 
ATOM   960  N NE2 . GLN A 1 120 ? -3.725  -16.070 11.694  1.00 75.59  ? 134 GLN A NE2 1 
ATOM   961  N N   . ALA A 1 121 ? -0.800  -13.369 6.413   1.00 34.94  ? 135 ALA A N   1 
ATOM   962  C CA  . ALA A 1 121 ? 0.144   -13.260 5.300   1.00 37.72  ? 135 ALA A CA  1 
ATOM   963  C C   . ALA A 1 121 ? 0.950   -14.520 5.158   1.00 38.26  ? 135 ALA A C   1 
ATOM   964  O O   . ALA A 1 121 ? 1.399   -15.097 6.156   1.00 36.32  ? 135 ALA A O   1 
ATOM   965  C CB  . ALA A 1 121 ? 1.077   -12.087 5.506   1.00 37.75  ? 135 ALA A CB  1 
ATOM   966  N N   . GLN A 1 122 ? 1.121   -14.937 3.915   1.00 36.71  ? 136 GLN A N   1 
ATOM   967  C CA  . GLN A 1 122 ? 1.986   -16.040 3.552   1.00 38.08  ? 136 GLN A CA  1 
ATOM   968  C C   . GLN A 1 122 ? 3.059   -15.488 2.599   1.00 36.54  ? 136 GLN A C   1 
ATOM   969  O O   . GLN A 1 122 ? 2.901   -15.589 1.377   1.00 33.53  ? 136 GLN A O   1 
ATOM   970  C CB  . GLN A 1 122 ? 1.143   -17.106 2.876   1.00 42.13  ? 136 GLN A CB  1 
ATOM   971  C CG  . GLN A 1 122 ? 0.062   -17.642 3.793   1.00 51.45  ? 136 GLN A CG  1 
ATOM   972  C CD  . GLN A 1 122 ? -0.655  -18.814 3.193   1.00 57.64  ? 136 GLN A CD  1 
ATOM   973  O OE1 . GLN A 1 122 ? -1.726  -18.673 2.610   1.00 62.45  ? 136 GLN A OE1 1 
ATOM   974  N NE2 . GLN A 1 122 ? -0.048  -19.993 3.308   1.00 70.14  ? 136 GLN A NE2 1 
ATOM   975  N N   . PRO A 1 123 ? 4.112   -14.854 3.155   1.00 38.10  ? 137 PRO A N   1 
ATOM   976  C CA  . PRO A 1 123 ? 5.147   -14.235 2.339   1.00 38.87  ? 137 PRO A CA  1 
ATOM   977  C C   . PRO A 1 123 ? 5.704   -15.235 1.331   1.00 41.87  ? 137 PRO A C   1 
ATOM   978  O O   . PRO A 1 123 ? 6.072   -16.347 1.700   1.00 41.64  ? 137 PRO A O   1 
ATOM   979  C CB  . PRO A 1 123 ? 6.207   -13.847 3.372   1.00 40.37  ? 137 PRO A CB  1 
ATOM   980  C CG  . PRO A 1 123 ? 5.461   -13.669 4.635   1.00 39.34  ? 137 PRO A CG  1 
ATOM   981  C CD  . PRO A 1 123 ? 4.442   -14.747 4.588   1.00 39.94  ? 137 PRO A CD  1 
ATOM   982  N N   . ASN A 1 124 ? 5.693   -14.873 0.058   1.00 40.26  ? 138 ASN A N   1 
ATOM   983  C CA  . ASN A 1 124 ? 6.325   -15.686 -0.969  1.00 37.13  ? 138 ASN A CA  1 
ATOM   984  C C   . ASN A 1 124 ? 7.833   -15.297 -1.040  1.00 33.74  ? 138 ASN A C   1 
ATOM   985  O O   . ASN A 1 124 ? 8.162   -14.220 -1.528  1.00 31.89  ? 138 ASN A O   1 
ATOM   986  C CB  . ASN A 1 124 ? 5.579   -15.472 -2.283  1.00 36.41  ? 138 ASN A CB  1 
ATOM   987  C CG  . ASN A 1 124 ? 6.307   -16.032 -3.487  1.00 40.26  ? 138 ASN A CG  1 
ATOM   988  O OD1 . ASN A 1 124 ? 7.422   -16.586 -3.390  1.00 42.24  ? 138 ASN A OD1 1 
ATOM   989  N ND2 . ASN A 1 124 ? 5.686   -15.862 -4.654  1.00 39.87  ? 138 ASN A ND2 1 
ATOM   990  N N   . PRO A 1 125 ? 8.747   -16.162 -0.538  1.00 33.83  ? 139 PRO A N   1 
ATOM   991  C CA  . PRO A 1 125 ? 10.157  -15.779 -0.384  1.00 34.74  ? 139 PRO A CA  1 
ATOM   992  C C   . PRO A 1 125 ? 10.919  -15.443 -1.677  1.00 33.84  ? 139 PRO A C   1 
ATOM   993  O O   . PRO A 1 125 ? 11.940  -14.777 -1.598  1.00 36.46  ? 139 PRO A O   1 
ATOM   994  C CB  . PRO A 1 125 ? 10.791  -16.991 0.325   1.00 35.45  ? 139 PRO A CB  1 
ATOM   995  C CG  . PRO A 1 125 ? 9.934   -18.121 -0.062  1.00 34.76  ? 139 PRO A CG  1 
ATOM   996  C CD  . PRO A 1 125 ? 8.547   -17.603 -0.285  1.00 35.77  ? 139 PRO A CD  1 
ATOM   997  N N   . ALA A 1 126 ? 10.417  -15.848 -2.837  1.00 36.51  ? 140 ALA A N   1 
ATOM   998  C CA  . ALA A 1 126 ? 11.013  -15.385 -4.096  1.00 40.50  ? 140 ALA A CA  1 
ATOM   999  C C   . ALA A 1 126 ? 10.736  -13.885 -4.347  1.00 42.75  ? 140 ALA A C   1 
ATOM   1000 O O   . ALA A 1 126 ? 11.464  -13.242 -5.103  1.00 43.03  ? 140 ALA A O   1 
ATOM   1001 C CB  . ALA A 1 126 ? 10.513  -16.222 -5.262  1.00 40.92  ? 140 ALA A CB  1 
ATOM   1002 N N   . GLU A 1 127 ? 9.696   -13.323 -3.720  1.00 38.64  ? 141 GLU A N   1 
ATOM   1003 C CA  . GLU A 1 127 ? 9.347   -11.891 -3.927  1.00 38.71  ? 141 GLU A CA  1 
ATOM   1004 C C   . GLU A 1 127 ? 9.488   -11.013 -2.704  1.00 36.38  ? 141 GLU A C   1 
ATOM   1005 O O   . GLU A 1 127 ? 9.837   -9.848  -2.816  1.00 35.15  ? 141 GLU A O   1 
ATOM   1006 C CB  . GLU A 1 127 ? 7.928   -11.791 -4.460  1.00 45.50  ? 141 GLU A CB  1 
ATOM   1007 C CG  . GLU A 1 127 ? 7.626   -12.836 -5.538  1.00 52.06  ? 141 GLU A CG  1 
ATOM   1008 C CD  . GLU A 1 127 ? 6.785   -12.342 -6.687  1.00 58.54  ? 141 GLU A CD  1 
ATOM   1009 O OE1 . GLU A 1 127 ? 6.963   -12.889 -7.791  1.00 68.38  ? 141 GLU A OE1 1 
ATOM   1010 O OE2 . GLU A 1 127 ? 5.955   -11.428 -6.518  1.00 69.66  ? 141 GLU A OE2 1 
ATOM   1011 N N   . VAL A 1 128 ? 9.262   -11.583 -1.529  1.00 31.85  ? 142 VAL A N   1 
ATOM   1012 C CA  . VAL A 1 128 ? 9.053   -10.823 -0.329  1.00 36.93  ? 142 VAL A CA  1 
ATOM   1013 C C   . VAL A 1 128 ? 9.869   -11.461 0.788   1.00 34.42  ? 142 VAL A C   1 
ATOM   1014 O O   . VAL A 1 128 ? 9.682   -12.638 1.068   1.00 34.43  ? 142 VAL A O   1 
ATOM   1015 C CB  . VAL A 1 128 ? 7.529   -10.853 -0.033  1.00 39.17  ? 142 VAL A CB  1 
ATOM   1016 C CG1 . VAL A 1 128 ? 7.220   -10.616 1.418   1.00 45.29  ? 142 VAL A CG1 1 
ATOM   1017 C CG2 . VAL A 1 128 ? 6.826   -9.820  -0.902  1.00 41.52  ? 142 VAL A CG2 1 
ATOM   1018 N N   . LYS A 1 129 ? 10.749  -10.671 1.398   1.00 36.20  ? 143 LYS A N   1 
ATOM   1019 C CA  . LYS A 1 129 ? 11.555  -11.063 2.560   1.00 39.34  ? 143 LYS A CA  1 
ATOM   1020 C C   . LYS A 1 129 ? 10.768  -10.943 3.878   1.00 39.78  ? 143 LYS A C   1 
ATOM   1021 O O   . LYS A 1 129 ? 11.074  -11.621 4.863   1.00 35.00  ? 143 LYS A O   1 
ATOM   1022 C CB  . LYS A 1 129 ? 12.833  -10.203 2.628   1.00 45.45  ? 143 LYS A CB  1 
ATOM   1023 C CG  . LYS A 1 129 ? 13.629  -10.382 3.904   1.00 54.69  ? 143 LYS A CG  1 
ATOM   1024 C CD  . LYS A 1 129 ? 15.099  -10.060 3.736   1.00 62.34  ? 143 LYS A CD  1 
ATOM   1025 C CE  . LYS A 1 129 ? 15.331  -8.597  3.452   1.00 66.51  ? 143 LYS A CE  1 
ATOM   1026 N NZ  . LYS A 1 129 ? 16.743  -8.268  3.802   1.00 72.79  ? 143 LYS A NZ  1 
ATOM   1027 N N   . ASP A 1 130 ? 9.766   -10.066 3.920   1.00 33.32  ? 144 ASP A N   1 
ATOM   1028 C CA  . ASP A 1 130 ? 9.046   -9.820  5.160   1.00 32.20  ? 144 ASP A CA  1 
ATOM   1029 C C   . ASP A 1 130 ? 7.728   -9.102  4.820   1.00 32.11  ? 144 ASP A C   1 
ATOM   1030 O O   . ASP A 1 130 ? 7.609   -8.498  3.757   1.00 31.90  ? 144 ASP A O   1 
ATOM   1031 C CB  . ASP A 1 130 ? 9.927   -8.942  6.062   1.00 32.48  ? 144 ASP A CB  1 
ATOM   1032 C CG  . ASP A 1 130 ? 9.503   -8.936  7.504   1.00 33.97  ? 144 ASP A CG  1 
ATOM   1033 O OD1 . ASP A 1 130 ? 8.521   -9.598  7.859   1.00 31.53  ? 144 ASP A OD1 1 
ATOM   1034 O OD2 . ASP A 1 130 ? 10.177  -8.227  8.292   1.00 35.80  ? 144 ASP A OD2 1 
ATOM   1035 N N   . VAL A 1 131 ? 6.761   -9.238  5.705   1.00 29.56  ? 145 VAL A N   1 
ATOM   1036 C CA  . VAL A 1 131 ? 5.480   -8.506  5.662   1.00 32.15  ? 145 VAL A CA  1 
ATOM   1037 C C   . VAL A 1 131 ? 5.294   -7.951  7.054   1.00 32.66  ? 145 VAL A C   1 
ATOM   1038 O O   . VAL A 1 131 ? 5.571   -8.632  8.034   1.00 36.00  ? 145 VAL A O   1 
ATOM   1039 C CB  . VAL A 1 131 ? 4.328   -9.444  5.289   1.00 33.41  ? 145 VAL A CB  1 
ATOM   1040 C CG1 . VAL A 1 131 ? 2.980   -8.753  5.391   1.00 37.08  ? 145 VAL A CG1 1 
ATOM   1041 C CG2 . VAL A 1 131 ? 4.535   -9.964  3.888   1.00 33.88  ? 145 VAL A CG2 1 
ATOM   1042 N N   . PHE A 1 132 ? 4.880   -6.703  7.176   1.00 29.01  ? 146 PHE A N   1 
ATOM   1043 C CA  . PHE A 1 132 ? 4.666   -6.127  8.488   1.00 28.82  ? 146 PHE A CA  1 
ATOM   1044 C C   . PHE A 1 132 ? 3.589   -5.052  8.476   1.00 29.39  ? 146 PHE A C   1 
ATOM   1045 O O   . PHE A 1 132 ? 3.250   -4.526  7.407   1.00 27.57  ? 146 PHE A O   1 
ATOM   1046 C CB  . PHE A 1 132 ? 5.973   -5.569  9.058   1.00 30.79  ? 146 PHE A CB  1 
ATOM   1047 C CG  . PHE A 1 132 ? 6.530   -4.399  8.299   1.00 29.77  ? 146 PHE A CG  1 
ATOM   1048 C CD1 . PHE A 1 132 ? 7.175   -4.587  7.097   1.00 32.18  ? 146 PHE A CD1 1 
ATOM   1049 C CD2 . PHE A 1 132 ? 6.415   -3.114  8.807   1.00 30.26  ? 146 PHE A CD2 1 
ATOM   1050 C CE1 . PHE A 1 132 ? 7.702   -3.499  6.390   1.00 33.20  ? 146 PHE A CE1 1 
ATOM   1051 C CE2 . PHE A 1 132 ? 6.945   -2.036  8.123   1.00 31.03  ? 146 PHE A CE2 1 
ATOM   1052 C CZ  . PHE A 1 132 ? 7.583   -2.228  6.917   1.00 30.85  ? 146 PHE A CZ  1 
ATOM   1053 N N   . LEU A 1 133 ? 3.022   -4.787  9.651   1.00 26.74  ? 147 LEU A N   1 
ATOM   1054 C CA  . LEU A 1 133 ? 1.991   -3.779  9.777   1.00 28.49  ? 147 LEU A CA  1 
ATOM   1055 C C   . LEU A 1 133 ? 2.549   -2.542  10.422  1.00 29.32  ? 147 LEU A C   1 
ATOM   1056 O O   . LEU A 1 133 ? 3.408   -2.638  11.276  1.00 29.32  ? 147 LEU A O   1 
ATOM   1057 C CB  . LEU A 1 133 ? 0.825   -4.260  10.617  1.00 29.34  ? 147 LEU A CB  1 
ATOM   1058 C CG  . LEU A 1 133 ? 0.099   -5.521  10.187  1.00 29.88  ? 147 LEU A CG  1 
ATOM   1059 C CD1 . LEU A 1 133 ? -0.927  -5.857  11.246  1.00 33.80  ? 147 LEU A CD1 1 
ATOM   1060 C CD2 . LEU A 1 133 ? -0.569  -5.395  8.830   1.00 30.73  ? 147 LEU A CD2 1 
ATOM   1061 N N   . VAL A 1 134 ? 2.041   -1.371  10.025  1.00 26.59  ? 148 VAL A N   1 
ATOM   1062 C CA  . VAL A 1 134 ? 2.294   -0.135  10.747  1.00 27.55  ? 148 VAL A CA  1 
ATOM   1063 C C   . VAL A 1 134 ? 0.954   0.509   11.058  1.00 27.89  ? 148 VAL A C   1 
ATOM   1064 O O   . VAL A 1 134 ? 0.111   0.641   10.157  1.00 27.02  ? 148 VAL A O   1 
ATOM   1065 C CB  . VAL A 1 134 ? 3.158   0.848   9.926   1.00 26.57  ? 148 VAL A CB  1 
ATOM   1066 C CG1 . VAL A 1 134 ? 3.516   2.090   10.727  1.00 26.92  ? 148 VAL A CG1 1 
ATOM   1067 C CG2 . VAL A 1 134 ? 4.421   0.165   9.445   1.00 27.33  ? 148 VAL A CG2 1 
ATOM   1068 N N   . PRO A 1 135 ? 0.745   0.946   12.321  1.00 27.23  ? 149 PRO A N   1 
ATOM   1069 C CA  . PRO A 1 135 ? -0.483  1.661   12.591  1.00 27.91  ? 149 PRO A CA  1 
ATOM   1070 C C   . PRO A 1 135 ? -0.571  2.916   11.705  1.00 25.65  ? 149 PRO A C   1 
ATOM   1071 O O   . PRO A 1 135 ? 0.405   3.631   11.542  1.00 25.37  ? 149 PRO A O   1 
ATOM   1072 C CB  . PRO A 1 135 ? -0.355  2.068   14.066  1.00 30.43  ? 149 PRO A CB  1 
ATOM   1073 C CG  . PRO A 1 135 ? 0.682   1.161   14.647  1.00 30.51  ? 149 PRO A CG  1 
ATOM   1074 C CD  . PRO A 1 135 ? 1.626   0.886   13.508  1.00 30.21  ? 149 PRO A CD  1 
ATOM   1075 N N   . LEU A 1 136 ? -1.736  3.152   11.135  1.00 25.19  ? 150 LEU A N   1 
ATOM   1076 C CA  . LEU A 1 136 ? -1.925  4.300   10.267  1.00 27.24  ? 150 LEU A CA  1 
ATOM   1077 C C   . LEU A 1 136 ? -1.585  5.622   10.962  1.00 29.70  ? 150 LEU A C   1 
ATOM   1078 O O   . LEU A 1 136 ? -0.996  6.507   10.353  1.00 27.28  ? 150 LEU A O   1 
ATOM   1079 C CB  . LEU A 1 136 ? -3.366  4.291   9.760   1.00 27.15  ? 150 LEU A CB  1 
ATOM   1080 C CG  . LEU A 1 136 ? -3.761  5.181   8.620   1.00 28.76  ? 150 LEU A CG  1 
ATOM   1081 C CD1 . LEU A 1 136 ? -2.955  4.799   7.391   1.00 28.80  ? 150 LEU A CD1 1 
ATOM   1082 C CD2 . LEU A 1 136 ? -5.242  4.976   8.371   1.00 28.87  ? 150 LEU A CD2 1 
ATOM   1083 N N   . ALA A 1 137 ? -1.912  5.734   12.254  1.00 27.99  ? 151 ALA A N   1 
ATOM   1084 C CA  . ALA A 1 137 ? -1.623  6.942   13.019  1.00 28.70  ? 151 ALA A CA  1 
ATOM   1085 C C   . ALA A 1 137 ? -0.137  7.273   13.113  1.00 28.56  ? 151 ALA A C   1 
ATOM   1086 O O   . ALA A 1 137 ? 0.219   8.448   13.256  1.00 30.24  ? 151 ALA A O   1 
ATOM   1087 C CB  . ALA A 1 137 ? -2.217  6.848   14.428  1.00 30.62  ? 151 ALA A CB  1 
ATOM   1088 N N   . TYR A 1 138 ? 0.733   6.276   13.002  1.00 28.07  ? 152 TYR A N   1 
ATOM   1089 C CA  . TYR A 1 138 ? 2.169   6.509   12.980  1.00 29.33  ? 152 TYR A CA  1 
ATOM   1090 C C   . TYR A 1 138 ? 2.561   7.585   11.943  1.00 29.64  ? 152 TYR A C   1 
ATOM   1091 O O   . TYR A 1 138 ? 3.471   8.396   12.171  1.00 30.16  ? 152 TYR A O   1 
ATOM   1092 C CB  . TYR A 1 138 ? 2.938   5.204   12.675  1.00 28.98  ? 152 TYR A CB  1 
ATOM   1093 C CG  . TYR A 1 138 ? 4.373   5.467   12.346  1.00 29.80  ? 152 TYR A CG  1 
ATOM   1094 C CD1 . TYR A 1 138 ? 5.323   5.622   13.351  1.00 31.28  ? 152 TYR A CD1 1 
ATOM   1095 C CD2 . TYR A 1 138 ? 4.780   5.640   11.015  1.00 31.62  ? 152 TYR A CD2 1 
ATOM   1096 C CE1 . TYR A 1 138 ? 6.637   5.929   13.042  1.00 31.23  ? 152 TYR A CE1 1 
ATOM   1097 C CE2 . TYR A 1 138 ? 6.096   5.961   10.703  1.00 32.18  ? 152 TYR A CE2 1 
ATOM   1098 C CZ  . TYR A 1 138 ? 7.015   6.110   11.720  1.00 31.25  ? 152 TYR A CZ  1 
ATOM   1099 O OH  . TYR A 1 138 ? 8.337   6.403   11.412  1.00 34.67  ? 152 TYR A OH  1 
ATOM   1100 N N   . PHE A 1 139 ? 1.888   7.562   10.800  1.00 27.88  ? 153 PHE A N   1 
ATOM   1101 C CA  . PHE A 1 139 ? 2.267   8.418   9.674   1.00 28.47  ? 153 PHE A CA  1 
ATOM   1102 C C   . PHE A 1 139 ? 1.896   9.885   9.883   1.00 31.79  ? 153 PHE A C   1 
ATOM   1103 O O   . PHE A 1 139 ? 2.318   10.727  9.095   1.00 30.97  ? 153 PHE A O   1 
ATOM   1104 C CB  . PHE A 1 139 ? 1.733   7.847   8.356   1.00 27.49  ? 153 PHE A CB  1 
ATOM   1105 C CG  . PHE A 1 139 ? 2.347   6.541   8.041   1.00 26.37  ? 153 PHE A CG  1 
ATOM   1106 C CD1 . PHE A 1 139 ? 3.645   6.483   7.577   1.00 27.12  ? 153 PHE A CD1 1 
ATOM   1107 C CD2 . PHE A 1 139 ? 1.694   5.372   8.334   1.00 26.61  ? 153 PHE A CD2 1 
ATOM   1108 C CE1 . PHE A 1 139 ? 4.259   5.270   7.358   1.00 27.26  ? 153 PHE A CE1 1 
ATOM   1109 C CE2 . PHE A 1 139 ? 2.293   4.149   8.094   1.00 25.11  ? 153 PHE A CE2 1 
ATOM   1110 C CZ  . PHE A 1 139 ? 3.572   4.097   7.616   1.00 27.02  ? 153 PHE A CZ  1 
ATOM   1111 N N   . LEU A 1 140 ? 1.141   10.161  10.944  1.00 28.83  ? 154 LEU A N   1 
ATOM   1112 C CA  . LEU A 1 140 ? 0.895   11.524  11.401  1.00 32.54  ? 154 LEU A CA  1 
ATOM   1113 C C   . LEU A 1 140 ? 2.024   12.056  12.288  1.00 34.19  ? 154 LEU A C   1 
ATOM   1114 O O   . LEU A 1 140 ? 2.191   13.252  12.426  1.00 33.32  ? 154 LEU A O   1 
ATOM   1115 C CB  . LEU A 1 140 ? -0.424  11.596  12.175  1.00 32.31  ? 154 LEU A CB  1 
ATOM   1116 C CG  . LEU A 1 140 ? -1.691  11.122  11.469  1.00 33.98  ? 154 LEU A CG  1 
ATOM   1117 C CD1 . LEU A 1 140 ? -2.885  11.405  12.341  1.00 35.94  ? 154 LEU A CD1 1 
ATOM   1118 C CD2 . LEU A 1 140 ? -1.858  11.750  10.096  1.00 33.09  ? 154 LEU A CD2 1 
ATOM   1119 N N   . HIS A 1 141 ? 2.767   11.182  12.938  1.00 32.70  ? 155 HIS A N   1 
ATOM   1120 C CA  . HIS A 1 141 ? 3.886   11.605  13.808  1.00 37.13  ? 155 HIS A CA  1 
ATOM   1121 C C   . HIS A 1 141 ? 5.023   10.640  13.621  1.00 34.81  ? 155 HIS A C   1 
ATOM   1122 O O   . HIS A 1 141 ? 5.359   9.888   14.525  1.00 31.99  ? 155 HIS A O   1 
ATOM   1123 C CB  . HIS A 1 141 ? 3.450   11.637  15.260  1.00 38.85  ? 155 HIS A CB  1 
ATOM   1124 C CG  . HIS A 1 141 ? 2.395   12.648  15.527  1.00 38.58  ? 155 HIS A CG  1 
ATOM   1125 N ND1 . HIS A 1 141 ? 2.650   14.002  15.502  1.00 42.46  ? 155 HIS A ND1 1 
ATOM   1126 C CD2 . HIS A 1 141 ? 1.069   12.514  15.755  1.00 40.59  ? 155 HIS A CD2 1 
ATOM   1127 C CE1 . HIS A 1 141 ? 1.532   14.661  15.746  1.00 40.36  ? 155 HIS A CE1 1 
ATOM   1128 N NE2 . HIS A 1 141 ? 0.553   13.785  15.891  1.00 40.54  ? 155 HIS A NE2 1 
ATOM   1129 N N   . PRO A 1 142 ? 5.571   10.613  12.404  1.00 34.62  ? 156 PRO A N   1 
ATOM   1130 C CA  . PRO A 1 142 ? 6.596   9.642   12.105  1.00 38.58  ? 156 PRO A CA  1 
ATOM   1131 C C   . PRO A 1 142 ? 7.935   10.026  12.719  1.00 40.64  ? 156 PRO A C   1 
ATOM   1132 O O   . PRO A 1 142 ? 8.145   11.187  13.067  1.00 42.21  ? 156 PRO A O   1 
ATOM   1133 C CB  . PRO A 1 142 ? 6.668   9.689   10.573  1.00 37.24  ? 156 PRO A CB  1 
ATOM   1134 C CG  . PRO A 1 142 ? 6.333   11.105  10.259  1.00 37.15  ? 156 PRO A CG  1 
ATOM   1135 C CD  . PRO A 1 142 ? 5.312   11.519  11.265  1.00 35.45  ? 156 PRO A CD  1 
ATOM   1136 N N   . GLN A 1 143 ? 8.808   9.046   12.872  1.00 40.68  ? 157 GLN A N   1 
ATOM   1137 C CA  . GLN A 1 143 ? 10.184  9.272   13.264  1.00 46.11  ? 157 GLN A CA  1 
ATOM   1138 C C   . GLN A 1 143 ? 11.027  9.450   11.986  1.00 47.95  ? 157 GLN A C   1 
ATOM   1139 O O   . GLN A 1 143 ? 11.293  8.488   11.250  1.00 43.92  ? 157 GLN A O   1 
ATOM   1140 C CB  . GLN A 1 143 ? 10.707  8.125   14.136  1.00 49.02  ? 157 GLN A CB  1 
ATOM   1141 C CG  . GLN A 1 143 ? 12.004  8.469   14.853  1.00 58.72  ? 157 GLN A CG  1 
ATOM   1142 C CD  . GLN A 1 143 ? 12.576  7.300   15.638  1.00 65.00  ? 157 GLN A CD  1 
ATOM   1143 O OE1 . GLN A 1 143 ? 12.039  6.922   16.680  1.00 78.38  ? 157 GLN A OE1 1 
ATOM   1144 N NE2 . GLN A 1 143 ? 13.682  6.728   15.151  1.00 67.04  ? 157 GLN A NE2 1 
ATOM   1145 N N   . VAL A 1 144 ? 11.448  10.690  11.746  1.00 47.94  ? 158 VAL A N   1 
ATOM   1146 C CA  . VAL A 1 144 ? 12.009  11.095  10.478  1.00 51.33  ? 158 VAL A CA  1 
ATOM   1147 C C   . VAL A 1 144 ? 13.521  11.143  10.589  1.00 53.55  ? 158 VAL A C   1 
ATOM   1148 O O   . VAL A 1 144 ? 14.052  11.647  11.569  1.00 56.17  ? 158 VAL A O   1 
ATOM   1149 C CB  . VAL A 1 144 ? 11.477  12.485  10.063  1.00 54.76  ? 158 VAL A CB  1 
ATOM   1150 C CG1 . VAL A 1 144 ? 12.045  12.900  8.701   1.00 54.42  ? 158 VAL A CG1 1 
ATOM   1151 C CG2 . VAL A 1 144 ? 9.955   12.487  10.051  1.00 53.85  ? 158 VAL A CG2 1 
ATOM   1152 N N   . HIS A 1 145 ? 14.195  10.596  9.586   1.00 55.95  ? 159 HIS A N   1 
ATOM   1153 C CA  . HIS A 1 145 ? 15.658  10.663  9.437   1.00 65.43  ? 159 HIS A CA  1 
ATOM   1154 C C   . HIS A 1 145 ? 15.956  11.178  8.036   1.00 65.22  ? 159 HIS A C   1 
ATOM   1155 O O   . HIS A 1 145 ? 15.236  10.861  7.091   1.00 62.43  ? 159 HIS A O   1 
ATOM   1156 C CB  . HIS A 1 145 ? 16.298  9.289   9.677   1.00 70.61  ? 159 HIS A CB  1 
ATOM   1157 C CG  . HIS A 1 145 ? 16.489  8.976   11.130  1.00 87.76  ? 159 HIS A CG  1 
ATOM   1158 N ND1 . HIS A 1 145 ? 15.443  8.631   11.963  1.00 95.09  ? 159 HIS A ND1 1 
ATOM   1159 C CD2 . HIS A 1 145 ? 17.598  9.000   11.912  1.00 97.03  ? 159 HIS A CD2 1 
ATOM   1160 C CE1 . HIS A 1 145 ? 15.902  8.438   13.188  1.00 95.96  ? 159 HIS A CE1 1 
ATOM   1161 N NE2 . HIS A 1 145 ? 17.205  8.655   13.184  1.00 98.84  ? 159 HIS A NE2 1 
ATOM   1162 N N   . ASP A 1 146 ? 16.995  11.992  7.908   1.00 72.06  ? 160 ASP A N   1 
ATOM   1163 C CA  . ASP A 1 146 ? 17.343  12.612  6.628   1.00 74.13  ? 160 ASP A CA  1 
ATOM   1164 C C   . ASP A 1 146 ? 18.631  11.989  6.104   1.00 73.78  ? 160 ASP A C   1 
ATOM   1165 O O   . ASP A 1 146 ? 19.658  12.082  6.761   1.00 76.92  ? 160 ASP A O   1 
ATOM   1166 C CB  . ASP A 1 146 ? 17.456  14.125  6.817   1.00 80.34  ? 160 ASP A CB  1 
ATOM   1167 C CG  . ASP A 1 146 ? 16.186  14.735  7.428   1.00 85.38  ? 160 ASP A CG  1 
ATOM   1168 O OD1 . ASP A 1 146 ? 15.087  14.157  7.255   1.00 88.93  ? 160 ASP A OD1 1 
ATOM   1169 O OD2 . ASP A 1 146 ? 16.279  15.791  8.088   1.00 90.32  ? 160 ASP A OD2 1 
ATOM   1170 N N   . GLN A 1 147 ? 18.560  11.325  4.946   1.00 74.77  ? 161 GLN A N   1 
ATOM   1171 C CA  . GLN A 1 147 ? 19.687  10.557  4.394   1.00 79.45  ? 161 GLN A CA  1 
ATOM   1172 C C   . GLN A 1 147 ? 20.343  11.313  3.245   1.00 81.33  ? 161 GLN A C   1 
ATOM   1173 O O   . GLN A 1 147 ? 19.652  11.890  2.408   1.00 78.06  ? 161 GLN A O   1 
ATOM   1174 C CB  . GLN A 1 147 ? 19.215  9.179   3.906   1.00 78.91  ? 161 GLN A CB  1 
ATOM   1175 N N   . ILE A 1 158 ? 19.554  15.764  0.030   1.00 104.30 ? 172 ILE A N   1 
ATOM   1176 C CA  . ILE A 1 158 ? 19.251  14.859  1.139   1.00 107.57 ? 172 ILE A CA  1 
ATOM   1177 C C   . ILE A 1 158 ? 17.717  14.799  1.369   1.00 99.77  ? 172 ILE A C   1 
ATOM   1178 O O   . ILE A 1 158 ? 17.051  15.834  1.366   1.00 91.39  ? 172 ILE A O   1 
ATOM   1179 C CB  . ILE A 1 158 ? 20.086  15.250  2.411   1.00 112.99 ? 172 ILE A CB  1 
ATOM   1180 C CG1 . ILE A 1 158 ? 21.507  14.619  2.333   1.00 111.57 ? 172 ILE A CG1 1 
ATOM   1181 C CG2 . ILE A 1 158 ? 19.349  14.917  3.718   1.00 115.79 ? 172 ILE A CG2 1 
ATOM   1182 C CD1 . ILE A 1 158 ? 22.322  14.626  3.619   1.00 104.98 ? 172 ILE A CD1 1 
ATOM   1183 N N   . ASN A 1 159 ? 17.190  13.584  1.581   1.00 91.89  ? 173 ASN A N   1 
ATOM   1184 C CA  . ASN A 1 159 ? 15.731  13.300  1.583   1.00 84.78  ? 173 ASN A CA  1 
ATOM   1185 C C   . ASN A 1 159 ? 15.202  12.566  2.850   1.00 77.98  ? 173 ASN A C   1 
ATOM   1186 O O   . ASN A 1 159 ? 15.953  11.878  3.548   1.00 77.85  ? 173 ASN A O   1 
ATOM   1187 C CB  . ASN A 1 159 ? 15.356  12.507  0.316   1.00 83.88  ? 173 ASN A CB  1 
ATOM   1188 C CG  . ASN A 1 159 ? 15.492  10.997  0.489   1.00 84.14  ? 173 ASN A CG  1 
ATOM   1189 O OD1 . ASN A 1 159 ? 14.549  10.245  0.229   1.00 81.65  ? 173 ASN A OD1 1 
ATOM   1190 N ND2 . ASN A 1 159 ? 16.661  10.548  0.939   1.00 83.70  ? 173 ASN A ND2 1 
ATOM   1191 N N   . HIS A 1 160 ? 13.893  12.689  3.087   1.00 68.86  ? 174 HIS A N   1 
ATOM   1192 C CA  . HIS A 1 160 ? 13.231  12.209  4.316   1.00 65.94  ? 174 HIS A CA  1 
ATOM   1193 C C   . HIS A 1 160 ? 12.904  10.689  4.323   1.00 58.84  ? 174 HIS A C   1 
ATOM   1194 O O   . HIS A 1 160 ? 12.301  10.169  3.387   1.00 58.98  ? 174 HIS A O   1 
ATOM   1195 C CB  . HIS A 1 160 ? 11.930  12.993  4.557   1.00 70.26  ? 174 HIS A CB  1 
ATOM   1196 C CG  . HIS A 1 160 ? 12.113  14.477  4.676   1.00 77.18  ? 174 HIS A CG  1 
ATOM   1197 N ND1 . HIS A 1 160 ? 13.109  15.050  5.437   1.00 81.99  ? 174 HIS A ND1 1 
ATOM   1198 C CD2 . HIS A 1 160 ? 11.396  15.506  4.162   1.00 80.12  ? 174 HIS A CD2 1 
ATOM   1199 C CE1 . HIS A 1 160 ? 13.013  16.367  5.369   1.00 81.63  ? 174 HIS A CE1 1 
ATOM   1200 N NE2 . HIS A 1 160 ? 11.979  16.668  4.603   1.00 81.86  ? 174 HIS A NE2 1 
ATOM   1201 N N   . ILE A 1 161 ? 13.283  10.011  5.404   1.00 52.77  ? 175 ILE A N   1 
ATOM   1202 C CA  . ILE A 1 161 ? 13.096  8.570   5.589   1.00 48.98  ? 175 ILE A CA  1 
ATOM   1203 C C   . ILE A 1 161 ? 12.369  8.370   6.918   1.00 47.45  ? 175 ILE A C   1 
ATOM   1204 O O   . ILE A 1 161 ? 12.751  8.984   7.914   1.00 43.98  ? 175 ILE A O   1 
ATOM   1205 C CB  . ILE A 1 161 ? 14.476  7.882   5.618   1.00 51.76  ? 175 ILE A CB  1 
ATOM   1206 C CG1 . ILE A 1 161 ? 15.060  7.889   4.201   1.00 56.11  ? 175 ILE A CG1 1 
ATOM   1207 C CG2 . ILE A 1 161 ? 14.429  6.471   6.210   1.00 50.48  ? 175 ILE A CG2 1 
ATOM   1208 C CD1 . ILE A 1 161 ? 16.444  7.282   4.089   1.00 58.39  ? 175 ILE A CD1 1 
ATOM   1209 N N   . PHE A 1 162 ? 11.337  7.522   6.948   1.00 39.01  ? 176 PHE A N   1 
ATOM   1210 C CA  . PHE A 1 162 ? 10.646  7.194   8.201   1.00 34.88  ? 176 PHE A CA  1 
ATOM   1211 C C   . PHE A 1 162 ? 11.281  5.947   8.772   1.00 33.74  ? 176 PHE A C   1 
ATOM   1212 O O   . PHE A 1 162 ? 11.595  5.042   8.019   1.00 35.55  ? 176 PHE A O   1 
ATOM   1213 C CB  . PHE A 1 162 ? 9.167   6.908   7.974   1.00 35.95  ? 176 PHE A CB  1 
ATOM   1214 C CG  . PHE A 1 162 ? 8.375   8.070   7.464   1.00 37.02  ? 176 PHE A CG  1 
ATOM   1215 C CD1 . PHE A 1 162 ? 8.814   9.396   7.600   1.00 38.58  ? 176 PHE A CD1 1 
ATOM   1216 C CD2 . PHE A 1 162 ? 7.154   7.839   6.864   1.00 35.42  ? 176 PHE A CD2 1 
ATOM   1217 C CE1 . PHE A 1 162 ? 8.026   10.446  7.153   1.00 38.79  ? 176 PHE A CE1 1 
ATOM   1218 C CE2 . PHE A 1 162 ? 6.382   8.886   6.404   1.00 36.40  ? 176 PHE A CE2 1 
ATOM   1219 C CZ  . PHE A 1 162 ? 6.808   10.188  6.563   1.00 37.57  ? 176 PHE A CZ  1 
ATOM   1220 N N   . GLU A 1 163 ? 11.497  5.921   10.084  1.00 33.98  ? 177 GLU A N   1 
ATOM   1221 C CA  . GLU A 1 163 ? 11.896  4.707   10.795  1.00 35.99  ? 177 GLU A CA  1 
ATOM   1222 C C   . GLU A 1 163 ? 10.781  4.265   11.717  1.00 32.32  ? 177 GLU A C   1 
ATOM   1223 O O   . GLU A 1 163 ? 10.328  5.029   12.580  1.00 33.45  ? 177 GLU A O   1 
ATOM   1224 C CB  . GLU A 1 163 ? 13.190  4.937   11.579  1.00 42.86  ? 177 GLU A CB  1 
ATOM   1225 C CG  . GLU A 1 163 ? 14.364  5.216   10.646  1.00 50.16  ? 177 GLU A CG  1 
ATOM   1226 C CD  . GLU A 1 163 ? 15.719  5.261   11.344  1.00 62.08  ? 177 GLU A CD  1 
ATOM   1227 O OE1 . GLU A 1 163 ? 15.752  5.293   12.605  1.00 63.73  ? 177 GLU A OE1 1 
ATOM   1228 O OE2 . GLU A 1 163 ? 16.748  5.273   10.609  1.00 65.87  ? 177 GLU A OE2 1 
ATOM   1229 N N   . TYR A 1 164 ? 10.303  3.050   11.511  1.00 32.23  ? 178 TYR A N   1 
ATOM   1230 C CA  . TYR A 1 164 ? 9.251   2.488   12.348  1.00 31.96  ? 178 TYR A CA  1 
ATOM   1231 C C   . TYR A 1 164 ? 9.836   1.291   13.042  1.00 32.38  ? 178 TYR A C   1 
ATOM   1232 O O   . TYR A 1 164 ? 10.332  0.368   12.382  1.00 33.11  ? 178 TYR A O   1 
ATOM   1233 C CB  . TYR A 1 164 ? 8.032   2.035   11.521  1.00 30.87  ? 178 TYR A CB  1 
ATOM   1234 C CG  . TYR A 1 164 ? 7.023   1.317   12.385  1.00 31.67  ? 178 TYR A CG  1 
ATOM   1235 C CD1 . TYR A 1 164 ? 6.295   2.022   13.332  1.00 33.97  ? 178 TYR A CD1 1 
ATOM   1236 C CD2 . TYR A 1 164 ? 6.852   -0.059  12.319  1.00 30.75  ? 178 TYR A CD2 1 
ATOM   1237 C CE1 . TYR A 1 164 ? 5.403   1.381   14.163  1.00 35.03  ? 178 TYR A CE1 1 
ATOM   1238 C CE2 . TYR A 1 164 ? 5.950   -0.707  13.141  1.00 31.41  ? 178 TYR A CE2 1 
ATOM   1239 C CZ  . TYR A 1 164 ? 5.239   0.019   14.063  1.00 32.33  ? 178 TYR A CZ  1 
ATOM   1240 O OH  . TYR A 1 164 ? 4.351   -0.549  14.933  1.00 34.21  ? 178 TYR A OH  1 
ATOM   1241 N N   . THR A 1 165 ? 9.720   1.278   14.360  1.00 34.53  ? 179 THR A N   1 
ATOM   1242 C CA  . THR A 1 165 ? 10.134  0.135   15.159  1.00 34.76  ? 179 THR A CA  1 
ATOM   1243 C C   . THR A 1 165 ? 8.919   -0.606  15.645  1.00 34.65  ? 179 THR A C   1 
ATOM   1244 O O   . THR A 1 165 ? 8.053   -0.024  16.293  1.00 35.45  ? 179 THR A O   1 
ATOM   1245 C CB  . THR A 1 165 ? 10.951  0.578   16.370  1.00 37.39  ? 179 THR A CB  1 
ATOM   1246 O OG1 . THR A 1 165 ? 12.021  1.415   15.917  1.00 37.68  ? 179 THR A OG1 1 
ATOM   1247 C CG2 . THR A 1 165 ? 11.499  -0.672  17.112  1.00 37.26  ? 179 THR A CG2 1 
ATOM   1248 N N   . ASN A 1 166 ? 8.819   -1.878  15.294  1.00 30.95  ? 180 ASN A N   1 
ATOM   1249 C CA  . ASN A 1 166 ? 7.697   -2.682  15.705  1.00 33.44  ? 180 ASN A CA  1 
ATOM   1250 C C   . ASN A 1 166 ? 7.841   -2.995  17.210  1.00 35.76  ? 180 ASN A C   1 
ATOM   1251 O O   . ASN A 1 166 ? 8.794   -3.657  17.597  1.00 33.55  ? 180 ASN A O   1 
ATOM   1252 C CB  . ASN A 1 166 ? 7.708   -3.944  14.859  1.00 34.49  ? 180 ASN A CB  1 
ATOM   1253 C CG  . ASN A 1 166 ? 6.571   -4.890  15.146  1.00 34.62  ? 180 ASN A CG  1 
ATOM   1254 O OD1 . ASN A 1 166 ? 5.746   -4.693  16.029  1.00 37.07  ? 180 ASN A OD1 1 
ATOM   1255 N ND2 . ASN A 1 166 ? 6.531   -5.963  14.357  1.00 38.30  ? 180 ASN A ND2 1 
ATOM   1256 N N   . PRO A 1 167 ? 6.897   -2.531  18.056  1.00 37.19  ? 181 PRO A N   1 
ATOM   1257 C CA  . PRO A 1 167 ? 7.019   -2.812  19.500  1.00 37.49  ? 181 PRO A CA  1 
ATOM   1258 C C   . PRO A 1 167 ? 6.854   -4.293  19.883  1.00 36.26  ? 181 PRO A C   1 
ATOM   1259 O O   . PRO A 1 167 ? 7.235   -4.688  20.967  1.00 33.78  ? 181 PRO A O   1 
ATOM   1260 C CB  . PRO A 1 167 ? 5.901   -1.955  20.129  1.00 38.49  ? 181 PRO A CB  1 
ATOM   1261 C CG  . PRO A 1 167 ? 4.903   -1.785  19.043  1.00 41.27  ? 181 PRO A CG  1 
ATOM   1262 C CD  . PRO A 1 167 ? 5.659   -1.788  17.739  1.00 37.86  ? 181 PRO A CD  1 
ATOM   1263 N N   . GLU A 1 168 ? 6.315   -5.109  18.995  1.00 37.49  ? 182 GLU A N   1 
ATOM   1264 C CA  . GLU A 1 168 ? 6.245   -6.543  19.225  1.00 42.43  ? 182 GLU A CA  1 
ATOM   1265 C C   . GLU A 1 168 ? 7.616   -7.212  19.322  1.00 40.62  ? 182 GLU A C   1 
ATOM   1266 O O   . GLU A 1 168 ? 7.774   -8.109  20.158  1.00 35.39  ? 182 GLU A O   1 
ATOM   1267 C CB  . GLU A 1 168 ? 5.471   -7.227  18.106  1.00 48.14  ? 182 GLU A CB  1 
ATOM   1268 C CG  . GLU A 1 168 ? 3.989   -6.894  18.124  1.00 51.16  ? 182 GLU A CG  1 
ATOM   1269 C CD  . GLU A 1 168 ? 3.291   -7.526  19.295  1.00 56.18  ? 182 GLU A CD  1 
ATOM   1270 O OE1 . GLU A 1 168 ? 3.265   -8.799  19.377  1.00 56.26  ? 182 GLU A OE1 1 
ATOM   1271 O OE2 . GLU A 1 168 ? 2.797   -6.743  20.139  1.00 65.31  ? 182 GLU A OE2 1 
ATOM   1272 N N   . ASP A 1 169 ? 8.561   -6.784  18.470  1.00 38.84  ? 183 ASP A N   1 
ATOM   1273 C CA  . ASP A 1 169 ? 9.891   -7.381  18.351  1.00 35.59  ? 183 ASP A CA  1 
ATOM   1274 C C   . ASP A 1 169 ? 11.112  -6.438  18.294  1.00 35.66  ? 183 ASP A C   1 
ATOM   1275 O O   . ASP A 1 169 ? 12.257  -6.904  18.213  1.00 35.05  ? 183 ASP A O   1 
ATOM   1276 C CB  . ASP A 1 169 ? 9.927   -8.364  17.170  1.00 34.39  ? 183 ASP A CB  1 
ATOM   1277 C CG  . ASP A 1 169 ? 9.717   -7.687  15.807  1.00 43.17  ? 183 ASP A CG  1 
ATOM   1278 O OD1 . ASP A 1 169 ? 9.746   -6.434  15.714  1.00 40.83  ? 183 ASP A OD1 1 
ATOM   1279 O OD2 . ASP A 1 169 ? 9.556   -8.440  14.816  1.00 45.30  ? 183 ASP A OD2 1 
ATOM   1280 N N   . GLY A 1 170 ? 10.893  -5.130  18.343  1.00 34.97  ? 184 GLY A N   1 
ATOM   1281 C CA  . GLY A 1 170 ? 11.977  -4.139  18.263  1.00 34.26  ? 184 GLY A CA  1 
ATOM   1282 C C   . GLY A 1 170 ? 12.657  -3.967  16.922  1.00 35.83  ? 184 GLY A C   1 
ATOM   1283 O O   . GLY A 1 170 ? 13.667  -3.233  16.818  1.00 32.52  ? 184 GLY A O   1 
ATOM   1284 N N   . VAL A 1 171 ? 12.117  -4.601  15.880  1.00 34.82  ? 185 VAL A N   1 
ATOM   1285 C CA  . VAL A 1 171 ? 12.699  -4.478  14.553  1.00 36.07  ? 185 VAL A CA  1 
ATOM   1286 C C   . VAL A 1 171 ? 12.357  -3.115  13.950  1.00 37.51  ? 185 VAL A C   1 
ATOM   1287 O O   . VAL A 1 171 ? 11.184  -2.718  13.936  1.00 32.92  ? 185 VAL A O   1 
ATOM   1288 C CB  . VAL A 1 171 ? 12.182  -5.580  13.622  1.00 37.95  ? 185 VAL A CB  1 
ATOM   1289 C CG1 . VAL A 1 171 ? 12.710  -5.381  12.207  1.00 40.22  ? 185 VAL A CG1 1 
ATOM   1290 C CG2 . VAL A 1 171 ? 12.610  -6.950  14.155  1.00 41.96  ? 185 VAL A CG2 1 
ATOM   1291 N N   . THR A 1 172 ? 13.369  -2.427  13.446  1.00 34.70  ? 186 THR A N   1 
ATOM   1292 C CA  . THR A 1 172 ? 13.171  -1.135  12.797  1.00 37.82  ? 186 THR A CA  1 
ATOM   1293 C C   . THR A 1 172 ? 13.149  -1.296  11.265  1.00 38.81  ? 186 THR A C   1 
ATOM   1294 O O   . THR A 1 172 ? 13.986  -1.988  10.691  1.00 38.36  ? 186 THR A O   1 
ATOM   1295 C CB  . THR A 1 172 ? 14.220  -0.121  13.257  1.00 39.05  ? 186 THR A CB  1 
ATOM   1296 O OG1 . THR A 1 172 ? 14.101  0.025   14.672  1.00 40.07  ? 186 THR A OG1 1 
ATOM   1297 C CG2 . THR A 1 172 ? 13.991  1.251   12.588  1.00 40.98  ? 186 THR A CG2 1 
ATOM   1298 N N   . TYR A 1 173 ? 12.149  -0.687  10.625  1.00 35.17  ? 187 TYR A N   1 
ATOM   1299 C CA  . TYR A 1 173 ? 12.029  -0.675  9.171   1.00 33.92  ? 187 TYR A CA  1 
ATOM   1300 C C   . TYR A 1 173 ? 12.161  0.750   8.710   1.00 35.59  ? 187 TYR A C   1 
ATOM   1301 O O   . TYR A 1 173 ? 11.674  1.671   9.393   1.00 33.58  ? 187 TYR A O   1 
ATOM   1302 C CB  . TYR A 1 173 ? 10.664  -1.178  8.745   1.00 35.23  ? 187 TYR A CB  1 
ATOM   1303 C CG  . TYR A 1 173 ? 10.362  -2.589  9.167   1.00 36.45  ? 187 TYR A CG  1 
ATOM   1304 C CD1 . TYR A 1 173 ? 10.695  -3.659  8.342   1.00 37.06  ? 187 TYR A CD1 1 
ATOM   1305 C CD2 . TYR A 1 173 ? 9.760   -2.862  10.409  1.00 37.62  ? 187 TYR A CD2 1 
ATOM   1306 C CE1 . TYR A 1 173 ? 10.432  -4.964  8.730   1.00 36.29  ? 187 TYR A CE1 1 
ATOM   1307 C CE2 . TYR A 1 173 ? 9.478   -4.172  10.814  1.00 36.35  ? 187 TYR A CE2 1 
ATOM   1308 C CZ  . TYR A 1 173 ? 9.819   -5.221  9.977   1.00 37.87  ? 187 TYR A CZ  1 
ATOM   1309 O OH  . TYR A 1 173 ? 9.540   -6.527  10.348  1.00 36.25  ? 187 TYR A OH  1 
ATOM   1310 N N   . GLN A 1 174 ? 12.787  0.924   7.546   1.00 33.87  ? 188 GLN A N   1 
ATOM   1311 C CA  . GLN A 1 174 ? 12.885  2.222   6.883   1.00 37.43  ? 188 GLN A CA  1 
ATOM   1312 C C   . GLN A 1 174 ? 11.880  2.272   5.761   1.00 34.19  ? 188 GLN A C   1 
ATOM   1313 O O   . GLN A 1 174 ? 11.843  1.382   4.910   1.00 32.88  ? 188 GLN A O   1 
ATOM   1314 C CB  . GLN A 1 174 ? 14.270  2.445   6.286   1.00 40.65  ? 188 GLN A CB  1 
ATOM   1315 C CG  . GLN A 1 174 ? 15.372  2.519   7.328   1.00 46.03  ? 188 GLN A CG  1 
ATOM   1316 C CD  . GLN A 1 174 ? 16.680  2.994   6.727   1.00 50.96  ? 188 GLN A CD  1 
ATOM   1317 O OE1 . GLN A 1 174 ? 16.993  2.703   5.568   1.00 56.51  ? 188 GLN A OE1 1 
ATOM   1318 N NE2 . GLN A 1 174 ? 17.431  3.758   7.497   1.00 55.21  ? 188 GLN A NE2 1 
ATOM   1319 N N   . ILE A 1 175 ? 11.084  3.328   5.760   1.00 31.55  ? 189 ILE A N   1 
ATOM   1320 C CA  . ILE A 1 175 ? 10.029  3.500   4.767   1.00 33.26  ? 189 ILE A CA  1 
ATOM   1321 C C   . ILE A 1 175 ? 10.314  4.827   4.070   1.00 32.67  ? 189 ILE A C   1 
ATOM   1322 O O   . ILE A 1 175 ? 10.519  5.857   4.728   1.00 33.47  ? 189 ILE A O   1 
ATOM   1323 C CB  . ILE A 1 175 ? 8.634   3.510   5.419   1.00 30.72  ? 189 ILE A CB  1 
ATOM   1324 C CG1 . ILE A 1 175 ? 8.515   2.333   6.403   1.00 32.73  ? 189 ILE A CG1 1 
ATOM   1325 C CG2 . ILE A 1 175 ? 7.540   3.436   4.352   1.00 31.62  ? 189 ILE A CG2 1 
ATOM   1326 C CD1 . ILE A 1 175 ? 7.192   2.253   7.137   1.00 32.17  ? 189 ILE A CD1 1 
ATOM   1327 N N   . LYS A 1 176 ? 10.359  4.802   2.751   1.00 34.26  ? 190 LYS A N   1 
ATOM   1328 C CA  . LYS A 1 176 ? 10.705  6.014   2.045   1.00 34.64  ? 190 LYS A CA  1 
ATOM   1329 C C   . LYS A 1 176 ? 10.038  6.115   0.721   1.00 32.88  ? 190 LYS A C   1 
ATOM   1330 O O   . LYS A 1 176 ? 9.316   5.201   0.271   1.00 27.98  ? 190 LYS A O   1 
ATOM   1331 C CB  . LYS A 1 176 ? 12.229  6.111   1.910   1.00 39.86  ? 190 LYS A CB  1 
ATOM   1332 C CG  . LYS A 1 176 ? 12.848  5.068   1.020   1.00 44.55  ? 190 LYS A CG  1 
ATOM   1333 C CD  . LYS A 1 176 ? 14.356  4.913   1.270   1.00 48.63  ? 190 LYS A CD  1 
ATOM   1334 C CE  . LYS A 1 176 ? 14.941  3.989   0.211   1.00 53.60  ? 190 LYS A CE  1 
ATOM   1335 N NZ  . LYS A 1 176 ? 16.433  3.981   0.148   1.00 59.78  ? 190 LYS A NZ  1 
ATOM   1336 N N   . GLY A 1 177 ? 10.263  7.259   0.072   1.00 32.17  ? 191 GLY A N   1 
ATOM   1337 C CA  . GLY A 1 177 ? 9.837   7.410   -1.301  1.00 30.14  ? 191 GLY A CA  1 
ATOM   1338 C C   . GLY A 1 177 ? 8.340   7.386   -1.493  1.00 28.75  ? 191 GLY A C   1 
ATOM   1339 O O   . GLY A 1 177 ? 7.584   7.865   -0.643  1.00 27.42  ? 191 GLY A O   1 
ATOM   1340 N N   . MET A 1 178 ? 7.916   6.834   -2.628  1.00 28.23  ? 192 MET A N   1 
ATOM   1341 C CA  . MET A 1 178 ? 6.494   6.767   -2.979  1.00 30.63  ? 192 MET A CA  1 
ATOM   1342 C C   . MET A 1 178 ? 5.726   6.044   -1.894  1.00 27.23  ? 192 MET A C   1 
ATOM   1343 O O   . MET A 1 178 ? 4.596   6.387   -1.600  1.00 26.68  ? 192 MET A O   1 
ATOM   1344 C CB  . MET A 1 178 ? 6.305   5.992   -4.281  1.00 31.94  ? 192 MET A CB  1 
ATOM   1345 C CG  . MET A 1 178 ? 4.883   5.971   -4.832  1.00 34.84  ? 192 MET A CG  1 
ATOM   1346 S SD  . MET A 1 178 ? 4.650   4.796   -6.208  1.00 38.57  ? 192 MET A SD  1 
ATOM   1347 C CE  . MET A 1 178 ? 4.862   3.203   -5.371  1.00 39.17  ? 192 MET A CE  1 
ATOM   1348 N N   . THR A 1 179 ? 6.337   5.002   -1.351  1.00 26.65  ? 193 THR A N   1 
ATOM   1349 C CA  . THR A 1 179 ? 5.702   4.191   -0.317  1.00 27.88  ? 193 THR A CA  1 
ATOM   1350 C C   . THR A 1 179 ? 5.367   5.031   0.892   1.00 26.78  ? 193 THR A C   1 
ATOM   1351 O O   . THR A 1 179 ? 4.223   5.017   1.350   1.00 24.84  ? 193 THR A O   1 
ATOM   1352 C CB  . THR A 1 179 ? 6.582   3.000   0.075   1.00 27.00  ? 193 THR A CB  1 
ATOM   1353 O OG1 . THR A 1 179 ? 6.737   2.178   -1.083  1.00 26.01  ? 193 THR A OG1 1 
ATOM   1354 C CG2 . THR A 1 179 ? 5.884   2.163   1.153   1.00 28.23  ? 193 THR A CG2 1 
ATOM   1355 N N   . ALA A 1 180 ? 6.353   5.775   1.395   1.00 25.66  ? 194 ALA A N   1 
ATOM   1356 C CA  . ALA A 1 180 ? 6.127   6.700   2.524   1.00 25.19  ? 194 ALA A CA  1 
ATOM   1357 C C   . ALA A 1 180 ? 5.125   7.763   2.182   1.00 25.83  ? 194 ALA A C   1 
ATOM   1358 O O   . ALA A 1 180 ? 4.243   8.088   2.995   1.00 25.42  ? 194 ALA A O   1 
ATOM   1359 C CB  . ALA A 1 180 ? 7.424   7.334   2.991   1.00 25.32  ? 194 ALA A CB  1 
ATOM   1360 N N   . ASN A 1 181 ? 5.212   8.290   0.963   1.00 26.45  ? 195 ASN A N   1 
ATOM   1361 C CA  . ASN A 1 181 ? 4.250   9.329   0.535   1.00 26.37  ? 195 ASN A CA  1 
ATOM   1362 C C   . ASN A 1 181 ? 2.824   8.861   0.538   1.00 24.12  ? 195 ASN A C   1 
ATOM   1363 O O   . ASN A 1 181 ? 1.918   9.575   1.038   1.00 23.30  ? 195 ASN A O   1 
ATOM   1364 C CB  . ASN A 1 181 ? 4.643   9.940   -0.816  1.00 29.05  ? 195 ASN A CB  1 
ATOM   1365 C CG  . ASN A 1 181 ? 5.793   10.929  -0.664  1.00 34.84  ? 195 ASN A CG  1 
ATOM   1366 O OD1 . ASN A 1 181 ? 5.584   12.145  -0.671  1.00 54.11  ? 195 ASN A OD1 1 
ATOM   1367 N ND2 . ASN A 1 181 ? 6.962   10.440  -0.429  1.00 37.84  ? 195 ASN A ND2 1 
ATOM   1368 N N   . LEU A 1 182 ? 2.605   7.662   0.017   1.00 23.60  ? 196 LEU A N   1 
ATOM   1369 C CA  . LEU A 1 182 ? 1.255   7.125   -0.058  1.00 24.06  ? 196 LEU A CA  1 
ATOM   1370 C C   . LEU A 1 182 ? 0.692   6.811   1.329   1.00 22.36  ? 196 LEU A C   1 
ATOM   1371 O O   . LEU A 1 182 ? -0.524  6.955   1.576   1.00 23.10  ? 196 LEU A O   1 
ATOM   1372 C CB  . LEU A 1 182 ? 1.187   5.895   -0.995  1.00 25.80  ? 196 LEU A CB  1 
ATOM   1373 C CG  . LEU A 1 182 ? 1.299   6.186   -2.520  1.00 26.89  ? 196 LEU A CG  1 
ATOM   1374 C CD1 . LEU A 1 182 ? 1.515   4.918   -3.339  1.00 28.21  ? 196 LEU A CD1 1 
ATOM   1375 C CD2 . LEU A 1 182 ? 0.096   6.945   -3.064  1.00 29.35  ? 196 LEU A CD2 1 
ATOM   1376 N N   . ALA A 1 183 ? 1.566   6.367   2.227   1.00 23.61  ? 197 ALA A N   1 
ATOM   1377 C CA  . ALA A 1 183 ? 1.126   6.013   3.584   1.00 24.70  ? 197 ALA A CA  1 
ATOM   1378 C C   . ALA A 1 183 ? 0.624   7.249   4.296   1.00 23.61  ? 197 ALA A C   1 
ATOM   1379 O O   . ALA A 1 183 ? -0.406  7.221   4.952   1.00 25.21  ? 197 ALA A O   1 
ATOM   1380 C CB  . ALA A 1 183 ? 2.258   5.359   4.357   1.00 24.19  ? 197 ALA A CB  1 
ATOM   1381 N N   . VAL A 1 184 ? 1.334   8.360   4.109   1.00 23.84  ? 198 VAL A N   1 
ATOM   1382 C CA  . VAL A 1 184 ? 0.916   9.624   4.716   1.00 25.12  ? 198 VAL A CA  1 
ATOM   1383 C C   . VAL A 1 184 ? -0.404  10.073  4.134   1.00 22.95  ? 198 VAL A C   1 
ATOM   1384 O O   . VAL A 1 184 ? -1.315  10.473  4.852   1.00 23.48  ? 198 VAL A O   1 
ATOM   1385 C CB  . VAL A 1 184 ? 1.986   10.708  4.536   1.00 25.95  ? 198 VAL A CB  1 
ATOM   1386 C CG1 . VAL A 1 184 ? 1.461   12.072  4.975   1.00 27.03  ? 198 VAL A CG1 1 
ATOM   1387 C CG2 . VAL A 1 184 ? 3.224   10.341  5.308   1.00 28.43  ? 198 VAL A CG2 1 
ATOM   1388 N N   . LEU A 1 185 ? -0.540  9.994   2.819   1.00 22.76  ? 199 LEU A N   1 
ATOM   1389 C CA  . LEU A 1 185 ? -1.790  10.374  2.188   1.00 22.15  ? 199 LEU A CA  1 
ATOM   1390 C C   . LEU A 1 185 ? -3.012  9.626   2.762   1.00 23.63  ? 199 LEU A C   1 
ATOM   1391 O O   . LEU A 1 185 ? -4.047  10.216  3.114   1.00 23.52  ? 199 LEU A O   1 
ATOM   1392 C CB  . LEU A 1 185 ? -1.718  10.105  0.679   1.00 23.94  ? 199 LEU A CB  1 
ATOM   1393 C CG  . LEU A 1 185 ? -3.010  10.359  -0.133  1.00 25.37  ? 199 LEU A CG  1 
ATOM   1394 C CD1 . LEU A 1 185 ? -3.427  11.806  -0.039  1.00 27.47  ? 199 LEU A CD1 1 
ATOM   1395 C CD2 . LEU A 1 185 ? -2.849  9.920   -1.577  1.00 28.29  ? 199 LEU A CD2 1 
ATOM   1396 N N   . VAL A 1 186 ? -2.893  8.305   2.814   1.00 22.82  ? 200 VAL A N   1 
ATOM   1397 C CA  . VAL A 1 186 ? -3.956  7.473   3.349   1.00 24.04  ? 200 VAL A CA  1 
ATOM   1398 C C   . VAL A 1 186 ? -4.274  7.843   4.817   1.00 22.79  ? 200 VAL A C   1 
ATOM   1399 O O   . VAL A 1 186 ? -5.436  7.986   5.170   1.00 24.04  ? 200 VAL A O   1 
ATOM   1400 C CB  . VAL A 1 186 ? -3.580  5.992   3.257   1.00 25.95  ? 200 VAL A CB  1 
ATOM   1401 C CG1 . VAL A 1 186 ? -4.597  5.154   3.996   1.00 27.74  ? 200 VAL A CG1 1 
ATOM   1402 C CG2 . VAL A 1 186 ? -3.545  5.599   1.798   1.00 27.12  ? 200 VAL A CG2 1 
ATOM   1403 N N   . ALA A 1 187 ? -3.240  8.056   5.631   1.00 23.84  ? 201 ALA A N   1 
ATOM   1404 C CA  . ALA A 1 187 ? -3.444  8.483   7.028   1.00 25.71  ? 201 ALA A CA  1 
ATOM   1405 C C   . ALA A 1 187 ? -4.190  9.814   7.118   1.00 26.50  ? 201 ALA A C   1 
ATOM   1406 O O   . ALA A 1 187 ? -5.104  9.957   7.936   1.00 25.94  ? 201 ALA A O   1 
ATOM   1407 C CB  . ALA A 1 187 ? -2.126  8.571   7.755   1.00 25.86  ? 201 ALA A CB  1 
ATOM   1408 N N   . PHE A 1 188 ? -3.783  10.802  6.309   1.00 24.96  ? 202 PHE A N   1 
ATOM   1409 C CA  . PHE A 1 188 ? -4.518  12.079  6.281   1.00 26.54  ? 202 PHE A CA  1 
ATOM   1410 C C   . PHE A 1 188 ? -5.977  11.900  5.901   1.00 25.98  ? 202 PHE A C   1 
ATOM   1411 O O   . PHE A 1 188 ? -6.860  12.449  6.532   1.00 25.84  ? 202 PHE A O   1 
ATOM   1412 C CB  . PHE A 1 188 ? -3.911  13.076  5.283   1.00 26.59  ? 202 PHE A CB  1 
ATOM   1413 C CG  . PHE A 1 188 ? -2.615  13.689  5.682   1.00 28.58  ? 202 PHE A CG  1 
ATOM   1414 C CD1 . PHE A 1 188 ? -2.040  13.523  6.933   1.00 30.53  ? 202 PHE A CD1 1 
ATOM   1415 C CD2 . PHE A 1 188 ? -1.974  14.540  4.767   1.00 32.74  ? 202 PHE A CD2 1 
ATOM   1416 C CE1 . PHE A 1 188 ? -0.842  14.137  7.264   1.00 30.86  ? 202 PHE A CE1 1 
ATOM   1417 C CE2 . PHE A 1 188 ? -0.781  15.162  5.100   1.00 32.70  ? 202 PHE A CE2 1 
ATOM   1418 C CZ  . PHE A 1 188 ? -0.216  14.971  6.359   1.00 31.38  ? 202 PHE A CZ  1 
ATOM   1419 N N   . ILE A 1 189 ? -6.231  11.126  4.849   1.00 23.50  ? 203 ILE A N   1 
ATOM   1420 C CA  . ILE A 1 189 ? -7.569  10.936  4.366   1.00 23.55  ? 203 ILE A CA  1 
ATOM   1421 C C   . ILE A 1 189 ? -8.475  10.355  5.429   1.00 23.86  ? 203 ILE A C   1 
ATOM   1422 O O   . ILE A 1 189 ? -9.570  10.841  5.640   1.00 23.72  ? 203 ILE A O   1 
ATOM   1423 C CB  . ILE A 1 189 ? -7.599  10.041  3.101   1.00 23.79  ? 203 ILE A CB  1 
ATOM   1424 C CG1 . ILE A 1 189 ? -7.010  10.817  1.910   1.00 26.50  ? 203 ILE A CG1 1 
ATOM   1425 C CG2 . ILE A 1 189 ? -9.006  9.544   2.809   1.00 23.94  ? 203 ILE A CG2 1 
ATOM   1426 C CD1 . ILE A 1 189 ? -6.731  9.974   0.655   1.00 27.69  ? 203 ILE A CD1 1 
ATOM   1427 N N   . ILE A 1 190 ? -7.992  9.307   6.079   1.00 24.17  ? 204 ILE A N   1 
ATOM   1428 C CA  . ILE A 1 190 ? -8.806  8.534   7.011   1.00 26.19  ? 204 ILE A CA  1 
ATOM   1429 C C   . ILE A 1 190 ? -8.849  9.151   8.414   1.00 23.83  ? 204 ILE A C   1 
ATOM   1430 O O   . ILE A 1 190 ? -9.878  9.108   9.041   1.00 25.11  ? 204 ILE A O   1 
ATOM   1431 C CB  . ILE A 1 190 ? -8.290  7.078   7.096   1.00 25.80  ? 204 ILE A CB  1 
ATOM   1432 C CG1 . ILE A 1 190 ? -8.498  6.390   5.733   1.00 26.38  ? 204 ILE A CG1 1 
ATOM   1433 C CG2 . ILE A 1 190 ? -8.973  6.322   8.232   1.00 27.29  ? 204 ILE A CG2 1 
ATOM   1434 C CD1 . ILE A 1 190 ? -7.984  4.966   5.672   1.00 26.91  ? 204 ILE A CD1 1 
ATOM   1435 N N   . LEU A 1 191 ? -7.747  9.712   8.883   1.00 24.22  ? 205 LEU A N   1 
ATOM   1436 C CA  . LEU A 1 191 ? -7.651  10.157  10.268  1.00 26.18  ? 205 LEU A CA  1 
ATOM   1437 C C   . LEU A 1 191 ? -7.834  11.652  10.543  1.00 29.89  ? 205 LEU A C   1 
ATOM   1438 O O   . LEU A 1 191 ? -7.952  12.038  11.696  1.00 28.99  ? 205 LEU A O   1 
ATOM   1439 C CB  . LEU A 1 191 ? -6.321  9.725   10.835  1.00 26.48  ? 205 LEU A CB  1 
ATOM   1440 C CG  . LEU A 1 191 ? -6.081  8.209   10.811  1.00 28.44  ? 205 LEU A CG  1 
ATOM   1441 C CD1 . LEU A 1 191 ? -4.701  7.948   11.371  1.00 27.02  ? 205 LEU A CD1 1 
ATOM   1442 C CD2 . LEU A 1 191 ? -7.135  7.436   11.579  1.00 30.54  ? 205 LEU A CD2 1 
ATOM   1443 N N   . GLU A 1 192 ? -7.787  12.502  9.522   1.00 29.44  ? 206 GLU A N   1 
ATOM   1444 C CA  . GLU A 1 192 ? -7.944  13.939  9.774   1.00 32.69  ? 206 GLU A CA  1 
ATOM   1445 C C   . GLU A 1 192 ? -9.326  14.282  10.351  1.00 33.48  ? 206 GLU A C   1 
ATOM   1446 O O   . GLU A 1 192 ? -10.330 13.639  10.033  1.00 32.72  ? 206 GLU A O   1 
ATOM   1447 C CB  . GLU A 1 192 ? -7.730  14.755  8.515   1.00 32.87  ? 206 GLU A CB  1 
ATOM   1448 C CG  . GLU A 1 192 ? -8.863  14.626  7.529   1.00 36.94  ? 206 GLU A CG  1 
ATOM   1449 C CD  . GLU A 1 192 ? -8.784  15.614  6.361   1.00 44.08  ? 206 GLU A CD  1 
ATOM   1450 O OE1 . GLU A 1 192 ? -8.020  16.615  6.421   1.00 44.64  ? 206 GLU A OE1 1 
ATOM   1451 O OE2 . GLU A 1 192 ? -9.523  15.364  5.387   1.00 46.29  ? 206 GLU A OE2 1 
ATOM   1452 N N   . LYS A 1 193 ? -9.358  15.311  11.195  1.00 37.25  ? 207 LYS A N   1 
ATOM   1453 C CA  . LYS A 1 193 ? -10.610 15.857  11.721  1.00 40.67  ? 207 LYS A CA  1 
ATOM   1454 C C   . LYS A 1 193 ? -11.508 14.778  12.276  1.00 39.82  ? 207 LYS A C   1 
ATOM   1455 O O   . LYS A 1 193 ? -12.601 14.597  11.777  1.00 41.64  ? 207 LYS A O   1 
ATOM   1456 C CB  . LYS A 1 193 ? -11.373 16.634  10.641  1.00 49.02  ? 207 LYS A CB  1 
ATOM   1457 C CG  . LYS A 1 193 ? -10.647 17.796  9.983   1.00 56.29  ? 207 LYS A CG  1 
ATOM   1458 C CD  . LYS A 1 193 ? -11.598 18.437  8.950   1.00 63.96  ? 207 LYS A CD  1 
ATOM   1459 C CE  . LYS A 1 193 ? -10.915 18.838  7.641   1.00 70.36  ? 207 LYS A CE  1 
ATOM   1460 N NZ  . LYS A 1 193 ? -11.840 18.727  6.467   1.00 74.43  ? 207 LYS A NZ  1 
ATOM   1461 N N   . LYS A 1 194 ? -11.039 14.017  13.262  1.00 44.72  ? 208 LYS A N   1 
ATOM   1462 C CA  . LYS A 1 194 ? -11.903 13.030  13.940  1.00 54.48  ? 208 LYS A CA  1 
ATOM   1463 C C   . LYS A 1 194 ? -12.024 13.341  15.438  1.00 57.63  ? 208 LYS A C   1 
ATOM   1464 O O   . LYS A 1 194 ? -11.001 13.569  16.091  1.00 51.07  ? 208 LYS A O   1 
ATOM   1465 C CB  . LYS A 1 194 ? -11.407 11.589  13.722  1.00 58.70  ? 208 LYS A CB  1 
ATOM   1466 C CG  . LYS A 1 194 ? -11.833 10.987  12.372  1.00 66.44  ? 208 LYS A CG  1 
ATOM   1467 C CD  . LYS A 1 194 ? -12.203 9.505   12.439  1.00 70.12  ? 208 LYS A CD  1 
ATOM   1468 C CE  . LYS A 1 194 ? -11.054 8.664   12.963  1.00 71.97  ? 208 LYS A CE  1 
ATOM   1469 N NZ  . LYS A 1 194 ? -11.246 7.245   12.574  1.00 82.80  ? 208 LYS A NZ  1 
ATOM   1470 N N   . PRO A 1 195 ? -13.272 13.356  15.978  1.00 66.68  ? 209 PRO A N   1 
ATOM   1471 C CA  . PRO A 1 195 ? -13.467 13.443  17.441  1.00 72.20  ? 209 PRO A CA  1 
ATOM   1472 C C   . PRO A 1 195 ? -12.837 12.266  18.200  1.00 77.50  ? 209 PRO A C   1 
ATOM   1473 O O   . PRO A 1 195 ? -12.793 11.154  17.667  1.00 84.30  ? 209 PRO A O   1 
ATOM   1474 C CB  . PRO A 1 195 ? -14.997 13.414  17.608  1.00 72.07  ? 209 PRO A CB  1 
ATOM   1475 C CG  . PRO A 1 195 ? -15.569 13.750  16.274  1.00 72.60  ? 209 PRO A CG  1 
ATOM   1476 C CD  . PRO A 1 195 ? -14.562 13.323  15.252  1.00 70.97  ? 209 PRO A CD  1 
ATOM   1477 N N   . THR A 1 196 ? -12.358 12.512  19.420  1.00 82.34  ? 210 THR A N   1 
ATOM   1478 C CA  . THR A 1 196 ? -11.821 11.451  20.289  1.00 89.36  ? 210 THR A CA  1 
ATOM   1479 C C   . THR A 1 196 ? -12.894 10.924  21.258  1.00 89.57  ? 210 THR A C   1 
ATOM   1480 O O   . THR A 1 196 ? -13.240 9.738   21.245  1.00 86.26  ? 210 THR A O   1 
ATOM   1481 C CB  . THR A 1 196 ? -10.598 11.948  21.085  1.00 86.78  ? 210 THR A CB  1 
ATOM   1482 O OG1 . THR A 1 196 ? -10.989 13.015  21.954  1.00 87.86  ? 210 THR A OG1 1 
ATOM   1483 C CG2 . THR A 1 196 ? -9.510  12.443  20.139  1.00 87.41  ? 210 THR A CG2 1 
HETATM 1484 C C   . ACT B 2 .   ? 14.185  -1.916  5.512   1.00 55.97  ? 301 ACT A C   1 
HETATM 1485 O O   . ACT B 2 .   ? 13.455  -2.932  5.461   1.00 58.20  ? 301 ACT A O   1 
HETATM 1486 O OXT . ACT B 2 .   ? 14.284  -1.262  6.563   1.00 48.06  ? 301 ACT A OXT 1 
HETATM 1487 C CH3 . ACT B 2 .   ? 14.953  -1.462  4.305   1.00 55.00  ? 301 ACT A CH3 1 
HETATM 1488 C C   . ACT C 2 .   ? -14.926 -8.412  -1.015  1.00 64.08  ? 302 ACT A C   1 
HETATM 1489 O O   . ACT C 2 .   ? -14.553 -9.371  -1.719  1.00 69.50  ? 302 ACT A O   1 
HETATM 1490 O OXT . ACT C 2 .   ? -14.606 -8.328  0.191   1.00 72.35  ? 302 ACT A OXT 1 
HETATM 1491 C CH3 . ACT C 2 .   ? -15.769 -7.348  -1.631  1.00 61.74  ? 302 ACT A CH3 1 
HETATM 1492 S S   . DMS D 3 .   ? -4.546  -16.749 3.915   1.00 66.36  ? 303 DMS A S   1 
HETATM 1493 O O   . DMS D 3 .   ? -5.175  -15.854 4.937   1.00 45.99  ? 303 DMS A O   1 
HETATM 1494 C C1  . DMS D 3 .   ? -5.627  -17.098 2.622   1.00 61.51  ? 303 DMS A C1  1 
HETATM 1495 C C2  . DMS D 3 .   ? -3.331  -16.010 2.945   1.00 59.50  ? 303 DMS A C2  1 
HETATM 1496 S S   . DMS E 3 .   ? -14.056 -8.419  7.638   1.00 64.00  ? 304 DMS A S   1 
HETATM 1497 O O   . DMS E 3 .   ? -12.760 -8.398  8.357   1.00 46.98  ? 304 DMS A O   1 
HETATM 1498 C C1  . DMS E 3 .   ? -15.351 -8.849  8.661   1.00 59.23  ? 304 DMS A C1  1 
HETATM 1499 C C2  . DMS E 3 .   ? -14.466 -6.779  7.354   1.00 66.84  ? 304 DMS A C2  1 
HETATM 1500 N N1  . H2Y F 4 .   ? 5.539   -4.110  -5.067  0.40 29.98  ? 305 H2Y A N1  1 
HETATM 1501 C C4  . H2Y F 4 .   ? 6.345   -0.172  -6.658  0.40 38.46  ? 305 H2Y A C4  1 
HETATM 1502 C C5  . H2Y F 4 .   ? 5.702   -1.235  -7.279  0.40 37.49  ? 305 H2Y A C5  1 
HETATM 1503 C C6  . H2Y F 4 .   ? 4.928   -2.252  -6.480  0.40 34.94  ? 305 H2Y A C6  1 
HETATM 1504 C C7  . H2Y F 4 .   ? 5.711   -3.525  -6.274  0.40 33.80  ? 305 H2Y A C7  1 
HETATM 1505 C C8  . H2Y F 4 .   ? 6.175   -5.278  -4.592  0.40 27.28  ? 305 H2Y A C8  1 
HETATM 1506 C C10 . H2Y F 4 .   ? 7.368   -7.322  -4.916  0.40 26.05  ? 305 H2Y A C10 1 
HETATM 1507 C C13 . H2Y F 4 .   ? 5.779   -1.327  -8.659  0.40 38.91  ? 305 H2Y A C13 1 
HETATM 1508 C C1  . H2Y F 4 .   ? 8.353   1.093   -10.768 0.40 41.95  ? 305 H2Y A C1  1 
HETATM 1509 O O1  . H2Y F 4 .   ? 7.847   1.547   -9.512  0.40 41.22  ? 305 H2Y A O1  1 
HETATM 1510 C C2  . H2Y F 4 .   ? 7.141   0.643   -8.764  0.40 40.05  ? 305 H2Y A C2  1 
HETATM 1511 C C3  . H2Y F 4 .   ? 7.068   0.760   -7.386  0.40 38.73  ? 305 H2Y A C3  1 
HETATM 1512 C C9  . H2Y F 4 .   ? 6.754   -6.203  -5.452  0.40 26.73  ? 305 H2Y A C9  1 
HETATM 1513 C C11 . H2Y F 4 .   ? 7.375   -7.489  -3.557  0.40 26.49  ? 305 H2Y A C11 1 
HETATM 1514 N N2  . H2Y F 4 .   ? 6.804   -6.625  -2.712  0.40 24.40  ? 305 H2Y A N2  1 
HETATM 1515 C C12 . H2Y F 4 .   ? 6.225   -5.542  -3.228  0.40 25.80  ? 305 H2Y A C12 1 
HETATM 1516 O O2  . H2Y F 4 .   ? 6.415   -3.995  -7.159  0.40 34.29  ? 305 H2Y A O2  1 
HETATM 1517 C C14 . H2Y F 4 .   ? 6.496   -0.403  -9.402  0.40 39.41  ? 305 H2Y A C14 1 
HETATM 1518 O O   . HOH G 5 .   ? -7.564  7.418   -18.871 1.00 37.57  ? 401 HOH A O   1 
HETATM 1519 O O   . HOH G 5 .   ? -15.265 -11.381 5.962   1.00 49.49  ? 402 HOH A O   1 
HETATM 1520 O O   . HOH G 5 .   ? 2.168   -16.821 -0.643  1.00 59.43  ? 403 HOH A O   1 
HETATM 1521 O O   . HOH G 5 .   ? -7.244  0.757   -20.189 1.00 90.54  ? 404 HOH A O   1 
HETATM 1522 O O   . HOH G 5 .   ? 5.045   14.644  15.007  1.00 52.59  ? 405 HOH A O   1 
HETATM 1523 O O   . HOH G 5 .   ? -18.010 -1.797  10.522  1.00 47.06  ? 406 HOH A O   1 
HETATM 1524 O O   . HOH G 5 .   ? 11.664  9.567   0.992   1.00 46.27  ? 407 HOH A O   1 
HETATM 1525 O O   . HOH G 5 .   ? -12.117 5.028   10.534  1.00 35.29  ? 408 HOH A O   1 
HETATM 1526 O O   . HOH G 5 .   ? -10.649 13.203  4.592   1.00 32.79  ? 409 HOH A O   1 
HETATM 1527 O O   . HOH G 5 .   ? 4.022   11.122  -17.785 1.00 33.07  ? 410 HOH A O   1 
HETATM 1528 O O   . HOH G 5 .   ? 2.937   -8.738  -13.530 1.00 47.97  ? 411 HOH A O   1 
HETATM 1529 O O   . HOH G 5 .   ? -19.014 3.579   4.416   1.00 43.23  ? 412 HOH A O   1 
HETATM 1530 O O   . HOH G 5 .   ? 13.195  -13.608 0.359   1.00 51.75  ? 413 HOH A O   1 
HETATM 1531 O O   . HOH G 5 .   ? 3.912   13.957  0.187   1.00 39.21  ? 414 HOH A O   1 
HETATM 1532 O O   . HOH G 5 .   ? -18.190 9.045   0.843   1.00 42.67  ? 415 HOH A O   1 
HETATM 1533 O O   . HOH G 5 .   ? 4.211   -1.720  -20.768 1.00 46.90  ? 416 HOH A O   1 
HETATM 1534 O O   . HOH G 5 .   ? 0.173   9.345   15.725  1.00 48.08  ? 417 HOH A O   1 
HETATM 1535 O O   . HOH G 5 .   ? -13.309 -13.874 7.330   1.00 36.42  ? 418 HOH A O   1 
HETATM 1536 O O   . HOH G 5 .   ? -0.716  -13.708 -15.126 1.00 39.23  ? 419 HOH A O   1 
HETATM 1537 O O   . HOH G 5 .   ? 1.922   -4.287  -19.011 1.00 51.80  ? 420 HOH A O   1 
HETATM 1538 O O   . HOH G 5 .   ? 12.149  13.149  1.150   1.00 71.10  ? 421 HOH A O   1 
HETATM 1539 O O   . HOH G 5 .   ? -0.550  1.163   -21.687 1.00 37.54  ? 422 HOH A O   1 
HETATM 1540 O O   . HOH G 5 .   ? -14.649 -5.621  3.532   1.00 41.40  ? 423 HOH A O   1 
HETATM 1541 O O   . HOH G 5 .   ? 8.545   -6.972  12.797  1.00 43.54  ? 424 HOH A O   1 
HETATM 1542 O O   . HOH G 5 .   ? 10.434  2.336   1.165   1.00 31.89  ? 425 HOH A O   1 
HETATM 1543 O O   . HOH G 5 .   ? 12.788  -7.841  7.790   1.00 54.99  ? 426 HOH A O   1 
HETATM 1544 O O   . HOH G 5 .   ? -9.024  11.765  16.329  1.00 46.05  ? 427 HOH A O   1 
HETATM 1545 O O   . HOH G 5 .   ? 4.039   7.958   15.880  1.00 49.16  ? 428 HOH A O   1 
HETATM 1546 O O   . HOH G 5 .   ? -16.001 1.379   15.126  1.00 45.79  ? 429 HOH A O   1 
HETATM 1547 O O   . HOH G 5 .   ? 9.591   11.064  -0.255  1.00 49.16  ? 430 HOH A O   1 
HETATM 1548 O O   . HOH G 5 .   ? 6.786   13.515  13.355  1.00 47.16  ? 431 HOH A O   1 
HETATM 1549 O O   . HOH G 5 .   ? -6.019  -10.350 -12.961 1.00 34.72  ? 432 HOH A O   1 
HETATM 1550 O O   . HOH G 5 .   ? -3.413  -17.730 -0.754  1.00 49.45  ? 433 HOH A O   1 
HETATM 1551 O O   . HOH G 5 .   ? -16.177 2.013   -2.746  1.00 54.08  ? 434 HOH A O   1 
HETATM 1552 O O   . HOH G 5 .   ? -4.721  -5.992  -18.942 1.00 32.10  ? 435 HOH A O   1 
HETATM 1553 O O   . HOH G 5 .   ? 9.892   -14.577 2.969   1.00 41.13  ? 436 HOH A O   1 
HETATM 1554 O O   . HOH G 5 .   ? -5.401  -12.748 -13.719 1.00 41.97  ? 437 HOH A O   1 
HETATM 1555 O O   . HOH G 5 .   ? 12.714  0.890   2.364   1.00 37.24  ? 438 HOH A O   1 
HETATM 1556 O O   . HOH G 5 .   ? 15.808  -0.727  9.085   1.00 55.37  ? 439 HOH A O   1 
HETATM 1557 O O   . HOH G 5 .   ? -5.158  -9.680  8.770   1.00 48.65  ? 440 HOH A O   1 
HETATM 1558 O O   . HOH G 5 .   ? -5.658  -10.296 -3.946  1.00 39.60  ? 441 HOH A O   1 
HETATM 1559 O O   . HOH G 5 .   ? -9.098  -5.970  9.084   1.00 36.02  ? 442 HOH A O   1 
HETATM 1560 O O   . HOH G 5 .   ? -7.547  -15.754 -7.340  1.00 60.35  ? 443 HOH A O   1 
HETATM 1561 O O   . HOH G 5 .   ? 6.503   -17.434 4.216   1.00 45.10  ? 444 HOH A O   1 
HETATM 1562 O O   . HOH G 5 .   ? -1.335  2.107   -13.832 1.00 27.73  ? 445 HOH A O   1 
HETATM 1563 O O   . HOH G 5 .   ? -16.457 8.952   7.421   1.00 47.57  ? 446 HOH A O   1 
HETATM 1564 O O   . HOH G 5 .   ? -10.587 10.352  -18.468 1.00 43.63  ? 447 HOH A O   1 
HETATM 1565 O O   . HOH G 5 .   ? -1.724  -0.661  -13.563 1.00 30.38  ? 448 HOH A O   1 
HETATM 1566 O O   . HOH G 5 .   ? -6.648  18.277  8.181   1.00 48.12  ? 449 HOH A O   1 
HETATM 1567 O O   . HOH G 5 .   ? -12.202 7.581   9.207   1.00 34.84  ? 450 HOH A O   1 
HETATM 1568 O O   . HOH G 5 .   ? -13.864 6.330   12.868  1.00 55.79  ? 451 HOH A O   1 
HETATM 1569 O O   . HOH G 5 .   ? 5.469   -4.082  12.490  1.00 58.13  ? 452 HOH A O   1 
HETATM 1570 O O   . HOH G 5 .   ? 3.333   1.081   16.978  1.00 42.28  ? 453 HOH A O   1 
HETATM 1571 O O   . HOH G 5 .   ? -1.828  -14.182 -8.352  1.00 40.39  ? 454 HOH A O   1 
HETATM 1572 O O   . HOH G 5 .   ? 11.153  12.856  13.512  1.00 50.36  ? 455 HOH A O   1 
HETATM 1573 O O   . HOH G 5 .   ? -0.440  -1.713  16.632  1.00 55.84  ? 456 HOH A O   1 
HETATM 1574 O O   . HOH G 5 .   ? -9.537  5.564   -18.933 1.00 53.52  ? 457 HOH A O   1 
HETATM 1575 O O   . HOH G 5 .   ? -16.010 -0.847  11.768  1.00 41.94  ? 458 HOH A O   1 
HETATM 1576 O O   . HOH G 5 .   ? -15.305 13.977  -3.796  1.00 45.82  ? 459 HOH A O   1 
HETATM 1577 O O   . HOH G 5 .   ? -10.277 15.838  17.610  1.00 37.05  ? 460 HOH A O   1 
HETATM 1578 O O   . HOH G 5 .   ? -12.393 -7.108  3.380   1.00 41.03  ? 461 HOH A O   1 
HETATM 1579 O O   . HOH G 5 .   ? 5.544   -8.587  14.716  1.00 44.35  ? 462 HOH A O   1 
HETATM 1580 O O   . HOH G 5 .   ? -2.791  4.644   -17.665 1.00 30.15  ? 463 HOH A O   1 
HETATM 1581 O O   . HOH G 5 .   ? 10.309  -11.128 15.297  1.00 39.18  ? 464 HOH A O   1 
HETATM 1582 O O   . HOH G 5 .   ? 9.655   8.771   -22.408 1.00 55.51  ? 465 HOH A O   1 
HETATM 1583 O O   . HOH G 5 .   ? -11.789 -8.239  -4.355  1.00 43.18  ? 466 HOH A O   1 
HETATM 1584 O O   . HOH G 5 .   ? -6.834  -10.004 -10.204 1.00 34.50  ? 467 HOH A O   1 
HETATM 1585 O O   . HOH G 5 .   ? -5.321  4.226   -13.308 1.00 50.34  ? 468 HOH A O   1 
HETATM 1586 O O   . HOH G 5 .   ? 2.952   11.835  -9.923  1.00 36.95  ? 469 HOH A O   1 
HETATM 1587 O O   . HOH G 5 .   ? 3.348   -7.820  -17.474 1.00 42.30  ? 470 HOH A O   1 
HETATM 1588 O O   . HOH G 5 .   ? 2.807   13.509  8.654   1.00 39.47  ? 471 HOH A O   1 
HETATM 1589 O O   . HOH G 5 .   ? -11.423 2.992   -8.199  1.00 58.85  ? 472 HOH A O   1 
HETATM 1590 O O   . HOH G 5 .   ? 8.604   -19.155 -3.846  1.00 49.82  ? 473 HOH A O   1 
HETATM 1591 O O   . HOH G 5 .   ? 7.982   -1.034  -17.409 1.00 57.95  ? 474 HOH A O   1 
HETATM 1592 O O   . HOH G 5 .   ? -7.683  0.214   -17.644 1.00 58.67  ? 475 HOH A O   1 
HETATM 1593 O O   . HOH G 5 .   ? -3.747  3.837   13.591  1.00 26.97  ? 476 HOH A O   1 
HETATM 1594 O O   . HOH G 5 .   ? -7.410  6.121   -13.117 1.00 42.81  ? 477 HOH A O   1 
HETATM 1595 O O   . HOH G 5 .   ? -0.397  -11.078 8.127   1.00 47.06  ? 478 HOH A O   1 
HETATM 1596 O O   . HOH G 5 .   ? 15.535  -11.821 0.570   1.00 45.04  ? 479 HOH A O   1 
HETATM 1597 O O   . HOH G 5 .   ? -13.070 -5.593  -4.118  1.00 41.18  ? 480 HOH A O   1 
HETATM 1598 O O   . HOH G 5 .   ? 7.286   -4.332  -9.904  1.00 58.33  ? 481 HOH A O   1 
HETATM 1599 O O   . HOH G 5 .   ? 1.884   -1.627  -19.250 1.00 34.89  ? 482 HOH A O   1 
HETATM 1600 O O   . HOH G 5 .   ? -8.133  10.282  14.002  1.00 34.94  ? 483 HOH A O   1 
HETATM 1601 O O   . HOH G 5 .   ? 5.449   -7.052  -11.626 1.00 50.16  ? 484 HOH A O   1 
HETATM 1602 O O   . HOH G 5 .   ? 11.501  4.224   15.138  1.00 56.78  ? 485 HOH A O   1 
HETATM 1603 O O   . HOH G 5 .   ? 3.799   -6.696  11.749  1.00 36.68  ? 486 HOH A O   1 
HETATM 1604 O O   . HOH G 5 .   ? -10.388 -14.643 5.141   1.00 42.97  ? 487 HOH A O   1 
HETATM 1605 O O   . HOH G 5 .   ? -2.519  3.698   16.165  1.00 44.02  ? 488 HOH A O   1 
HETATM 1606 O O   . HOH G 5 .   ? 2.635   5.620   -25.421 1.00 48.61  ? 489 HOH A O   1 
HETATM 1607 O O   . HOH G 5 .   ? 10.094  6.032   -4.458  1.00 39.75  ? 490 HOH A O   1 
HETATM 1608 O O   . HOH G 5 .   ? -7.404  3.923   13.187  1.00 33.79  ? 491 HOH A O   1 
HETATM 1609 O O   . HOH G 5 .   ? -8.379  0.360   -14.807 1.00 39.90  ? 492 HOH A O   1 
HETATM 1610 O O   . HOH G 5 .   ? 16.186  -3.346  13.356  1.00 46.22  ? 493 HOH A O   1 
HETATM 1611 O O   . HOH G 5 .   ? -6.883  -16.870 10.232  1.00 59.56  ? 494 HOH A O   1 
HETATM 1612 O O   . HOH G 5 .   ? -10.983 -5.915  -10.641 1.00 51.11  ? 495 HOH A O   1 
HETATM 1613 O O   . HOH G 5 .   ? 10.288  10.459  -12.305 1.00 50.77  ? 496 HOH A O   1 
HETATM 1614 O O   . HOH G 5 .   ? -9.590  -17.869 -3.747  1.00 64.31  ? 497 HOH A O   1 
HETATM 1615 O O   . HOH G 5 .   ? 1.097   -16.885 -2.848  1.00 52.66  ? 498 HOH A O   1 
HETATM 1616 O O   . HOH G 5 .   ? 0.875   -0.094  18.146  1.00 50.21  ? 499 HOH A O   1 
HETATM 1617 O O   . HOH G 5 .   ? -9.621  -0.674  -11.668 1.00 38.96  ? 500 HOH A O   1 
HETATM 1618 O O   . HOH G 5 .   ? 7.789   -9.165  -7.339  1.00 75.52  ? 501 HOH A O   1 
HETATM 1619 O O   . HOH G 5 .   ? 14.314  -9.464  -10.526 1.00 70.86  ? 502 HOH A O   1 
HETATM 1620 O O   . HOH G 5 .   ? -8.093  13.519  22.975  1.00 54.70  ? 503 HOH A O   1 
HETATM 1621 O O   . HOH G 5 .   ? -9.705  4.533   12.740  1.00 55.73  ? 504 HOH A O   1 
HETATM 1622 O O   . HOH G 5 .   ? 8.421   3.675   15.949  1.00 43.88  ? 505 HOH A O   1 
HETATM 1623 O O   . HOH G 5 .   ? 6.929   8.740   -22.565 1.00 46.17  ? 506 HOH A O   1 
HETATM 1624 O O   . HOH G 5 .   ? -13.066 -9.407  2.976   1.00 55.97  ? 507 HOH A O   1 
HETATM 1625 O O   . HOH G 5 .   ? -10.943 -15.468 -3.792  1.00 58.02  ? 508 HOH A O   1 
HETATM 1626 O O   . HOH G 5 .   ? 14.704  -8.304  -12.924 1.00 68.32  ? 509 HOH A O   1 
HETATM 1627 O O   . HOH G 5 .   ? 0.818   -13.487 -12.200 1.00 46.69  ? 510 HOH A O   1 
HETATM 1628 O O   . HOH G 5 .   ? -9.331  -1.479  -18.104 1.00 53.19  ? 511 HOH A O   1 
HETATM 1629 O O   . HOH G 5 .   ? -3.113  1.714   -21.464 1.00 57.37  ? 512 HOH A O   1 
HETATM 1630 O O   . HOH G 5 .   ? 4.717   5.738   -22.567 1.00 57.64  ? 513 HOH A O   1 
HETATM 1631 O O   . HOH G 5 .   ? -11.249 -14.586 14.313  1.00 49.93  ? 514 HOH A O   1 
HETATM 1632 O O   . HOH G 5 .   ? -12.949 -0.879  -14.477 1.00 63.81  ? 515 HOH A O   1 
HETATM 1633 O O   . HOH G 5 .   ? 6.249   13.203  -11.475 1.00 42.59  ? 516 HOH A O   1 
HETATM 1634 O O   . HOH G 5 .   ? 11.241  3.221   -1.480  1.00 40.71  ? 517 HOH A O   1 
HETATM 1635 O O   . HOH G 5 .   ? -9.402  -12.097 13.637  1.00 54.75  ? 518 HOH A O   1 
HETATM 1636 O O   . HOH G 5 .   ? -5.087  -14.017 -9.331  1.00 61.94  ? 519 HOH A O   1 
HETATM 1637 O O   . HOH G 5 .   ? -14.417 9.269   9.590   1.00 65.43  ? 520 HOH A O   1 
HETATM 1638 O O   . HOH G 5 .   ? 1.338   15.325  9.957   1.00 50.32  ? 521 HOH A O   1 
HETATM 1639 O O   . HOH G 5 .   ? -11.169 16.372  21.865  1.00 48.20  ? 522 HOH A O   1 
HETATM 1640 O O   . HOH G 5 .   ? -19.739 6.641   1.020   1.00 54.46  ? 523 HOH A O   1 
HETATM 1641 O O   . HOH G 5 .   ? -8.833  2.291   -12.430 1.00 49.41  ? 524 HOH A O   1 
HETATM 1642 O O   . HOH G 5 .   ? -13.000 15.335  1.132   1.00 51.92  ? 525 HOH A O   1 
HETATM 1643 O O   . HOH G 5 .   ? -0.771  -16.179 -7.001  1.00 58.00  ? 526 HOH A O   1 
HETATM 1644 O O   . HOH G 5 .   ? 9.037   -14.414 5.407   1.00 42.83  ? 527 HOH A O   1 
HETATM 1645 O O   . HOH G 5 .   ? 0.068   -6.095  -20.697 1.00 48.43  ? 528 HOH A O   1 
HETATM 1646 O O   . HOH G 5 .   ? 3.822   17.302  15.447  1.00 54.66  ? 529 HOH A O   1 
HETATM 1647 O O   . HOH G 5 .   ? 9.035   0.068   -3.255  1.00 62.02  ? 530 HOH A O   1 
HETATM 1648 O O   . HOH G 5 .   ? -12.313 16.036  19.697  1.00 49.29  ? 531 HOH A O   1 
HETATM 1649 O O   . HOH G 5 .   ? 15.251  1.266   2.118   1.00 62.19  ? 532 HOH A O   1 
HETATM 1650 O O   . HOH G 5 .   ? 4.006   -5.034  23.044  1.00 57.21  ? 533 HOH A O   1 
HETATM 1651 O O   . HOH G 5 .   ? 13.539  7.408   -1.778  1.00 59.94  ? 534 HOH A O   1 
HETATM 1652 O O   . HOH G 5 .   ? -0.281  -1.257  -20.633 1.00 56.74  ? 535 HOH A O   1 
HETATM 1653 O O   . HOH G 5 .   ? -16.898 10.774  5.031   1.00 53.15  ? 536 HOH A O   1 
HETATM 1654 O O   . HOH G 5 .   ? -4.642  0.070   -20.521 1.00 57.19  ? 537 HOH A O   1 
HETATM 1655 O O   . HOH G 5 .   ? 11.396  -4.602  21.963  1.00 54.85  ? 538 HOH A O   1 
HETATM 1656 O O   . HOH G 5 .   ? -16.108 -14.793 1.056   1.00 47.99  ? 539 HOH A O   1 
HETATM 1657 O O   . HOH G 5 .   ? -14.026 -4.914  -15.164 1.00 65.38  ? 540 HOH A O   1 
HETATM 1658 O O   . HOH G 5 .   ? -18.226 9.692   -1.765  1.00 57.13  ? 541 HOH A O   1 
HETATM 1659 O O   . HOH G 5 .   ? -12.167 0.936   -6.950  1.00 48.51  ? 542 HOH A O   1 
HETATM 1660 O O   . HOH G 5 .   ? 12.260  5.342   -2.834  1.00 49.67  ? 543 HOH A O   1 
HETATM 1661 O O   . HOH G 5 .   ? 0.228   4.604   16.626  1.00 45.30  ? 544 HOH A O   1 
HETATM 1662 O O   . HOH G 5 .   ? 2.472   3.976   16.084  1.00 41.73  ? 545 HOH A O   1 
HETATM 1663 O O   . HOH G 5 .   ? -11.510 -0.548  -9.525  1.00 63.04  ? 546 HOH A O   1 
HETATM 1664 O O   . HOH G 5 .   ? -5.698  5.566   14.451  1.00 45.50  ? 547 HOH A O   1 
HETATM 1665 O O   . HOH G 5 .   ? 7.117   9.222   -6.219  1.00 63.12  ? 548 HOH A O   1 
HETATM 1666 O O   . HOH G 5 .   ? -0.814  -14.925 -10.746 1.00 47.18  ? 549 HOH A O   1 
HETATM 1667 O O   . HOH G 5 .   ? -3.745  5.482   17.679  1.00 50.74  ? 550 HOH A O   1 
HETATM 1668 O O   . HOH G 5 .   ? 12.019  9.075   -3.903  1.00 74.70  ? 551 HOH A O   1 
HETATM 1669 O O   . HOH G 5 .   ? -2.102  -15.935 -15.493 1.00 55.14  ? 552 HOH A O   1 
HETATM 1670 O O   . HOH G 5 .   ? 4.208   5.858   16.882  1.00 56.78  ? 553 HOH A O   1 
HETATM 1671 O O   . HOH G 5 .   ? -5.602  8.842   14.747  1.00 42.37  ? 554 HOH A O   1 
HETATM 1672 O O   . HOH G 5 .   ? -11.655 -5.276  -7.792  1.00 53.92  ? 555 HOH A O   1 
HETATM 1673 O O   . HOH G 5 .   ? -2.831  7.812   17.911  1.00 42.62  ? 556 HOH A O   1 
# 
loop_
_pdbx_poly_seq_scheme.asym_id 
_pdbx_poly_seq_scheme.entity_id 
_pdbx_poly_seq_scheme.seq_id 
_pdbx_poly_seq_scheme.mon_id 
_pdbx_poly_seq_scheme.ndb_seq_num 
_pdbx_poly_seq_scheme.pdb_seq_num 
_pdbx_poly_seq_scheme.auth_seq_num 
_pdbx_poly_seq_scheme.pdb_mon_id 
_pdbx_poly_seq_scheme.auth_mon_id 
_pdbx_poly_seq_scheme.pdb_strand_id 
_pdbx_poly_seq_scheme.pdb_ins_code 
_pdbx_poly_seq_scheme.hetero 
A 1 1   SER 1   15  15  SER SER A . n 
A 1 2   MET 2   16  16  MET MET A . n 
A 1 3   LEU 3   17  17  LEU LEU A . n 
A 1 4   ASP 4   18  18  ASP ASP A . n 
A 1 5   ASP 5   19  19  ASP ASP A . n 
A 1 6   ALA 6   20  20  ALA ALA A . n 
A 1 7   LYS 7   21  21  LYS LYS A . n 
A 1 8   ALA 8   22  22  ALA ALA A . n 
A 1 9   ARG 9   23  23  ARG ARG A . n 
A 1 10  LEU 10  24  24  LEU LEU A . n 
A 1 11  ARG 11  25  25  ARG ARG A . n 
A 1 12  LYS 12  26  26  LYS LYS A . n 
A 1 13  TYR 13  27  27  TYR TYR A . n 
A 1 14  ASP 14  28  28  ASP ASP A . n 
A 1 15  ILE 15  29  29  ILE ILE A . n 
A 1 16  GLY 16  30  30  GLY GLY A . n 
A 1 17  GLY 17  31  31  GLY GLY A . n 
A 1 18  LYS 18  32  32  LYS LYS A . n 
A 1 19  TYR 19  33  33  TYR TYR A . n 
A 1 20  SER 20  34  34  SER SER A . n 
A 1 21  HIS 21  35  35  HIS HIS A . n 
A 1 22  LEU 22  36  36  LEU LEU A . n 
A 1 23  PRO 23  37  37  PRO PRO A . n 
A 1 24  TYR 24  38  38  TYR TYR A . n 
A 1 25  ASN 25  39  39  ASN ASN A . n 
A 1 26  LYS 26  40  40  LYS LYS A . n 
A 1 27  TYR 27  41  41  TYR TYR A . n 
A 1 28  SER 28  42  42  SER SER A . n 
A 1 29  VAL 29  43  43  VAL VAL A . n 
A 1 30  LEU 30  44  44  LEU LEU A . n 
A 1 31  LEU 31  45  45  LEU LEU A . n 
A 1 32  PRO 32  46  46  PRO PRO A . n 
A 1 33  LEU 33  47  47  LEU LEU A . n 
A 1 34  VAL 34  48  48  VAL VAL A . n 
A 1 35  ALA 35  49  49  ALA ALA A . n 
A 1 36  LYS 36  50  50  LYS LYS A . n 
A 1 37  GLU 37  51  51  GLU GLU A . n 
A 1 38  GLY 38  52  52  GLY GLY A . n 
A 1 39  LYS 39  53  53  LYS LYS A . n 
A 1 40  LEU 40  54  54  LEU LEU A . n 
A 1 41  HIS 41  55  55  HIS HIS A . n 
A 1 42  LEU 42  56  56  LEU LEU A . n 
A 1 43  LEU 43  57  57  LEU LEU A . n 
A 1 44  PHE 44  58  58  PHE PHE A . n 
A 1 45  THR 45  59  59  THR THR A . n 
A 1 46  VAL 46  60  60  VAL VAL A . n 
A 1 47  ARG 47  61  61  ARG ARG A . n 
A 1 48  SER 48  62  62  SER SER A . n 
A 1 49  GLU 49  63  63  GLU GLU A . n 
A 1 50  LYS 50  64  64  LYS LYS A . n 
A 1 51  LEU 51  65  65  LEU LEU A . n 
A 1 52  ARG 52  66  66  ARG ARG A . n 
A 1 53  ARG 53  67  67  ARG ARG A . n 
A 1 54  ALA 54  68  68  ALA ALA A . n 
A 1 55  PRO 55  69  69  PRO PRO A . n 
A 1 56  GLY 56  70  70  GLY GLY A . n 
A 1 57  GLU 57  71  71  GLU GLU A . n 
A 1 58  VAL 58  72  72  VAL VAL A . n 
A 1 59  CYS 59  73  73  CYS CYS A . n 
A 1 60  PHE 60  74  74  PHE PHE A . n 
A 1 61  PRO 61  75  75  PRO PRO A . n 
A 1 62  GLY 62  76  76  GLY GLY A . n 
A 1 63  GLY 63  77  77  GLY GLY A . n 
A 1 64  LYS 64  78  78  LYS LYS A . n 
A 1 65  ARG 65  79  79  ARG ARG A . n 
A 1 66  ASP 66  80  80  ASP ASP A . n 
A 1 67  PRO 67  81  81  PRO PRO A . n 
A 1 68  THR 68  82  82  THR THR A . n 
A 1 69  ASP 69  83  83  ASP ASP A . n 
A 1 70  MET 70  84  84  MET MET A . n 
A 1 71  ASP 71  85  85  ASP ASP A . n 
A 1 72  ASP 72  86  86  ASP ASP A . n 
A 1 73  ALA 73  87  87  ALA ALA A . n 
A 1 74  ALA 74  88  88  ALA ALA A . n 
A 1 75  THR 75  89  89  THR THR A . n 
A 1 76  ALA 76  90  90  ALA ALA A . n 
A 1 77  LEU 77  91  91  LEU LEU A . n 
A 1 78  ARG 78  92  92  ARG ARG A . n 
A 1 79  GLU 79  93  93  GLU GLU A . n 
A 1 80  ALA 80  94  94  ALA ALA A . n 
A 1 81  GLN 81  95  95  GLN GLN A . n 
A 1 82  GLU 82  96  96  GLU GLU A . n 
A 1 83  GLU 83  97  97  GLU GLU A . n 
A 1 84  VAL 84  98  98  VAL VAL A . n 
A 1 85  GLY 85  99  99  GLY GLY A . n 
A 1 86  LEU 86  100 100 LEU LEU A . n 
A 1 87  ARG 87  101 101 ARG ARG A . n 
A 1 88  HYP 88  102 102 HYP HYP A . n 
A 1 89  HIS 89  103 103 HIS HIS A . n 
A 1 90  GLN 90  104 104 GLN GLN A . n 
A 1 91  VAL 91  105 105 VAL VAL A . n 
A 1 92  GLU 92  106 106 GLU GLU A . n 
A 1 93  VAL 93  107 107 VAL VAL A . n 
A 1 94  VAL 94  108 108 VAL VAL A . n 
A 1 95  CSO 95  109 109 CSO CSO A . n 
A 1 96  CYS 96  110 110 CYS CYS A . n 
A 1 97  LEU 97  111 111 LEU LEU A . n 
A 1 98  VAL 98  112 112 VAL VAL A . n 
A 1 99  PRO 99  113 113 PRO PRO A . n 
A 1 100 CYS 100 114 114 CYS CYS A . n 
A 1 101 LEU 101 115 115 LEU LEU A . n 
A 1 102 ILE 102 116 116 ILE ILE A . n 
A 1 103 ASP 103 117 117 ASP ASP A . n 
A 1 104 THR 104 118 118 THR THR A . n 
A 1 105 ASP 105 119 119 ASP ASP A . n 
A 1 106 THR 106 120 120 THR THR A . n 
A 1 107 LEU 107 121 121 LEU LEU A . n 
A 1 108 ILE 108 122 122 ILE ILE A . n 
A 1 109 THR 109 123 123 THR THR A . n 
A 1 110 PRO 110 124 124 PRO PRO A . n 
A 1 111 PHE 111 125 125 PHE PHE A . n 
A 1 112 VAL 112 126 126 VAL VAL A . n 
A 1 113 GLY 113 127 127 GLY GLY A . n 
A 1 114 LEU 114 128 128 LEU LEU A . n 
A 1 115 ILE 115 129 129 ILE ILE A . n 
A 1 116 ASP 116 130 130 ASP ASP A . n 
A 1 117 HIS 117 131 131 HIS HIS A . n 
A 1 118 ASN 118 132 132 ASN ASN A . n 
A 1 119 PHE 119 133 133 PHE PHE A . n 
A 1 120 GLN 120 134 134 GLN GLN A . n 
A 1 121 ALA 121 135 135 ALA ALA A . n 
A 1 122 GLN 122 136 136 GLN GLN A . n 
A 1 123 PRO 123 137 137 PRO PRO A . n 
A 1 124 ASN 124 138 138 ASN ASN A . n 
A 1 125 PRO 125 139 139 PRO PRO A . n 
A 1 126 ALA 126 140 140 ALA ALA A . n 
A 1 127 GLU 127 141 141 GLU GLU A . n 
A 1 128 VAL 128 142 142 VAL VAL A . n 
A 1 129 LYS 129 143 143 LYS LYS A . n 
A 1 130 ASP 130 144 144 ASP ASP A . n 
A 1 131 VAL 131 145 145 VAL VAL A . n 
A 1 132 PHE 132 146 146 PHE PHE A . n 
A 1 133 LEU 133 147 147 LEU LEU A . n 
A 1 134 VAL 134 148 148 VAL VAL A . n 
A 1 135 PRO 135 149 149 PRO PRO A . n 
A 1 136 LEU 136 150 150 LEU LEU A . n 
A 1 137 ALA 137 151 151 ALA ALA A . n 
A 1 138 TYR 138 152 152 TYR TYR A . n 
A 1 139 PHE 139 153 153 PHE PHE A . n 
A 1 140 LEU 140 154 154 LEU LEU A . n 
A 1 141 HIS 141 155 155 HIS HIS A . n 
A 1 142 PRO 142 156 156 PRO PRO A . n 
A 1 143 GLN 143 157 157 GLN GLN A . n 
A 1 144 VAL 144 158 158 VAL VAL A . n 
A 1 145 HIS 145 159 159 HIS HIS A . n 
A 1 146 ASP 146 160 160 ASP ASP A . n 
A 1 147 GLN 147 161 161 GLN GLN A . n 
A 1 148 HIS 148 162 ?   ?   ?   A . n 
A 1 149 TYR 149 163 ?   ?   ?   A . n 
A 1 150 VAL 150 164 ?   ?   ?   A . n 
A 1 151 THR 151 165 ?   ?   ?   A . n 
A 1 152 ARG 152 166 ?   ?   ?   A . n 
A 1 153 LEU 153 167 ?   ?   ?   A . n 
A 1 154 GLY 154 168 ?   ?   ?   A . n 
A 1 155 HIS 155 169 ?   ?   ?   A . n 
A 1 156 ARG 156 170 ?   ?   ?   A . n 
A 1 157 PHE 157 171 ?   ?   ?   A . n 
A 1 158 ILE 158 172 172 ILE ILE A . n 
A 1 159 ASN 159 173 173 ASN ASN A . n 
A 1 160 HIS 160 174 174 HIS HIS A . n 
A 1 161 ILE 161 175 175 ILE ILE A . n 
A 1 162 PHE 162 176 176 PHE PHE A . n 
A 1 163 GLU 163 177 177 GLU GLU A . n 
A 1 164 TYR 164 178 178 TYR TYR A . n 
A 1 165 THR 165 179 179 THR THR A . n 
A 1 166 ASN 166 180 180 ASN ASN A . n 
A 1 167 PRO 167 181 181 PRO PRO A . n 
A 1 168 GLU 168 182 182 GLU GLU A . n 
A 1 169 ASP 169 183 183 ASP ASP A . n 
A 1 170 GLY 170 184 184 GLY GLY A . n 
A 1 171 VAL 171 185 185 VAL VAL A . n 
A 1 172 THR 172 186 186 THR THR A . n 
A 1 173 TYR 173 187 187 TYR TYR A . n 
A 1 174 GLN 174 188 188 GLN GLN A . n 
A 1 175 ILE 175 189 189 ILE ILE A . n 
A 1 176 LYS 176 190 190 LYS LYS A . n 
A 1 177 GLY 177 191 191 GLY GLY A . n 
A 1 178 MET 178 192 192 MET MET A . n 
A 1 179 THR 179 193 193 THR THR A . n 
A 1 180 ALA 180 194 194 ALA ALA A . n 
A 1 181 ASN 181 195 195 ASN ASN A . n 
A 1 182 LEU 182 196 196 LEU LEU A . n 
A 1 183 ALA 183 197 197 ALA ALA A . n 
A 1 184 VAL 184 198 198 VAL VAL A . n 
A 1 185 LEU 185 199 199 LEU LEU A . n 
A 1 186 VAL 186 200 200 VAL VAL A . n 
A 1 187 ALA 187 201 201 ALA ALA A . n 
A 1 188 PHE 188 202 202 PHE PHE A . n 
A 1 189 ILE 189 203 203 ILE ILE A . n 
A 1 190 ILE 190 204 204 ILE ILE A . n 
A 1 191 LEU 191 205 205 LEU LEU A . n 
A 1 192 GLU 192 206 206 GLU GLU A . n 
A 1 193 LYS 193 207 207 LYS LYS A . n 
A 1 194 LYS 194 208 208 LYS LYS A . n 
A 1 195 PRO 195 209 209 PRO PRO A . n 
A 1 196 THR 196 210 210 THR THR A . n 
# 
loop_
_pdbx_nonpoly_scheme.asym_id 
_pdbx_nonpoly_scheme.entity_id 
_pdbx_nonpoly_scheme.mon_id 
_pdbx_nonpoly_scheme.ndb_seq_num 
_pdbx_nonpoly_scheme.pdb_seq_num 
_pdbx_nonpoly_scheme.auth_seq_num 
_pdbx_nonpoly_scheme.pdb_mon_id 
_pdbx_nonpoly_scheme.auth_mon_id 
_pdbx_nonpoly_scheme.pdb_strand_id 
_pdbx_nonpoly_scheme.pdb_ins_code 
B 2 ACT 1   301 1   ACT ACT A . 
C 2 ACT 1   302 2   ACT ACT A . 
D 3 DMS 1   303 1   DMS DMS A . 
E 3 DMS 1   304 2   DMS DMS A . 
F 4 H2Y 1   305 1   H2Y LIG A . 
G 5 HOH 1   401 9   HOH HOH A . 
G 5 HOH 2   402 143 HOH HOH A . 
G 5 HOH 3   403 69  HOH HOH A . 
G 5 HOH 4   404 203 HOH HOH A . 
G 5 HOH 5   405 167 HOH HOH A . 
G 5 HOH 6   406 199 HOH HOH A . 
G 5 HOH 7   407 124 HOH HOH A . 
G 5 HOH 8   408 101 HOH HOH A . 
G 5 HOH 9   409 105 HOH HOH A . 
G 5 HOH 10  410 53  HOH HOH A . 
G 5 HOH 11  411 79  HOH HOH A . 
G 5 HOH 12  412 113 HOH HOH A . 
G 5 HOH 13  413 48  HOH HOH A . 
G 5 HOH 14  414 64  HOH HOH A . 
G 5 HOH 15  415 109 HOH HOH A . 
G 5 HOH 16  416 140 HOH HOH A . 
G 5 HOH 17  417 197 HOH HOH A . 
G 5 HOH 18  418 13  HOH HOH A . 
G 5 HOH 19  419 26  HOH HOH A . 
G 5 HOH 20  420 157 HOH HOH A . 
G 5 HOH 21  421 162 HOH HOH A . 
G 5 HOH 22  422 36  HOH HOH A . 
G 5 HOH 23  423 85  HOH HOH A . 
G 5 HOH 24  424 134 HOH HOH A . 
G 5 HOH 25  425 97  HOH HOH A . 
G 5 HOH 26  426 80  HOH HOH A . 
G 5 HOH 27  427 24  HOH HOH A . 
G 5 HOH 28  428 117 HOH HOH A . 
G 5 HOH 29  429 137 HOH HOH A . 
G 5 HOH 30  430 125 HOH HOH A . 
G 5 HOH 31  431 118 HOH HOH A . 
G 5 HOH 32  432 6   HOH HOH A . 
G 5 HOH 33  433 35  HOH HOH A . 
G 5 HOH 34  434 49  HOH HOH A . 
G 5 HOH 35  435 10  HOH HOH A . 
G 5 HOH 36  436 15  HOH HOH A . 
G 5 HOH 37  437 19  HOH HOH A . 
G 5 HOH 38  438 102 HOH HOH A . 
G 5 HOH 39  439 186 HOH HOH A . 
G 5 HOH 40  440 58  HOH HOH A . 
G 5 HOH 41  441 39  HOH HOH A . 
G 5 HOH 42  442 108 HOH HOH A . 
G 5 HOH 43  443 182 HOH HOH A . 
G 5 HOH 44  444 110 HOH HOH A . 
G 5 HOH 45  445 8   HOH HOH A . 
G 5 HOH 46  446 153 HOH HOH A . 
G 5 HOH 47  447 25  HOH HOH A . 
G 5 HOH 48  448 14  HOH HOH A . 
G 5 HOH 49  449 94  HOH HOH A . 
G 5 HOH 50  450 99  HOH HOH A . 
G 5 HOH 51  451 166 HOH HOH A . 
G 5 HOH 52  452 179 HOH HOH A . 
G 5 HOH 53  453 103 HOH HOH A . 
G 5 HOH 54  454 55  HOH HOH A . 
G 5 HOH 55  455 139 HOH HOH A . 
G 5 HOH 56  456 176 HOH HOH A . 
G 5 HOH 57  457 202 HOH HOH A . 
G 5 HOH 58  458 193 HOH HOH A . 
G 5 HOH 59  459 146 HOH HOH A . 
G 5 HOH 60  460 12  HOH HOH A . 
G 5 HOH 61  461 28  HOH HOH A . 
G 5 HOH 62  462 200 HOH HOH A . 
G 5 HOH 63  463 2   HOH HOH A . 
G 5 HOH 64  464 116 HOH HOH A . 
G 5 HOH 65  465 72  HOH HOH A . 
G 5 HOH 66  466 22  HOH HOH A . 
G 5 HOH 67  467 1   HOH HOH A . 
G 5 HOH 68  468 59  HOH HOH A . 
G 5 HOH 69  469 7   HOH HOH A . 
G 5 HOH 70  470 42  HOH HOH A . 
G 5 HOH 71  471 104 HOH HOH A . 
G 5 HOH 72  472 62  HOH HOH A . 
G 5 HOH 73  473 61  HOH HOH A . 
G 5 HOH 74  474 141 HOH HOH A . 
G 5 HOH 75  475 75  HOH HOH A . 
G 5 HOH 76  476 98  HOH HOH A . 
G 5 HOH 77  477 38  HOH HOH A . 
G 5 HOH 78  478 159 HOH HOH A . 
G 5 HOH 79  479 46  HOH HOH A . 
G 5 HOH 80  480 37  HOH HOH A . 
G 5 HOH 81  481 51  HOH HOH A . 
G 5 HOH 82  482 17  HOH HOH A . 
G 5 HOH 83  483 45  HOH HOH A . 
G 5 HOH 84  484 56  HOH HOH A . 
G 5 HOH 85  485 158 HOH HOH A . 
G 5 HOH 86  486 96  HOH HOH A . 
G 5 HOH 87  487 27  HOH HOH A . 
G 5 HOH 88  488 106 HOH HOH A . 
G 5 HOH 89  489 152 HOH HOH A . 
G 5 HOH 90  490 30  HOH HOH A . 
G 5 HOH 91  491 170 HOH HOH A . 
G 5 HOH 92  492 31  HOH HOH A . 
G 5 HOH 93  493 154 HOH HOH A . 
G 5 HOH 94  494 71  HOH HOH A . 
G 5 HOH 95  495 34  HOH HOH A . 
G 5 HOH 96  496 43  HOH HOH A . 
G 5 HOH 97  497 88  HOH HOH A . 
G 5 HOH 98  498 5   HOH HOH A . 
G 5 HOH 99  499 184 HOH HOH A . 
G 5 HOH 100 500 21  HOH HOH A . 
G 5 HOH 101 501 196 HOH HOH A . 
G 5 HOH 102 502 201 HOH HOH A . 
G 5 HOH 103 503 191 HOH HOH A . 
G 5 HOH 104 504 127 HOH HOH A . 
G 5 HOH 105 505 121 HOH HOH A . 
G 5 HOH 106 506 138 HOH HOH A . 
G 5 HOH 107 507 145 HOH HOH A . 
G 5 HOH 108 508 111 HOH HOH A . 
G 5 HOH 109 509 207 HOH HOH A . 
G 5 HOH 110 510 50  HOH HOH A . 
G 5 HOH 111 511 63  HOH HOH A . 
G 5 HOH 112 512 149 HOH HOH A . 
G 5 HOH 113 513 194 HOH HOH A . 
G 5 HOH 114 514 155 HOH HOH A . 
G 5 HOH 115 515 78  HOH HOH A . 
G 5 HOH 116 516 23  HOH HOH A . 
G 5 HOH 117 517 18  HOH HOH A . 
G 5 HOH 118 518 122 HOH HOH A . 
G 5 HOH 119 519 169 HOH HOH A . 
G 5 HOH 120 520 161 HOH HOH A . 
G 5 HOH 121 521 147 HOH HOH A . 
G 5 HOH 122 522 174 HOH HOH A . 
G 5 HOH 123 523 126 HOH HOH A . 
G 5 HOH 124 524 44  HOH HOH A . 
G 5 HOH 125 525 119 HOH HOH A . 
G 5 HOH 126 526 66  HOH HOH A . 
G 5 HOH 127 527 16  HOH HOH A . 
G 5 HOH 128 528 129 HOH HOH A . 
G 5 HOH 129 529 177 HOH HOH A . 
G 5 HOH 130 530 93  HOH HOH A . 
G 5 HOH 131 531 57  HOH HOH A . 
G 5 HOH 132 532 150 HOH HOH A . 
G 5 HOH 133 533 204 HOH HOH A . 
G 5 HOH 134 534 178 HOH HOH A . 
G 5 HOH 135 535 144 HOH HOH A . 
G 5 HOH 136 536 123 HOH HOH A . 
G 5 HOH 137 537 173 HOH HOH A . 
G 5 HOH 138 538 172 HOH HOH A . 
G 5 HOH 139 539 29  HOH HOH A . 
G 5 HOH 140 540 205 HOH HOH A . 
G 5 HOH 141 541 168 HOH HOH A . 
G 5 HOH 142 542 190 HOH HOH A . 
G 5 HOH 143 543 52  HOH HOH A . 
G 5 HOH 144 544 192 HOH HOH A . 
G 5 HOH 145 545 188 HOH HOH A . 
G 5 HOH 146 546 132 HOH HOH A . 
G 5 HOH 147 547 171 HOH HOH A . 
G 5 HOH 148 548 195 HOH HOH A . 
G 5 HOH 149 549 131 HOH HOH A . 
G 5 HOH 150 550 148 HOH HOH A . 
G 5 HOH 151 551 185 HOH HOH A . 
G 5 HOH 152 552 165 HOH HOH A . 
G 5 HOH 153 553 130 HOH HOH A . 
G 5 HOH 154 554 68  HOH HOH A . 
G 5 HOH 155 555 164 HOH HOH A . 
G 5 HOH 156 556 115 HOH HOH A . 
# 
loop_
_pdbx_struct_mod_residue.id 
_pdbx_struct_mod_residue.label_asym_id 
_pdbx_struct_mod_residue.label_comp_id 
_pdbx_struct_mod_residue.label_seq_id 
_pdbx_struct_mod_residue.auth_asym_id 
_pdbx_struct_mod_residue.auth_comp_id 
_pdbx_struct_mod_residue.auth_seq_id 
_pdbx_struct_mod_residue.PDB_ins_code 
_pdbx_struct_mod_residue.parent_comp_id 
_pdbx_struct_mod_residue.details 
1 A HYP 88 A HYP 102 ? PRO 'modified residue' 
2 A CSO 95 A CSO 109 ? CYS 'modified residue' 
# 
_pdbx_struct_assembly.id                   1 
_pdbx_struct_assembly.details              author_and_software_defined_assembly 
_pdbx_struct_assembly.method_details       PISA 
_pdbx_struct_assembly.oligomeric_details   monomeric 
_pdbx_struct_assembly.oligomeric_count     1 
# 
_pdbx_struct_assembly_gen.assembly_id       1 
_pdbx_struct_assembly_gen.oper_expression   1 
_pdbx_struct_assembly_gen.asym_id_list      A,B,C,D,E,F,G 
# 
loop_
_pdbx_struct_assembly_prop.biol_id 
_pdbx_struct_assembly_prop.type 
_pdbx_struct_assembly_prop.value 
_pdbx_struct_assembly_prop.details 
1 'ABSA (A^2)' 780   ? 
1 MORE         5     ? 
1 'SSA (A^2)'  10100 ? 
# 
_pdbx_struct_oper_list.id                   1 
_pdbx_struct_oper_list.type                 'identity operation' 
_pdbx_struct_oper_list.name                 1_555 
_pdbx_struct_oper_list.symmetry_operation   x,y,z 
_pdbx_struct_oper_list.matrix[1][1]         1.0000000000 
_pdbx_struct_oper_list.matrix[1][2]         0.0000000000 
_pdbx_struct_oper_list.matrix[1][3]         0.0000000000 
_pdbx_struct_oper_list.vector[1]            0.0000000000 
_pdbx_struct_oper_list.matrix[2][1]         0.0000000000 
_pdbx_struct_oper_list.matrix[2][2]         1.0000000000 
_pdbx_struct_oper_list.matrix[2][3]         0.0000000000 
_pdbx_struct_oper_list.vector[2]            0.0000000000 
_pdbx_struct_oper_list.matrix[3][1]         0.0000000000 
_pdbx_struct_oper_list.matrix[3][2]         0.0000000000 
_pdbx_struct_oper_list.matrix[3][3]         1.0000000000 
_pdbx_struct_oper_list.vector[3]            0.0000000000 
# 
loop_
_pdbx_audit_revision_history.ordinal 
_pdbx_audit_revision_history.data_content_type 
_pdbx_audit_revision_history.major_revision 
_pdbx_audit_revision_history.minor_revision 
_pdbx_audit_revision_history.revision_date 
1 'Structure model' 1 0 2019-03-27 
2 'Structure model' 1 1 2023-11-15 
# 
_pdbx_audit_revision_details.ordinal             1 
_pdbx_audit_revision_details.revision_ordinal    1 
_pdbx_audit_revision_details.data_content_type   'Structure model' 
_pdbx_audit_revision_details.provider            repository 
_pdbx_audit_revision_details.type                'Initial release' 
_pdbx_audit_revision_details.description         ? 
_pdbx_audit_revision_details.details             ? 
# 
loop_
_pdbx_audit_revision_group.ordinal 
_pdbx_audit_revision_group.revision_ordinal 
_pdbx_audit_revision_group.data_content_type 
_pdbx_audit_revision_group.group 
1 2 'Structure model' 'Data collection'     
2 2 'Structure model' 'Database references' 
# 
loop_
_pdbx_audit_revision_category.ordinal 
_pdbx_audit_revision_category.revision_ordinal 
_pdbx_audit_revision_category.data_content_type 
_pdbx_audit_revision_category.category 
1 2 'Structure model' chem_comp_atom 
2 2 'Structure model' chem_comp_bond 
3 2 'Structure model' database_2     
# 
loop_
_pdbx_audit_revision_item.ordinal 
_pdbx_audit_revision_item.revision_ordinal 
_pdbx_audit_revision_item.data_content_type 
_pdbx_audit_revision_item.item 
1 2 'Structure model' '_database_2.pdbx_DOI'                
2 2 'Structure model' '_database_2.pdbx_database_accession' 
# 
_phasing.method   MR 
# 
loop_
_software.pdbx_ordinal 
_software.name 
_software.version 
_software.date 
_software.type 
_software.contact_author 
_software.contact_author_email 
_software.classification 
_software.location 
_software.language 
_software.citation_id 
1 REFMAC      5.8.0189 ?               program 'Garib N. Murshudov' garib@ysbl.york.ac.uk    refinement        
http://www.ccp4.ac.uk/dist/html/refmac5.html        Fortran_77 ? 
2 Aimless     0.5.32   29/03/17        program 'Phil Evans'         ?                        'data scaling'    
http://www.mrc-lmb.cam.ac.uk/harry/pre/aimless.html ?          ? 
3 PDB_EXTRACT 3.23     'SEP. 23, 2016' package PDB                  deposit@deposit.rcsb.org 'data extraction' 
http://sw-tools.pdb.org/apps/PDB_EXTRACT/           C++        ? 
4 XDS         .        ?               program ?                    ?                        'data reduction'  ? ?          ? 
5 REFMAC      .        ?               program ?                    ?                        phasing           ? ?          ? 
# 
_pdbx_validate_torsion.id              1 
_pdbx_validate_torsion.PDB_model_num   1 
_pdbx_validate_torsion.auth_comp_id    THR 
_pdbx_validate_torsion.auth_asym_id    A 
_pdbx_validate_torsion.auth_seq_id     118 
_pdbx_validate_torsion.PDB_ins_code    ? 
_pdbx_validate_torsion.label_alt_id    ? 
_pdbx_validate_torsion.phi             73.33 
_pdbx_validate_torsion.psi             -23.70 
# 
loop_
_pdbx_unobs_or_zero_occ_atoms.id 
_pdbx_unobs_or_zero_occ_atoms.PDB_model_num 
_pdbx_unobs_or_zero_occ_atoms.polymer_flag 
_pdbx_unobs_or_zero_occ_atoms.occupancy_flag 
_pdbx_unobs_or_zero_occ_atoms.auth_asym_id 
_pdbx_unobs_or_zero_occ_atoms.auth_comp_id 
_pdbx_unobs_or_zero_occ_atoms.auth_seq_id 
_pdbx_unobs_or_zero_occ_atoms.PDB_ins_code 
_pdbx_unobs_or_zero_occ_atoms.auth_atom_id 
_pdbx_unobs_or_zero_occ_atoms.label_alt_id 
_pdbx_unobs_or_zero_occ_atoms.label_asym_id 
_pdbx_unobs_or_zero_occ_atoms.label_comp_id 
_pdbx_unobs_or_zero_occ_atoms.label_seq_id 
_pdbx_unobs_or_zero_occ_atoms.label_atom_id 
1 1 Y 1 A GLN 161 ? CG  ? A GLN 147 CG  
2 1 Y 1 A GLN 161 ? CD  ? A GLN 147 CD  
3 1 Y 1 A GLN 161 ? OE1 ? A GLN 147 OE1 
4 1 Y 1 A GLN 161 ? NE2 ? A GLN 147 NE2 
# 
loop_
_pdbx_unobs_or_zero_occ_residues.id 
_pdbx_unobs_or_zero_occ_residues.PDB_model_num 
_pdbx_unobs_or_zero_occ_residues.polymer_flag 
_pdbx_unobs_or_zero_occ_residues.occupancy_flag 
_pdbx_unobs_or_zero_occ_residues.auth_asym_id 
_pdbx_unobs_or_zero_occ_residues.auth_comp_id 
_pdbx_unobs_or_zero_occ_residues.auth_seq_id 
_pdbx_unobs_or_zero_occ_residues.PDB_ins_code 
_pdbx_unobs_or_zero_occ_residues.label_asym_id 
_pdbx_unobs_or_zero_occ_residues.label_comp_id 
_pdbx_unobs_or_zero_occ_residues.label_seq_id 
1  1 Y 1 A HIS 162 ? A HIS 148 
2  1 Y 1 A TYR 163 ? A TYR 149 
3  1 Y 1 A VAL 164 ? A VAL 150 
4  1 Y 1 A THR 165 ? A THR 151 
5  1 Y 1 A ARG 166 ? A ARG 152 
6  1 Y 1 A LEU 167 ? A LEU 153 
7  1 Y 1 A GLY 168 ? A GLY 154 
8  1 Y 1 A HIS 169 ? A HIS 155 
9  1 Y 1 A ARG 170 ? A ARG 156 
10 1 Y 1 A PHE 171 ? A PHE 157 
# 
loop_
_chem_comp_atom.comp_id 
_chem_comp_atom.atom_id 
_chem_comp_atom.type_symbol 
_chem_comp_atom.pdbx_aromatic_flag 
_chem_comp_atom.pdbx_stereo_config 
_chem_comp_atom.pdbx_ordinal 
ACT C    C N N 1   
ACT O    O N N 2   
ACT OXT  O N N 3   
ACT CH3  C N N 4   
ACT H1   H N N 5   
ACT H2   H N N 6   
ACT H3   H N N 7   
ALA N    N N N 8   
ALA CA   C N S 9   
ALA C    C N N 10  
ALA O    O N N 11  
ALA CB   C N N 12  
ALA OXT  O N N 13  
ALA H    H N N 14  
ALA H2   H N N 15  
ALA HA   H N N 16  
ALA HB1  H N N 17  
ALA HB2  H N N 18  
ALA HB3  H N N 19  
ALA HXT  H N N 20  
ARG N    N N N 21  
ARG CA   C N S 22  
ARG C    C N N 23  
ARG O    O N N 24  
ARG CB   C N N 25  
ARG CG   C N N 26  
ARG CD   C N N 27  
ARG NE   N N N 28  
ARG CZ   C N N 29  
ARG NH1  N N N 30  
ARG NH2  N N N 31  
ARG OXT  O N N 32  
ARG H    H N N 33  
ARG H2   H N N 34  
ARG HA   H N N 35  
ARG HB2  H N N 36  
ARG HB3  H N N 37  
ARG HG2  H N N 38  
ARG HG3  H N N 39  
ARG HD2  H N N 40  
ARG HD3  H N N 41  
ARG HE   H N N 42  
ARG HH11 H N N 43  
ARG HH12 H N N 44  
ARG HH21 H N N 45  
ARG HH22 H N N 46  
ARG HXT  H N N 47  
ASN N    N N N 48  
ASN CA   C N S 49  
ASN C    C N N 50  
ASN O    O N N 51  
ASN CB   C N N 52  
ASN CG   C N N 53  
ASN OD1  O N N 54  
ASN ND2  N N N 55  
ASN OXT  O N N 56  
ASN H    H N N 57  
ASN H2   H N N 58  
ASN HA   H N N 59  
ASN HB2  H N N 60  
ASN HB3  H N N 61  
ASN HD21 H N N 62  
ASN HD22 H N N 63  
ASN HXT  H N N 64  
ASP N    N N N 65  
ASP CA   C N S 66  
ASP C    C N N 67  
ASP O    O N N 68  
ASP CB   C N N 69  
ASP CG   C N N 70  
ASP OD1  O N N 71  
ASP OD2  O N N 72  
ASP OXT  O N N 73  
ASP H    H N N 74  
ASP H2   H N N 75  
ASP HA   H N N 76  
ASP HB2  H N N 77  
ASP HB3  H N N 78  
ASP HD2  H N N 79  
ASP HXT  H N N 80  
CSO N    N N N 81  
CSO CA   C N R 82  
CSO CB   C N N 83  
CSO SG   S N N 84  
CSO C    C N N 85  
CSO O    O N N 86  
CSO OXT  O N N 87  
CSO OD   O N N 88  
CSO H    H N N 89  
CSO H2   H N N 90  
CSO HA   H N N 91  
CSO HB2  H N N 92  
CSO HB3  H N N 93  
CSO HXT  H N N 94  
CSO HD   H N N 95  
CYS N    N N N 96  
CYS CA   C N R 97  
CYS C    C N N 98  
CYS O    O N N 99  
CYS CB   C N N 100 
CYS SG   S N N 101 
CYS OXT  O N N 102 
CYS H    H N N 103 
CYS H2   H N N 104 
CYS HA   H N N 105 
CYS HB2  H N N 106 
CYS HB3  H N N 107 
CYS HG   H N N 108 
CYS HXT  H N N 109 
DMS S    S N N 110 
DMS O    O N N 111 
DMS C1   C N N 112 
DMS C2   C N N 113 
DMS H11  H N N 114 
DMS H12  H N N 115 
DMS H13  H N N 116 
DMS H21  H N N 117 
DMS H22  H N N 118 
DMS H23  H N N 119 
GLN N    N N N 120 
GLN CA   C N S 121 
GLN C    C N N 122 
GLN O    O N N 123 
GLN CB   C N N 124 
GLN CG   C N N 125 
GLN CD   C N N 126 
GLN OE1  O N N 127 
GLN NE2  N N N 128 
GLN OXT  O N N 129 
GLN H    H N N 130 
GLN H2   H N N 131 
GLN HA   H N N 132 
GLN HB2  H N N 133 
GLN HB3  H N N 134 
GLN HG2  H N N 135 
GLN HG3  H N N 136 
GLN HE21 H N N 137 
GLN HE22 H N N 138 
GLN HXT  H N N 139 
GLU N    N N N 140 
GLU CA   C N S 141 
GLU C    C N N 142 
GLU O    O N N 143 
GLU CB   C N N 144 
GLU CG   C N N 145 
GLU CD   C N N 146 
GLU OE1  O N N 147 
GLU OE2  O N N 148 
GLU OXT  O N N 149 
GLU H    H N N 150 
GLU H2   H N N 151 
GLU HA   H N N 152 
GLU HB2  H N N 153 
GLU HB3  H N N 154 
GLU HG2  H N N 155 
GLU HG3  H N N 156 
GLU HE2  H N N 157 
GLU HXT  H N N 158 
GLY N    N N N 159 
GLY CA   C N N 160 
GLY C    C N N 161 
GLY O    O N N 162 
GLY OXT  O N N 163 
GLY H    H N N 164 
GLY H2   H N N 165 
GLY HA2  H N N 166 
GLY HA3  H N N 167 
GLY HXT  H N N 168 
H2Y N1   N N N 169 
H2Y C4   C Y N 170 
H2Y C5   C Y N 171 
H2Y C6   C N N 172 
H2Y C7   C N N 173 
H2Y C8   C Y N 174 
H2Y C10  C Y N 175 
H2Y C13  C Y N 176 
H2Y C1   C N N 177 
H2Y O1   O N N 178 
H2Y C2   C Y N 179 
H2Y C3   C Y N 180 
H2Y C9   C Y N 181 
H2Y C11  C Y N 182 
H2Y N2   N Y N 183 
H2Y C12  C Y N 184 
H2Y O2   O N N 185 
H2Y C14  C Y N 186 
H2Y H1   H N N 187 
H2Y H2   H N N 188 
H2Y H3   H N N 189 
H2Y H4   H N N 190 
H2Y H5   H N N 191 
H2Y H6   H N N 192 
H2Y H7   H N N 193 
H2Y H8   H N N 194 
H2Y H9   H N N 195 
H2Y H10  H N N 196 
H2Y H11  H N N 197 
H2Y H12  H N N 198 
H2Y H13  H N N 199 
H2Y H14  H N N 200 
HIS N    N N N 201 
HIS CA   C N S 202 
HIS C    C N N 203 
HIS O    O N N 204 
HIS CB   C N N 205 
HIS CG   C Y N 206 
HIS ND1  N Y N 207 
HIS CD2  C Y N 208 
HIS CE1  C Y N 209 
HIS NE2  N Y N 210 
HIS OXT  O N N 211 
HIS H    H N N 212 
HIS H2   H N N 213 
HIS HA   H N N 214 
HIS HB2  H N N 215 
HIS HB3  H N N 216 
HIS HD1  H N N 217 
HIS HD2  H N N 218 
HIS HE1  H N N 219 
HIS HE2  H N N 220 
HIS HXT  H N N 221 
HOH O    O N N 222 
HOH H1   H N N 223 
HOH H2   H N N 224 
HYP N    N N N 225 
HYP CA   C N S 226 
HYP C    C N N 227 
HYP O    O N N 228 
HYP CB   C N N 229 
HYP CG   C N R 230 
HYP CD   C N N 231 
HYP OD1  O N N 232 
HYP OXT  O N N 233 
HYP H    H N N 234 
HYP HA   H N N 235 
HYP HB2  H N N 236 
HYP HB3  H N N 237 
HYP HG   H N N 238 
HYP HD22 H N N 239 
HYP HD23 H N N 240 
HYP HD1  H N N 241 
HYP HXT  H N N 242 
ILE N    N N N 243 
ILE CA   C N S 244 
ILE C    C N N 245 
ILE O    O N N 246 
ILE CB   C N S 247 
ILE CG1  C N N 248 
ILE CG2  C N N 249 
ILE CD1  C N N 250 
ILE OXT  O N N 251 
ILE H    H N N 252 
ILE H2   H N N 253 
ILE HA   H N N 254 
ILE HB   H N N 255 
ILE HG12 H N N 256 
ILE HG13 H N N 257 
ILE HG21 H N N 258 
ILE HG22 H N N 259 
ILE HG23 H N N 260 
ILE HD11 H N N 261 
ILE HD12 H N N 262 
ILE HD13 H N N 263 
ILE HXT  H N N 264 
LEU N    N N N 265 
LEU CA   C N S 266 
LEU C    C N N 267 
LEU O    O N N 268 
LEU CB   C N N 269 
LEU CG   C N N 270 
LEU CD1  C N N 271 
LEU CD2  C N N 272 
LEU OXT  O N N 273 
LEU H    H N N 274 
LEU H2   H N N 275 
LEU HA   H N N 276 
LEU HB2  H N N 277 
LEU HB3  H N N 278 
LEU HG   H N N 279 
LEU HD11 H N N 280 
LEU HD12 H N N 281 
LEU HD13 H N N 282 
LEU HD21 H N N 283 
LEU HD22 H N N 284 
LEU HD23 H N N 285 
LEU HXT  H N N 286 
LYS N    N N N 287 
LYS CA   C N S 288 
LYS C    C N N 289 
LYS O    O N N 290 
LYS CB   C N N 291 
LYS CG   C N N 292 
LYS CD   C N N 293 
LYS CE   C N N 294 
LYS NZ   N N N 295 
LYS OXT  O N N 296 
LYS H    H N N 297 
LYS H2   H N N 298 
LYS HA   H N N 299 
LYS HB2  H N N 300 
LYS HB3  H N N 301 
LYS HG2  H N N 302 
LYS HG3  H N N 303 
LYS HD2  H N N 304 
LYS HD3  H N N 305 
LYS HE2  H N N 306 
LYS HE3  H N N 307 
LYS HZ1  H N N 308 
LYS HZ2  H N N 309 
LYS HZ3  H N N 310 
LYS HXT  H N N 311 
MET N    N N N 312 
MET CA   C N S 313 
MET C    C N N 314 
MET O    O N N 315 
MET CB   C N N 316 
MET CG   C N N 317 
MET SD   S N N 318 
MET CE   C N N 319 
MET OXT  O N N 320 
MET H    H N N 321 
MET H2   H N N 322 
MET HA   H N N 323 
MET HB2  H N N 324 
MET HB3  H N N 325 
MET HG2  H N N 326 
MET HG3  H N N 327 
MET HE1  H N N 328 
MET HE2  H N N 329 
MET HE3  H N N 330 
MET HXT  H N N 331 
PHE N    N N N 332 
PHE CA   C N S 333 
PHE C    C N N 334 
PHE O    O N N 335 
PHE CB   C N N 336 
PHE CG   C Y N 337 
PHE CD1  C Y N 338 
PHE CD2  C Y N 339 
PHE CE1  C Y N 340 
PHE CE2  C Y N 341 
PHE CZ   C Y N 342 
PHE OXT  O N N 343 
PHE H    H N N 344 
PHE H2   H N N 345 
PHE HA   H N N 346 
PHE HB2  H N N 347 
PHE HB3  H N N 348 
PHE HD1  H N N 349 
PHE HD2  H N N 350 
PHE HE1  H N N 351 
PHE HE2  H N N 352 
PHE HZ   H N N 353 
PHE HXT  H N N 354 
PRO N    N N N 355 
PRO CA   C N S 356 
PRO C    C N N 357 
PRO O    O N N 358 
PRO CB   C N N 359 
PRO CG   C N N 360 
PRO CD   C N N 361 
PRO OXT  O N N 362 
PRO H    H N N 363 
PRO HA   H N N 364 
PRO HB2  H N N 365 
PRO HB3  H N N 366 
PRO HG2  H N N 367 
PRO HG3  H N N 368 
PRO HD2  H N N 369 
PRO HD3  H N N 370 
PRO HXT  H N N 371 
SER N    N N N 372 
SER CA   C N S 373 
SER C    C N N 374 
SER O    O N N 375 
SER CB   C N N 376 
SER OG   O N N 377 
SER OXT  O N N 378 
SER H    H N N 379 
SER H2   H N N 380 
SER HA   H N N 381 
SER HB2  H N N 382 
SER HB3  H N N 383 
SER HG   H N N 384 
SER HXT  H N N 385 
THR N    N N N 386 
THR CA   C N S 387 
THR C    C N N 388 
THR O    O N N 389 
THR CB   C N R 390 
THR OG1  O N N 391 
THR CG2  C N N 392 
THR OXT  O N N 393 
THR H    H N N 394 
THR H2   H N N 395 
THR HA   H N N 396 
THR HB   H N N 397 
THR HG1  H N N 398 
THR HG21 H N N 399 
THR HG22 H N N 400 
THR HG23 H N N 401 
THR HXT  H N N 402 
TYR N    N N N 403 
TYR CA   C N S 404 
TYR C    C N N 405 
TYR O    O N N 406 
TYR CB   C N N 407 
TYR CG   C Y N 408 
TYR CD1  C Y N 409 
TYR CD2  C Y N 410 
TYR CE1  C Y N 411 
TYR CE2  C Y N 412 
TYR CZ   C Y N 413 
TYR OH   O N N 414 
TYR OXT  O N N 415 
TYR H    H N N 416 
TYR H2   H N N 417 
TYR HA   H N N 418 
TYR HB2  H N N 419 
TYR HB3  H N N 420 
TYR HD1  H N N 421 
TYR HD2  H N N 422 
TYR HE1  H N N 423 
TYR HE2  H N N 424 
TYR HH   H N N 425 
TYR HXT  H N N 426 
VAL N    N N N 427 
VAL CA   C N S 428 
VAL C    C N N 429 
VAL O    O N N 430 
VAL CB   C N N 431 
VAL CG1  C N N 432 
VAL CG2  C N N 433 
VAL OXT  O N N 434 
VAL H    H N N 435 
VAL H2   H N N 436 
VAL HA   H N N 437 
VAL HB   H N N 438 
VAL HG11 H N N 439 
VAL HG12 H N N 440 
VAL HG13 H N N 441 
VAL HG21 H N N 442 
VAL HG22 H N N 443 
VAL HG23 H N N 444 
VAL HXT  H N N 445 
# 
loop_
_chem_comp_bond.comp_id 
_chem_comp_bond.atom_id_1 
_chem_comp_bond.atom_id_2 
_chem_comp_bond.value_order 
_chem_comp_bond.pdbx_aromatic_flag 
_chem_comp_bond.pdbx_stereo_config 
_chem_comp_bond.pdbx_ordinal 
ACT C   O    doub N N 1   
ACT C   OXT  sing N N 2   
ACT C   CH3  sing N N 3   
ACT CH3 H1   sing N N 4   
ACT CH3 H2   sing N N 5   
ACT CH3 H3   sing N N 6   
ALA N   CA   sing N N 7   
ALA N   H    sing N N 8   
ALA N   H2   sing N N 9   
ALA CA  C    sing N N 10  
ALA CA  CB   sing N N 11  
ALA CA  HA   sing N N 12  
ALA C   O    doub N N 13  
ALA C   OXT  sing N N 14  
ALA CB  HB1  sing N N 15  
ALA CB  HB2  sing N N 16  
ALA CB  HB3  sing N N 17  
ALA OXT HXT  sing N N 18  
ARG N   CA   sing N N 19  
ARG N   H    sing N N 20  
ARG N   H2   sing N N 21  
ARG CA  C    sing N N 22  
ARG CA  CB   sing N N 23  
ARG CA  HA   sing N N 24  
ARG C   O    doub N N 25  
ARG C   OXT  sing N N 26  
ARG CB  CG   sing N N 27  
ARG CB  HB2  sing N N 28  
ARG CB  HB3  sing N N 29  
ARG CG  CD   sing N N 30  
ARG CG  HG2  sing N N 31  
ARG CG  HG3  sing N N 32  
ARG CD  NE   sing N N 33  
ARG CD  HD2  sing N N 34  
ARG CD  HD3  sing N N 35  
ARG NE  CZ   sing N N 36  
ARG NE  HE   sing N N 37  
ARG CZ  NH1  sing N N 38  
ARG CZ  NH2  doub N N 39  
ARG NH1 HH11 sing N N 40  
ARG NH1 HH12 sing N N 41  
ARG NH2 HH21 sing N N 42  
ARG NH2 HH22 sing N N 43  
ARG OXT HXT  sing N N 44  
ASN N   CA   sing N N 45  
ASN N   H    sing N N 46  
ASN N   H2   sing N N 47  
ASN CA  C    sing N N 48  
ASN CA  CB   sing N N 49  
ASN CA  HA   sing N N 50  
ASN C   O    doub N N 51  
ASN C   OXT  sing N N 52  
ASN CB  CG   sing N N 53  
ASN CB  HB2  sing N N 54  
ASN CB  HB3  sing N N 55  
ASN CG  OD1  doub N N 56  
ASN CG  ND2  sing N N 57  
ASN ND2 HD21 sing N N 58  
ASN ND2 HD22 sing N N 59  
ASN OXT HXT  sing N N 60  
ASP N   CA   sing N N 61  
ASP N   H    sing N N 62  
ASP N   H2   sing N N 63  
ASP CA  C    sing N N 64  
ASP CA  CB   sing N N 65  
ASP CA  HA   sing N N 66  
ASP C   O    doub N N 67  
ASP C   OXT  sing N N 68  
ASP CB  CG   sing N N 69  
ASP CB  HB2  sing N N 70  
ASP CB  HB3  sing N N 71  
ASP CG  OD1  doub N N 72  
ASP CG  OD2  sing N N 73  
ASP OD2 HD2  sing N N 74  
ASP OXT HXT  sing N N 75  
CSO N   CA   sing N N 76  
CSO N   H    sing N N 77  
CSO N   H2   sing N N 78  
CSO CA  CB   sing N N 79  
CSO CA  C    sing N N 80  
CSO CA  HA   sing N N 81  
CSO CB  SG   sing N N 82  
CSO CB  HB2  sing N N 83  
CSO CB  HB3  sing N N 84  
CSO SG  OD   sing N N 85  
CSO C   O    doub N N 86  
CSO C   OXT  sing N N 87  
CSO OXT HXT  sing N N 88  
CSO OD  HD   sing N N 89  
CYS N   CA   sing N N 90  
CYS N   H    sing N N 91  
CYS N   H2   sing N N 92  
CYS CA  C    sing N N 93  
CYS CA  CB   sing N N 94  
CYS CA  HA   sing N N 95  
CYS C   O    doub N N 96  
CYS C   OXT  sing N N 97  
CYS CB  SG   sing N N 98  
CYS CB  HB2  sing N N 99  
CYS CB  HB3  sing N N 100 
CYS SG  HG   sing N N 101 
CYS OXT HXT  sing N N 102 
DMS S   O    doub N N 103 
DMS S   C1   sing N N 104 
DMS S   C2   sing N N 105 
DMS C1  H11  sing N N 106 
DMS C1  H12  sing N N 107 
DMS C1  H13  sing N N 108 
DMS C2  H21  sing N N 109 
DMS C2  H22  sing N N 110 
DMS C2  H23  sing N N 111 
GLN N   CA   sing N N 112 
GLN N   H    sing N N 113 
GLN N   H2   sing N N 114 
GLN CA  C    sing N N 115 
GLN CA  CB   sing N N 116 
GLN CA  HA   sing N N 117 
GLN C   O    doub N N 118 
GLN C   OXT  sing N N 119 
GLN CB  CG   sing N N 120 
GLN CB  HB2  sing N N 121 
GLN CB  HB3  sing N N 122 
GLN CG  CD   sing N N 123 
GLN CG  HG2  sing N N 124 
GLN CG  HG3  sing N N 125 
GLN CD  OE1  doub N N 126 
GLN CD  NE2  sing N N 127 
GLN NE2 HE21 sing N N 128 
GLN NE2 HE22 sing N N 129 
GLN OXT HXT  sing N N 130 
GLU N   CA   sing N N 131 
GLU N   H    sing N N 132 
GLU N   H2   sing N N 133 
GLU CA  C    sing N N 134 
GLU CA  CB   sing N N 135 
GLU CA  HA   sing N N 136 
GLU C   O    doub N N 137 
GLU C   OXT  sing N N 138 
GLU CB  CG   sing N N 139 
GLU CB  HB2  sing N N 140 
GLU CB  HB3  sing N N 141 
GLU CG  CD   sing N N 142 
GLU CG  HG2  sing N N 143 
GLU CG  HG3  sing N N 144 
GLU CD  OE1  doub N N 145 
GLU CD  OE2  sing N N 146 
GLU OE2 HE2  sing N N 147 
GLU OXT HXT  sing N N 148 
GLY N   CA   sing N N 149 
GLY N   H    sing N N 150 
GLY N   H2   sing N N 151 
GLY CA  C    sing N N 152 
GLY CA  HA2  sing N N 153 
GLY CA  HA3  sing N N 154 
GLY C   O    doub N N 155 
GLY C   OXT  sing N N 156 
GLY OXT HXT  sing N N 157 
H2Y C10 C9   doub Y N 158 
H2Y C10 C11  sing Y N 159 
H2Y C9  C8   sing Y N 160 
H2Y O2  C7   doub N N 161 
H2Y C1  O1   sing N N 162 
H2Y C14 C13  doub Y N 163 
H2Y C14 C2   sing Y N 164 
H2Y C13 C5   sing Y N 165 
H2Y C11 N2   doub Y N 166 
H2Y C7  N1   sing N N 167 
H2Y C7  C6   sing N N 168 
H2Y C8  N1   sing N N 169 
H2Y C8  C12  doub Y N 170 
H2Y O1  C2   sing N N 171 
H2Y C2  C3   doub Y N 172 
H2Y C5  C6   sing N N 173 
H2Y C5  C4   doub Y N 174 
H2Y N2  C12  sing Y N 175 
H2Y C3  C4   sing Y N 176 
H2Y N1  H1   sing N N 177 
H2Y C4  H2   sing N N 178 
H2Y C6  H3   sing N N 179 
H2Y C6  H4   sing N N 180 
H2Y C10 H5   sing N N 181 
H2Y C13 H6   sing N N 182 
H2Y C1  H7   sing N N 183 
H2Y C1  H8   sing N N 184 
H2Y C1  H9   sing N N 185 
H2Y C3  H10  sing N N 186 
H2Y C9  H11  sing N N 187 
H2Y C11 H12  sing N N 188 
H2Y C12 H13  sing N N 189 
H2Y C14 H14  sing N N 190 
HIS N   CA   sing N N 191 
HIS N   H    sing N N 192 
HIS N   H2   sing N N 193 
HIS CA  C    sing N N 194 
HIS CA  CB   sing N N 195 
HIS CA  HA   sing N N 196 
HIS C   O    doub N N 197 
HIS C   OXT  sing N N 198 
HIS CB  CG   sing N N 199 
HIS CB  HB2  sing N N 200 
HIS CB  HB3  sing N N 201 
HIS CG  ND1  sing Y N 202 
HIS CG  CD2  doub Y N 203 
HIS ND1 CE1  doub Y N 204 
HIS ND1 HD1  sing N N 205 
HIS CD2 NE2  sing Y N 206 
HIS CD2 HD2  sing N N 207 
HIS CE1 NE2  sing Y N 208 
HIS CE1 HE1  sing N N 209 
HIS NE2 HE2  sing N N 210 
HIS OXT HXT  sing N N 211 
HOH O   H1   sing N N 212 
HOH O   H2   sing N N 213 
HYP N   CA   sing N N 214 
HYP N   CD   sing N N 215 
HYP N   H    sing N N 216 
HYP CA  C    sing N N 217 
HYP CA  CB   sing N N 218 
HYP CA  HA   sing N N 219 
HYP C   O    doub N N 220 
HYP C   OXT  sing N N 221 
HYP CB  CG   sing N N 222 
HYP CB  HB2  sing N N 223 
HYP CB  HB3  sing N N 224 
HYP CG  CD   sing N N 225 
HYP CG  OD1  sing N N 226 
HYP CG  HG   sing N N 227 
HYP CD  HD22 sing N N 228 
HYP CD  HD23 sing N N 229 
HYP OD1 HD1  sing N N 230 
HYP OXT HXT  sing N N 231 
ILE N   CA   sing N N 232 
ILE N   H    sing N N 233 
ILE N   H2   sing N N 234 
ILE CA  C    sing N N 235 
ILE CA  CB   sing N N 236 
ILE CA  HA   sing N N 237 
ILE C   O    doub N N 238 
ILE C   OXT  sing N N 239 
ILE CB  CG1  sing N N 240 
ILE CB  CG2  sing N N 241 
ILE CB  HB   sing N N 242 
ILE CG1 CD1  sing N N 243 
ILE CG1 HG12 sing N N 244 
ILE CG1 HG13 sing N N 245 
ILE CG2 HG21 sing N N 246 
ILE CG2 HG22 sing N N 247 
ILE CG2 HG23 sing N N 248 
ILE CD1 HD11 sing N N 249 
ILE CD1 HD12 sing N N 250 
ILE CD1 HD13 sing N N 251 
ILE OXT HXT  sing N N 252 
LEU N   CA   sing N N 253 
LEU N   H    sing N N 254 
LEU N   H2   sing N N 255 
LEU CA  C    sing N N 256 
LEU CA  CB   sing N N 257 
LEU CA  HA   sing N N 258 
LEU C   O    doub N N 259 
LEU C   OXT  sing N N 260 
LEU CB  CG   sing N N 261 
LEU CB  HB2  sing N N 262 
LEU CB  HB3  sing N N 263 
LEU CG  CD1  sing N N 264 
LEU CG  CD2  sing N N 265 
LEU CG  HG   sing N N 266 
LEU CD1 HD11 sing N N 267 
LEU CD1 HD12 sing N N 268 
LEU CD1 HD13 sing N N 269 
LEU CD2 HD21 sing N N 270 
LEU CD2 HD22 sing N N 271 
LEU CD2 HD23 sing N N 272 
LEU OXT HXT  sing N N 273 
LYS N   CA   sing N N 274 
LYS N   H    sing N N 275 
LYS N   H2   sing N N 276 
LYS CA  C    sing N N 277 
LYS CA  CB   sing N N 278 
LYS CA  HA   sing N N 279 
LYS C   O    doub N N 280 
LYS C   OXT  sing N N 281 
LYS CB  CG   sing N N 282 
LYS CB  HB2  sing N N 283 
LYS CB  HB3  sing N N 284 
LYS CG  CD   sing N N 285 
LYS CG  HG2  sing N N 286 
LYS CG  HG3  sing N N 287 
LYS CD  CE   sing N N 288 
LYS CD  HD2  sing N N 289 
LYS CD  HD3  sing N N 290 
LYS CE  NZ   sing N N 291 
LYS CE  HE2  sing N N 292 
LYS CE  HE3  sing N N 293 
LYS NZ  HZ1  sing N N 294 
LYS NZ  HZ2  sing N N 295 
LYS NZ  HZ3  sing N N 296 
LYS OXT HXT  sing N N 297 
MET N   CA   sing N N 298 
MET N   H    sing N N 299 
MET N   H2   sing N N 300 
MET CA  C    sing N N 301 
MET CA  CB   sing N N 302 
MET CA  HA   sing N N 303 
MET C   O    doub N N 304 
MET C   OXT  sing N N 305 
MET CB  CG   sing N N 306 
MET CB  HB2  sing N N 307 
MET CB  HB3  sing N N 308 
MET CG  SD   sing N N 309 
MET CG  HG2  sing N N 310 
MET CG  HG3  sing N N 311 
MET SD  CE   sing N N 312 
MET CE  HE1  sing N N 313 
MET CE  HE2  sing N N 314 
MET CE  HE3  sing N N 315 
MET OXT HXT  sing N N 316 
PHE N   CA   sing N N 317 
PHE N   H    sing N N 318 
PHE N   H2   sing N N 319 
PHE CA  C    sing N N 320 
PHE CA  CB   sing N N 321 
PHE CA  HA   sing N N 322 
PHE C   O    doub N N 323 
PHE C   OXT  sing N N 324 
PHE CB  CG   sing N N 325 
PHE CB  HB2  sing N N 326 
PHE CB  HB3  sing N N 327 
PHE CG  CD1  doub Y N 328 
PHE CG  CD2  sing Y N 329 
PHE CD1 CE1  sing Y N 330 
PHE CD1 HD1  sing N N 331 
PHE CD2 CE2  doub Y N 332 
PHE CD2 HD2  sing N N 333 
PHE CE1 CZ   doub Y N 334 
PHE CE1 HE1  sing N N 335 
PHE CE2 CZ   sing Y N 336 
PHE CE2 HE2  sing N N 337 
PHE CZ  HZ   sing N N 338 
PHE OXT HXT  sing N N 339 
PRO N   CA   sing N N 340 
PRO N   CD   sing N N 341 
PRO N   H    sing N N 342 
PRO CA  C    sing N N 343 
PRO CA  CB   sing N N 344 
PRO CA  HA   sing N N 345 
PRO C   O    doub N N 346 
PRO C   OXT  sing N N 347 
PRO CB  CG   sing N N 348 
PRO CB  HB2  sing N N 349 
PRO CB  HB3  sing N N 350 
PRO CG  CD   sing N N 351 
PRO CG  HG2  sing N N 352 
PRO CG  HG3  sing N N 353 
PRO CD  HD2  sing N N 354 
PRO CD  HD3  sing N N 355 
PRO OXT HXT  sing N N 356 
SER N   CA   sing N N 357 
SER N   H    sing N N 358 
SER N   H2   sing N N 359 
SER CA  C    sing N N 360 
SER CA  CB   sing N N 361 
SER CA  HA   sing N N 362 
SER C   O    doub N N 363 
SER C   OXT  sing N N 364 
SER CB  OG   sing N N 365 
SER CB  HB2  sing N N 366 
SER CB  HB3  sing N N 367 
SER OG  HG   sing N N 368 
SER OXT HXT  sing N N 369 
THR N   CA   sing N N 370 
THR N   H    sing N N 371 
THR N   H2   sing N N 372 
THR CA  C    sing N N 373 
THR CA  CB   sing N N 374 
THR CA  HA   sing N N 375 
THR C   O    doub N N 376 
THR C   OXT  sing N N 377 
THR CB  OG1  sing N N 378 
THR CB  CG2  sing N N 379 
THR CB  HB   sing N N 380 
THR OG1 HG1  sing N N 381 
THR CG2 HG21 sing N N 382 
THR CG2 HG22 sing N N 383 
THR CG2 HG23 sing N N 384 
THR OXT HXT  sing N N 385 
TYR N   CA   sing N N 386 
TYR N   H    sing N N 387 
TYR N   H2   sing N N 388 
TYR CA  C    sing N N 389 
TYR CA  CB   sing N N 390 
TYR CA  HA   sing N N 391 
TYR C   O    doub N N 392 
TYR C   OXT  sing N N 393 
TYR CB  CG   sing N N 394 
TYR CB  HB2  sing N N 395 
TYR CB  HB3  sing N N 396 
TYR CG  CD1  doub Y N 397 
TYR CG  CD2  sing Y N 398 
TYR CD1 CE1  sing Y N 399 
TYR CD1 HD1  sing N N 400 
TYR CD2 CE2  doub Y N 401 
TYR CD2 HD2  sing N N 402 
TYR CE1 CZ   doub Y N 403 
TYR CE1 HE1  sing N N 404 
TYR CE2 CZ   sing Y N 405 
TYR CE2 HE2  sing N N 406 
TYR CZ  OH   sing N N 407 
TYR OH  HH   sing N N 408 
TYR OXT HXT  sing N N 409 
VAL N   CA   sing N N 410 
VAL N   H    sing N N 411 
VAL N   H2   sing N N 412 
VAL CA  C    sing N N 413 
VAL CA  CB   sing N N 414 
VAL CA  HA   sing N N 415 
VAL C   O    doub N N 416 
VAL C   OXT  sing N N 417 
VAL CB  CG1  sing N N 418 
VAL CB  CG2  sing N N 419 
VAL CB  HB   sing N N 420 
VAL CG1 HG11 sing N N 421 
VAL CG1 HG12 sing N N 422 
VAL CG1 HG13 sing N N 423 
VAL CG2 HG21 sing N N 424 
VAL CG2 HG22 sing N N 425 
VAL CG2 HG23 sing N N 426 
VAL OXT HXT  sing N N 427 
# 
_pdbx_deposit_group.group_id            G_1002045 
_pdbx_deposit_group.group_description   
;human NUDT7 screened against the 3D-Fragment Consortium Library by X-ray Crystallography at the XChem facility of Diamond Light Source beamline I04-1
;
_pdbx_deposit_group.group_title         'PanDDA analysis group deposition of models with modelled events (e.g. bound ligands)' 
_pdbx_deposit_group.group_type          'changed state' 
# 
loop_
_pdbx_entity_nonpoly.entity_id 
_pdbx_entity_nonpoly.name 
_pdbx_entity_nonpoly.comp_id 
2 'ACETATE ION'                                   ACT 
3 'DIMETHYL SULFOXIDE'                            DMS 
4 '2-(4-methoxyphenyl)-N-(pyridin-3-yl)acetamide' H2Y 
5 water                                           HOH 
# 
_pdbx_related_exp_data_set.ordinal              1 
_pdbx_related_exp_data_set.data_reference       10.5281/zenodo.1244111 
_pdbx_related_exp_data_set.metadata_reference   10.5281/zenodo.1244111 
_pdbx_related_exp_data_set.data_set_type        'other data' 
_pdbx_related_exp_data_set.details              'Complete PanDDA analysis' 
# 
